data_7FVL
# 
_entry.id   7FVL 
# 
_audit_conform.dict_name       mmcif_pdbx.dic 
_audit_conform.dict_version    5.392 
_audit_conform.dict_location   http://mmcif.pdb.org/dictionaries/ascii/mmcif_pdbx.dic 
# 
loop_
_database_2.database_id 
_database_2.database_code 
_database_2.pdbx_database_accession 
_database_2.pdbx_DOI 
PDB   7FVL         pdb_00007fvl 10.2210/pdb7fvl/pdb 
WWPDB D_1001405402 ?            ?                   
# 
loop_
_pdbx_audit_revision_history.ordinal 
_pdbx_audit_revision_history.data_content_type 
_pdbx_audit_revision_history.major_revision 
_pdbx_audit_revision_history.minor_revision 
_pdbx_audit_revision_history.revision_date 
1 'Structure model' 1 0 2023-03-29 
2 'Structure model' 1 1 2024-05-22 
# 
_pdbx_audit_revision_details.ordinal             1 
_pdbx_audit_revision_details.revision_ordinal    1 
_pdbx_audit_revision_details.data_content_type   'Structure model' 
_pdbx_audit_revision_details.provider            repository 
_pdbx_audit_revision_details.type                'Initial release' 
_pdbx_audit_revision_details.description         ? 
_pdbx_audit_revision_details.details             ? 
# 
_pdbx_audit_revision_group.ordinal             1 
_pdbx_audit_revision_group.revision_ordinal    2 
_pdbx_audit_revision_group.data_content_type   'Structure model' 
_pdbx_audit_revision_group.group               'Data collection' 
# 
loop_
_pdbx_audit_revision_category.ordinal 
_pdbx_audit_revision_category.revision_ordinal 
_pdbx_audit_revision_category.data_content_type 
_pdbx_audit_revision_category.category 
1 2 'Structure model' chem_comp_atom 
2 2 'Structure model' chem_comp_bond 
# 
_pdbx_database_status.entry_id                        7FVL 
_pdbx_database_status.status_code                     REL 
_pdbx_database_status.status_code_sf                  REL 
_pdbx_database_status.status_code_mr                  ? 
_pdbx_database_status.status_code_cs                  ? 
_pdbx_database_status.recvd_initial_deposition_date   2023-03-09 
_pdbx_database_status.status_code_nmr_data            ? 
_pdbx_database_status.deposit_site                    RCSB 
_pdbx_database_status.process_site                    RCSB 
_pdbx_database_status.SG_entry                        ? 
_pdbx_database_status.pdb_format_compatible           Y 
_pdbx_database_status.methods_development_category    ? 
# 
_pdbx_contact_author.id                 1 
_pdbx_contact_author.email              frank.von-delft@diamond.ac.uk 
_pdbx_contact_author.name_first         Frank 
_pdbx_contact_author.name_last          'von Delft' 
_pdbx_contact_author.role               'principal investigator/group leader' 
_pdbx_contact_author.identifier_ORCID   0000-0003-0378-0017 
_pdbx_contact_author.name_mi            ? 
# 
loop_
_audit_author.name 
_audit_author.pdbx_ordinal 
'Grosjean, H.'   1 
'Tomlinson, C.'  2 
'Bradshaw, W.J.' 3 
'Koekemoer, L.'  4 
'Krojer, T.'     5 
'Fearon, D.'     6 
'Biggin, P.C.'   7 
'von Delft, F.'  8 
# 
_citation.id                        primary 
_citation.title                     'PanDDA analysis group deposition' 
_citation.journal_abbrev            'To Be Published' 
_citation.journal_volume            ? 
_citation.page_first                ? 
_citation.page_last                 ? 
_citation.year                      ? 
_citation.journal_id_ASTM           ? 
_citation.country                   ? 
_citation.journal_id_ISSN           ? 
_citation.journal_id_CSD            0353 
_citation.book_publisher            ? 
_citation.pdbx_database_id_PubMed   ? 
_citation.pdbx_database_id_DOI      ? 
# 
loop_
_citation_author.citation_id 
_citation_author.name 
_citation_author.identifier_ORCID 
_citation_author.ordinal 
primary 'Grosjean, H.'   ? 1 
primary 'Tomlinson, C.'  ? 2 
primary 'Bradshaw, W.J.' ? 3 
primary 'Koekemoer, L.'  ? 4 
primary 'Krojer, T.'     ? 5 
primary 'Fearon, D.'     ? 6 
primary 'Biggin, P.C.'   ? 7 
primary 'von Delft, F.'  ? 8 
# 
loop_
_entity.id 
_entity.type 
_entity.src_method 
_entity.pdbx_description 
_entity.formula_weight 
_entity.pdbx_number_of_molecules 
_entity.pdbx_ec 
_entity.pdbx_mutation 
_entity.pdbx_fragment 
_entity.details 
1 polymer     man 'PH-interacting protein'                                                                     17627.859 1   ? ? ? 
? 
2 non-polymer syn 'N-{[(2S)-5,5-dimethyl-1,4-dioxan-2-yl]methyl}-4-(3-hydroxybenzoyl)piperazine-1-carboxamide' 377.435   1   ? ? ? 
? 
3 water       nat water                                                                                        18.015    198 ? ? ? 
? 
# 
_entity_name_com.entity_id   1 
_entity_name_com.name        
'PHIP,DDB1- and CUL4-associated factor 14,IRS-1 PH domain-binding protein,WD repeat-containing protein 11' 
# 
_entity_poly.entity_id                      1 
_entity_poly.type                           'polypeptide(L)' 
_entity_poly.nstd_linkage                   no 
_entity_poly.nstd_monomer                   no 
_entity_poly.pdbx_seq_one_letter_code       
;MHHHHHHSSGVDLGTENLYFQSMSYDIQAWKKQCEELLNLIFQCEDSEPFRQPVDLLEYPDYRDIIDTPMDFATVRETLE
AGNYESPMELCKDVRLIFSNSKAYTPSKRSRIYSMSLRLSAFFEEHISSVLSDYKSALRFHKRNTITKR
;
_entity_poly.pdbx_seq_one_letter_code_can   
;MHHHHHHSSGVDLGTENLYFQSMSYDIQAWKKQCEELLNLIFQCEDSEPFRQPVDLLEYPDYRDIIDTPMDFATVRETLE
AGNYESPMELCKDVRLIFSNSKAYTPSKRSRIYSMSLRLSAFFEEHISSVLSDYKSALRFHKRNTITKR
;
_entity_poly.pdbx_strand_id                 A 
_entity_poly.pdbx_target_identifier         ? 
# 
loop_
_pdbx_entity_nonpoly.entity_id 
_pdbx_entity_nonpoly.name 
_pdbx_entity_nonpoly.comp_id 
2 'N-{[(2S)-5,5-dimethyl-1,4-dioxan-2-yl]methyl}-4-(3-hydroxybenzoyl)piperazine-1-carboxamide' ZP0 
3 water                                                                                        HOH 
# 
loop_
_entity_poly_seq.entity_id 
_entity_poly_seq.num 
_entity_poly_seq.mon_id 
_entity_poly_seq.hetero 
1 1   MET n 
1 2   HIS n 
1 3   HIS n 
1 4   HIS n 
1 5   HIS n 
1 6   HIS n 
1 7   HIS n 
1 8   SER n 
1 9   SER n 
1 10  GLY n 
1 11  VAL n 
1 12  ASP n 
1 13  LEU n 
1 14  GLY n 
1 15  THR n 
1 16  GLU n 
1 17  ASN n 
1 18  LEU n 
1 19  TYR n 
1 20  PHE n 
1 21  GLN n 
1 22  SER n 
1 23  MET n 
1 24  SER n 
1 25  TYR n 
1 26  ASP n 
1 27  ILE n 
1 28  GLN n 
1 29  ALA n 
1 30  TRP n 
1 31  LYS n 
1 32  LYS n 
1 33  GLN n 
1 34  CYS n 
1 35  GLU n 
1 36  GLU n 
1 37  LEU n 
1 38  LEU n 
1 39  ASN n 
1 40  LEU n 
1 41  ILE n 
1 42  PHE n 
1 43  GLN n 
1 44  CYS n 
1 45  GLU n 
1 46  ASP n 
1 47  SER n 
1 48  GLU n 
1 49  PRO n 
1 50  PHE n 
1 51  ARG n 
1 52  GLN n 
1 53  PRO n 
1 54  VAL n 
1 55  ASP n 
1 56  LEU n 
1 57  LEU n 
1 58  GLU n 
1 59  TYR n 
1 60  PRO n 
1 61  ASP n 
1 62  TYR n 
1 63  ARG n 
1 64  ASP n 
1 65  ILE n 
1 66  ILE n 
1 67  ASP n 
1 68  THR n 
1 69  PRO n 
1 70  MET n 
1 71  ASP n 
1 72  PHE n 
1 73  ALA n 
1 74  THR n 
1 75  VAL n 
1 76  ARG n 
1 77  GLU n 
1 78  THR n 
1 79  LEU n 
1 80  GLU n 
1 81  ALA n 
1 82  GLY n 
1 83  ASN n 
1 84  TYR n 
1 85  GLU n 
1 86  SER n 
1 87  PRO n 
1 88  MET n 
1 89  GLU n 
1 90  LEU n 
1 91  CYS n 
1 92  LYS n 
1 93  ASP n 
1 94  VAL n 
1 95  ARG n 
1 96  LEU n 
1 97  ILE n 
1 98  PHE n 
1 99  SER n 
1 100 ASN n 
1 101 SER n 
1 102 LYS n 
1 103 ALA n 
1 104 TYR n 
1 105 THR n 
1 106 PRO n 
1 107 SER n 
1 108 LYS n 
1 109 ARG n 
1 110 SER n 
1 111 ARG n 
1 112 ILE n 
1 113 TYR n 
1 114 SER n 
1 115 MET n 
1 116 SER n 
1 117 LEU n 
1 118 ARG n 
1 119 LEU n 
1 120 SER n 
1 121 ALA n 
1 122 PHE n 
1 123 PHE n 
1 124 GLU n 
1 125 GLU n 
1 126 HIS n 
1 127 ILE n 
1 128 SER n 
1 129 SER n 
1 130 VAL n 
1 131 LEU n 
1 132 SER n 
1 133 ASP n 
1 134 TYR n 
1 135 LYS n 
1 136 SER n 
1 137 ALA n 
1 138 LEU n 
1 139 ARG n 
1 140 PHE n 
1 141 HIS n 
1 142 LYS n 
1 143 ARG n 
1 144 ASN n 
1 145 THR n 
1 146 ILE n 
1 147 THR n 
1 148 LYS n 
1 149 ARG n 
# 
_entity_src_gen.entity_id                          1 
_entity_src_gen.pdbx_src_id                        1 
_entity_src_gen.pdbx_alt_source_flag               sample 
_entity_src_gen.pdbx_seq_type                      'Biological sequence' 
_entity_src_gen.pdbx_beg_seq_num                   1 
_entity_src_gen.pdbx_end_seq_num                   149 
_entity_src_gen.gene_src_common_name               human 
_entity_src_gen.gene_src_genus                     ? 
_entity_src_gen.pdbx_gene_src_gene                 'PHIP, DCAF14, WDR11' 
_entity_src_gen.gene_src_species                   ? 
_entity_src_gen.gene_src_strain                    ? 
_entity_src_gen.gene_src_tissue                    ? 
_entity_src_gen.gene_src_tissue_fraction           ? 
_entity_src_gen.gene_src_details                   ? 
_entity_src_gen.pdbx_gene_src_fragment             ? 
_entity_src_gen.pdbx_gene_src_scientific_name      'Homo sapiens' 
_entity_src_gen.pdbx_gene_src_ncbi_taxonomy_id     9606 
_entity_src_gen.pdbx_gene_src_variant              ? 
_entity_src_gen.pdbx_gene_src_cell_line            ? 
_entity_src_gen.pdbx_gene_src_atcc                 ? 
_entity_src_gen.pdbx_gene_src_organ                ? 
_entity_src_gen.pdbx_gene_src_organelle            ? 
_entity_src_gen.pdbx_gene_src_cell                 ? 
_entity_src_gen.pdbx_gene_src_cellular_location    ? 
_entity_src_gen.host_org_common_name               ? 
_entity_src_gen.pdbx_host_org_scientific_name      'Escherichia coli' 
_entity_src_gen.pdbx_host_org_ncbi_taxonomy_id     562 
_entity_src_gen.host_org_genus                     ? 
_entity_src_gen.pdbx_host_org_gene                 ? 
_entity_src_gen.pdbx_host_org_organ                ? 
_entity_src_gen.host_org_species                   ? 
_entity_src_gen.pdbx_host_org_tissue               ? 
_entity_src_gen.pdbx_host_org_tissue_fraction      ? 
_entity_src_gen.pdbx_host_org_strain               ? 
_entity_src_gen.pdbx_host_org_variant              ? 
_entity_src_gen.pdbx_host_org_cell_line            ? 
_entity_src_gen.pdbx_host_org_atcc                 ? 
_entity_src_gen.pdbx_host_org_culture_collection   ? 
_entity_src_gen.pdbx_host_org_cell                 ? 
_entity_src_gen.pdbx_host_org_organelle            ? 
_entity_src_gen.pdbx_host_org_cellular_location    ? 
_entity_src_gen.pdbx_host_org_vector_type          ? 
_entity_src_gen.pdbx_host_org_vector               ? 
_entity_src_gen.host_org_details                   ? 
_entity_src_gen.expression_system_id               ? 
_entity_src_gen.plasmid_name                       ? 
_entity_src_gen.plasmid_details                    ? 
_entity_src_gen.pdbx_description                   ? 
# 
loop_
_chem_comp.id 
_chem_comp.type 
_chem_comp.mon_nstd_flag 
_chem_comp.name 
_chem_comp.pdbx_synonyms 
_chem_comp.formula 
_chem_comp.formula_weight 
ALA 'L-peptide linking' y ALANINE                                                                                      ? 
'C3 H7 N O2'     89.093  
ARG 'L-peptide linking' y ARGININE                                                                                     ? 
'C6 H15 N4 O2 1' 175.209 
ASN 'L-peptide linking' y ASPARAGINE                                                                                   ? 
'C4 H8 N2 O3'    132.118 
ASP 'L-peptide linking' y 'ASPARTIC ACID'                                                                              ? 
'C4 H7 N O4'     133.103 
CYS 'L-peptide linking' y CYSTEINE                                                                                     ? 
'C3 H7 N O2 S'   121.158 
GLN 'L-peptide linking' y GLUTAMINE                                                                                    ? 
'C5 H10 N2 O3'   146.144 
GLU 'L-peptide linking' y 'GLUTAMIC ACID'                                                                              ? 
'C5 H9 N O4'     147.129 
GLY 'peptide linking'   y GLYCINE                                                                                      ? 
'C2 H5 N O2'     75.067  
HIS 'L-peptide linking' y HISTIDINE                                                                                    ? 
'C6 H10 N3 O2 1' 156.162 
HOH non-polymer         . WATER                                                                                        ? 'H2 O' 
18.015  
ILE 'L-peptide linking' y ISOLEUCINE                                                                                   ? 
'C6 H13 N O2'    131.173 
LEU 'L-peptide linking' y LEUCINE                                                                                      ? 
'C6 H13 N O2'    131.173 
LYS 'L-peptide linking' y LYSINE                                                                                       ? 
'C6 H15 N2 O2 1' 147.195 
MET 'L-peptide linking' y METHIONINE                                                                                   ? 
'C5 H11 N O2 S'  149.211 
PHE 'L-peptide linking' y PHENYLALANINE                                                                                ? 
'C9 H11 N O2'    165.189 
PRO 'L-peptide linking' y PROLINE                                                                                      ? 
'C5 H9 N O2'     115.130 
SER 'L-peptide linking' y SERINE                                                                                       ? 
'C3 H7 N O3'     105.093 
THR 'L-peptide linking' y THREONINE                                                                                    ? 
'C4 H9 N O3'     119.119 
TRP 'L-peptide linking' y TRYPTOPHAN                                                                                   ? 
'C11 H12 N2 O2'  204.225 
TYR 'L-peptide linking' y TYROSINE                                                                                     ? 
'C9 H11 N O3'    181.189 
VAL 'L-peptide linking' y VALINE                                                                                       ? 
'C5 H11 N O2'    117.146 
ZP0 non-polymer         . 'N-{[(2S)-5,5-dimethyl-1,4-dioxan-2-yl]methyl}-4-(3-hydroxybenzoyl)piperazine-1-carboxamide' ? 
'C19 H27 N3 O5'  377.435 
# 
loop_
_pdbx_poly_seq_scheme.asym_id 
_pdbx_poly_seq_scheme.entity_id 
_pdbx_poly_seq_scheme.seq_id 
_pdbx_poly_seq_scheme.mon_id 
_pdbx_poly_seq_scheme.ndb_seq_num 
_pdbx_poly_seq_scheme.pdb_seq_num 
_pdbx_poly_seq_scheme.auth_seq_num 
_pdbx_poly_seq_scheme.pdb_mon_id 
_pdbx_poly_seq_scheme.auth_mon_id 
_pdbx_poly_seq_scheme.pdb_strand_id 
_pdbx_poly_seq_scheme.pdb_ins_code 
_pdbx_poly_seq_scheme.hetero 
A 1 1   MET 1   1292 ?    ?   ?   A . n 
A 1 2   HIS 2   1293 ?    ?   ?   A . n 
A 1 3   HIS 3   1294 ?    ?   ?   A . n 
A 1 4   HIS 4   1295 ?    ?   ?   A . n 
A 1 5   HIS 5   1296 ?    ?   ?   A . n 
A 1 6   HIS 6   1297 ?    ?   ?   A . n 
A 1 7   HIS 7   1298 ?    ?   ?   A . n 
A 1 8   SER 8   1299 ?    ?   ?   A . n 
A 1 9   SER 9   1300 ?    ?   ?   A . n 
A 1 10  GLY 10  1301 ?    ?   ?   A . n 
A 1 11  VAL 11  1302 ?    ?   ?   A . n 
A 1 12  ASP 12  1303 ?    ?   ?   A . n 
A 1 13  LEU 13  1304 ?    ?   ?   A . n 
A 1 14  GLY 14  1305 ?    ?   ?   A . n 
A 1 15  THR 15  1306 ?    ?   ?   A . n 
A 1 16  GLU 16  1307 ?    ?   ?   A . n 
A 1 17  ASN 17  1308 ?    ?   ?   A . n 
A 1 18  LEU 18  1309 ?    ?   ?   A . n 
A 1 19  TYR 19  1310 ?    ?   ?   A . n 
A 1 20  PHE 20  1311 ?    ?   ?   A . n 
A 1 21  GLN 21  1312 ?    ?   ?   A . n 
A 1 22  SER 22  1313 ?    ?   ?   A . n 
A 1 23  MET 23  1314 ?    ?   ?   A . n 
A 1 24  SER 24  1315 1315 SER SER A . n 
A 1 25  TYR 25  1316 1316 TYR TYR A . n 
A 1 26  ASP 26  1317 1317 ASP ASP A . n 
A 1 27  ILE 27  1318 1318 ILE ILE A . n 
A 1 28  GLN 28  1319 1319 GLN GLN A . n 
A 1 29  ALA 29  1320 1320 ALA ALA A . n 
A 1 30  TRP 30  1321 1321 TRP TRP A . n 
A 1 31  LYS 31  1322 1322 LYS LYS A . n 
A 1 32  LYS 32  1323 1323 LYS LYS A . n 
A 1 33  GLN 33  1324 1324 GLN GLN A . n 
A 1 34  CYS 34  1325 1325 CYS CYS A . n 
A 1 35  GLU 35  1326 1326 GLU GLU A . n 
A 1 36  GLU 36  1327 1327 GLU GLU A . n 
A 1 37  LEU 37  1328 1328 LEU LEU A . n 
A 1 38  LEU 38  1329 1329 LEU LEU A . n 
A 1 39  ASN 39  1330 1330 ASN ASN A . n 
A 1 40  LEU 40  1331 1331 LEU LEU A . n 
A 1 41  ILE 41  1332 1332 ILE ILE A . n 
A 1 42  PHE 42  1333 1333 PHE PHE A . n 
A 1 43  GLN 43  1334 1334 GLN GLN A . n 
A 1 44  CYS 44  1335 1335 CYS CYS A . n 
A 1 45  GLU 45  1336 1336 GLU GLU A . n 
A 1 46  ASP 46  1337 1337 ASP ASP A . n 
A 1 47  SER 47  1338 1338 SER SER A . n 
A 1 48  GLU 48  1339 1339 GLU GLU A . n 
A 1 49  PRO 49  1340 1340 PRO PRO A . n 
A 1 50  PHE 50  1341 1341 PHE PHE A . n 
A 1 51  ARG 51  1342 1342 ARG ARG A . n 
A 1 52  GLN 52  1343 1343 GLN GLN A . n 
A 1 53  PRO 53  1344 1344 PRO PRO A . n 
A 1 54  VAL 54  1345 1345 VAL VAL A . n 
A 1 55  ASP 55  1346 1346 ASP ASP A . n 
A 1 56  LEU 56  1347 1347 LEU LEU A . n 
A 1 57  LEU 57  1348 1348 LEU LEU A . n 
A 1 58  GLU 58  1349 1349 GLU GLU A . n 
A 1 59  TYR 59  1350 1350 TYR TYR A . n 
A 1 60  PRO 60  1351 1351 PRO PRO A . n 
A 1 61  ASP 61  1352 1352 ASP ASP A . n 
A 1 62  TYR 62  1353 1353 TYR TYR A . n 
A 1 63  ARG 63  1354 1354 ARG ARG A . n 
A 1 64  ASP 64  1355 1355 ASP ASP A . n 
A 1 65  ILE 65  1356 1356 ILE ILE A . n 
A 1 66  ILE 66  1357 1357 ILE ILE A . n 
A 1 67  ASP 67  1358 1358 ASP ASP A . n 
A 1 68  THR 68  1359 1359 THR THR A . n 
A 1 69  PRO 69  1360 1360 PRO PRO A . n 
A 1 70  MET 70  1361 1361 MET MET A . n 
A 1 71  ASP 71  1362 1362 ASP ASP A . n 
A 1 72  PHE 72  1363 1363 PHE PHE A . n 
A 1 73  ALA 73  1364 1364 ALA ALA A . n 
A 1 74  THR 74  1365 1365 THR THR A . n 
A 1 75  VAL 75  1366 1366 VAL VAL A . n 
A 1 76  ARG 76  1367 1367 ARG ARG A . n 
A 1 77  GLU 77  1368 1368 GLU GLU A . n 
A 1 78  THR 78  1369 1369 THR THR A . n 
A 1 79  LEU 79  1370 1370 LEU LEU A . n 
A 1 80  GLU 80  1371 1371 GLU GLU A . n 
A 1 81  ALA 81  1372 1372 ALA ALA A . n 
A 1 82  GLY 82  1373 1373 GLY GLY A . n 
A 1 83  ASN 83  1374 1374 ASN ASN A . n 
A 1 84  TYR 84  1375 1375 TYR TYR A . n 
A 1 85  GLU 85  1376 1376 GLU GLU A . n 
A 1 86  SER 86  1377 1377 SER SER A . n 
A 1 87  PRO 87  1378 1378 PRO PRO A . n 
A 1 88  MET 88  1379 1379 MET MET A . n 
A 1 89  GLU 89  1380 1380 GLU GLU A . n 
A 1 90  LEU 90  1381 1381 LEU LEU A . n 
A 1 91  CYS 91  1382 1382 CYS CYS A . n 
A 1 92  LYS 92  1383 1383 LYS LYS A . n 
A 1 93  ASP 93  1384 1384 ASP ASP A . n 
A 1 94  VAL 94  1385 1385 VAL VAL A . n 
A 1 95  ARG 95  1386 1386 ARG ARG A . n 
A 1 96  LEU 96  1387 1387 LEU LEU A . n 
A 1 97  ILE 97  1388 1388 ILE ILE A . n 
A 1 98  PHE 98  1389 1389 PHE PHE A . n 
A 1 99  SER 99  1390 1390 SER SER A . n 
A 1 100 ASN 100 1391 1391 ASN ASN A . n 
A 1 101 SER 101 1392 1392 SER SER A . n 
A 1 102 LYS 102 1393 1393 LYS LYS A . n 
A 1 103 ALA 103 1394 1394 ALA ALA A . n 
A 1 104 TYR 104 1395 1395 TYR TYR A . n 
A 1 105 THR 105 1396 1396 THR THR A . n 
A 1 106 PRO 106 1397 1397 PRO PRO A . n 
A 1 107 SER 107 1398 1398 SER SER A . n 
A 1 108 LYS 108 1399 1399 LYS LYS A . n 
A 1 109 ARG 109 1400 1400 ARG ARG A . n 
A 1 110 SER 110 1401 1401 SER SER A . n 
A 1 111 ARG 111 1402 1402 ARG ARG A . n 
A 1 112 ILE 112 1403 1403 ILE ILE A . n 
A 1 113 TYR 113 1404 1404 TYR TYR A . n 
A 1 114 SER 114 1405 1405 SER SER A . n 
A 1 115 MET 115 1406 1406 MET MET A . n 
A 1 116 SER 116 1407 1407 SER SER A . n 
A 1 117 LEU 117 1408 1408 LEU LEU A . n 
A 1 118 ARG 118 1409 1409 ARG ARG A . n 
A 1 119 LEU 119 1410 1410 LEU LEU A . n 
A 1 120 SER 120 1411 1411 SER SER A . n 
A 1 121 ALA 121 1412 1412 ALA ALA A . n 
A 1 122 PHE 122 1413 1413 PHE PHE A . n 
A 1 123 PHE 123 1414 1414 PHE PHE A . n 
A 1 124 GLU 124 1415 1415 GLU GLU A . n 
A 1 125 GLU 125 1416 1416 GLU GLU A . n 
A 1 126 HIS 126 1417 1417 HIS HIS A . n 
A 1 127 ILE 127 1418 1418 ILE ILE A . n 
A 1 128 SER 128 1419 1419 SER SER A . n 
A 1 129 SER 129 1420 1420 SER SER A . n 
A 1 130 VAL 130 1421 1421 VAL VAL A . n 
A 1 131 LEU 131 1422 1422 LEU LEU A . n 
A 1 132 SER 132 1423 1423 SER SER A . n 
A 1 133 ASP 133 1424 1424 ASP ASP A . n 
A 1 134 TYR 134 1425 1425 TYR TYR A . n 
A 1 135 LYS 135 1426 1426 LYS LYS A . n 
A 1 136 SER 136 1427 1427 SER SER A . n 
A 1 137 ALA 137 1428 1428 ALA ALA A . n 
A 1 138 LEU 138 1429 1429 LEU LEU A . n 
A 1 139 ARG 139 1430 1430 ARG ARG A . n 
A 1 140 PHE 140 1431 1431 PHE PHE A . n 
A 1 141 HIS 141 1432 1432 HIS HIS A . n 
A 1 142 LYS 142 1433 1433 LYS LYS A . n 
A 1 143 ARG 143 1434 1434 ARG ARG A . n 
A 1 144 ASN 144 1435 1435 ASN ASN A . n 
A 1 145 THR 145 1436 ?    ?   ?   A . n 
A 1 146 ILE 146 1437 ?    ?   ?   A . n 
A 1 147 THR 147 1438 ?    ?   ?   A . n 
A 1 148 LYS 148 1439 ?    ?   ?   A . n 
A 1 149 ARG 149 1440 ?    ?   ?   A . n 
# 
loop_
_pdbx_nonpoly_scheme.asym_id 
_pdbx_nonpoly_scheme.entity_id 
_pdbx_nonpoly_scheme.mon_id 
_pdbx_nonpoly_scheme.ndb_seq_num 
_pdbx_nonpoly_scheme.pdb_seq_num 
_pdbx_nonpoly_scheme.auth_seq_num 
_pdbx_nonpoly_scheme.pdb_mon_id 
_pdbx_nonpoly_scheme.auth_mon_id 
_pdbx_nonpoly_scheme.pdb_strand_id 
_pdbx_nonpoly_scheme.pdb_ins_code 
B 2 ZP0 1   1901 1901 ZP0 LIG A . 
C 3 HOH 1   2001 34   HOH HOH A . 
C 3 HOH 2   2002 32   HOH HOH A . 
C 3 HOH 3   2003 40   HOH HOH A . 
C 3 HOH 4   2004 1627 HOH HOH A . 
C 3 HOH 5   2005 1745 HOH HOH A . 
C 3 HOH 6   2006 37   HOH HOH A . 
C 3 HOH 7   2007 17   HOH HOH A . 
C 3 HOH 8   2008 1610 HOH HOH A . 
C 3 HOH 9   2009 1605 HOH HOH A . 
C 3 HOH 10  2010 1648 HOH HOH A . 
C 3 HOH 11  2011 1757 HOH HOH A . 
C 3 HOH 12  2012 27   HOH HOH A . 
C 3 HOH 13  2013 1624 HOH HOH A . 
C 3 HOH 14  2014 1739 HOH HOH A . 
C 3 HOH 15  2015 1642 HOH HOH A . 
C 3 HOH 16  2016 1676 HOH HOH A . 
C 3 HOH 17  2017 1603 HOH HOH A . 
C 3 HOH 18  2018 36   HOH HOH A . 
C 3 HOH 19  2019 1678 HOH HOH A . 
C 3 HOH 20  2020 1609 HOH HOH A . 
C 3 HOH 21  2021 1625 HOH HOH A . 
C 3 HOH 22  2022 1622 HOH HOH A . 
C 3 HOH 23  2023 29   HOH HOH A . 
C 3 HOH 24  2024 11   HOH HOH A . 
C 3 HOH 25  2025 1615 HOH HOH A . 
C 3 HOH 26  2026 1606 HOH HOH A . 
C 3 HOH 27  2027 1629 HOH HOH A . 
C 3 HOH 28  2028 1771 HOH HOH A . 
C 3 HOH 29  2029 1628 HOH HOH A . 
C 3 HOH 30  2030 1602 HOH HOH A . 
C 3 HOH 31  2031 1645 HOH HOH A . 
C 3 HOH 32  2032 1634 HOH HOH A . 
C 3 HOH 33  2033 1682 HOH HOH A . 
C 3 HOH 34  2034 1617 HOH HOH A . 
C 3 HOH 35  2035 1658 HOH HOH A . 
C 3 HOH 36  2036 1734 HOH HOH A . 
C 3 HOH 37  2037 1626 HOH HOH A . 
C 3 HOH 38  2038 30   HOH HOH A . 
C 3 HOH 39  2039 1646 HOH HOH A . 
C 3 HOH 40  2040 1704 HOH HOH A . 
C 3 HOH 41  2041 1620 HOH HOH A . 
C 3 HOH 42  2042 10   HOH HOH A . 
C 3 HOH 43  2043 1644 HOH HOH A . 
C 3 HOH 44  2044 38   HOH HOH A . 
C 3 HOH 45  2045 1661 HOH HOH A . 
C 3 HOH 46  2046 1663 HOH HOH A . 
C 3 HOH 47  2047 1732 HOH HOH A . 
C 3 HOH 48  2048 1632 HOH HOH A . 
C 3 HOH 49  2049 1613 HOH HOH A . 
C 3 HOH 50  2050 1746 HOH HOH A . 
C 3 HOH 51  2051 1623 HOH HOH A . 
C 3 HOH 52  2052 1776 HOH HOH A . 
C 3 HOH 53  2053 9    HOH HOH A . 
C 3 HOH 54  2054 2    HOH HOH A . 
C 3 HOH 55  2055 1730 HOH HOH A . 
C 3 HOH 56  2056 1619 HOH HOH A . 
C 3 HOH 57  2057 1672 HOH HOH A . 
C 3 HOH 58  2058 1673 HOH HOH A . 
C 3 HOH 59  2059 39   HOH HOH A . 
C 3 HOH 60  2060 1714 HOH HOH A . 
C 3 HOH 61  2061 1668 HOH HOH A . 
C 3 HOH 62  2062 1643 HOH HOH A . 
C 3 HOH 63  2063 35   HOH HOH A . 
C 3 HOH 64  2064 1681 HOH HOH A . 
C 3 HOH 65  2065 1652 HOH HOH A . 
C 3 HOH 66  2066 1651 HOH HOH A . 
C 3 HOH 67  2067 1665 HOH HOH A . 
C 3 HOH 68  2068 1686 HOH HOH A . 
C 3 HOH 69  2069 1685 HOH HOH A . 
C 3 HOH 70  2070 1693 HOH HOH A . 
C 3 HOH 71  2071 1669 HOH HOH A . 
C 3 HOH 72  2072 1687 HOH HOH A . 
C 3 HOH 73  2073 1728 HOH HOH A . 
C 3 HOH 74  2074 1655 HOH HOH A . 
C 3 HOH 75  2075 1731 HOH HOH A . 
C 3 HOH 76  2076 1662 HOH HOH A . 
C 3 HOH 77  2077 1689 HOH HOH A . 
C 3 HOH 78  2078 1692 HOH HOH A . 
C 3 HOH 79  2079 42   HOH HOH A . 
C 3 HOH 80  2080 1650 HOH HOH A . 
C 3 HOH 81  2081 1666 HOH HOH A . 
C 3 HOH 82  2082 1733 HOH HOH A . 
C 3 HOH 83  2083 1637 HOH HOH A . 
C 3 HOH 84  2084 1696 HOH HOH A . 
C 3 HOH 85  2085 33   HOH HOH A . 
C 3 HOH 86  2086 1700 HOH HOH A . 
C 3 HOH 87  2087 1740 HOH HOH A . 
C 3 HOH 88  2088 1797 HOH HOH A . 
C 3 HOH 89  2089 1721 HOH HOH A . 
C 3 HOH 90  2090 1680 HOH HOH A . 
C 3 HOH 91  2091 1701 HOH HOH A . 
C 3 HOH 92  2092 1675 HOH HOH A . 
C 3 HOH 93  2093 1720 HOH HOH A . 
C 3 HOH 94  2094 1604 HOH HOH A . 
C 3 HOH 95  2095 1671 HOH HOH A . 
C 3 HOH 96  2096 1688 HOH HOH A . 
C 3 HOH 97  2097 1621 HOH HOH A . 
C 3 HOH 98  2098 1708 HOH HOH A . 
C 3 HOH 99  2099 1741 HOH HOH A . 
C 3 HOH 100 2100 1690 HOH HOH A . 
C 3 HOH 101 2101 12   HOH HOH A . 
C 3 HOH 102 2102 1630 HOH HOH A . 
C 3 HOH 103 2103 31   HOH HOH A . 
C 3 HOH 104 2104 1649 HOH HOH A . 
C 3 HOH 105 2105 1723 HOH HOH A . 
C 3 HOH 106 2106 1709 HOH HOH A . 
C 3 HOH 107 2107 1640 HOH HOH A . 
C 3 HOH 108 2108 1738 HOH HOH A . 
C 3 HOH 109 2109 1667 HOH HOH A . 
C 3 HOH 110 2110 1611 HOH HOH A . 
C 3 HOH 111 2111 16   HOH HOH A . 
C 3 HOH 112 2112 19   HOH HOH A . 
C 3 HOH 113 2113 1674 HOH HOH A . 
C 3 HOH 114 2114 1725 HOH HOH A . 
C 3 HOH 115 2115 1677 HOH HOH A . 
C 3 HOH 116 2116 1713 HOH HOH A . 
C 3 HOH 117 2117 1699 HOH HOH A . 
C 3 HOH 118 2118 1719 HOH HOH A . 
C 3 HOH 119 2119 1735 HOH HOH A . 
C 3 HOH 120 2120 1    HOH HOH A . 
C 3 HOH 121 2121 1715 HOH HOH A . 
C 3 HOH 122 2122 1737 HOH HOH A . 
C 3 HOH 123 2123 1703 HOH HOH A . 
C 3 HOH 124 2124 1724 HOH HOH A . 
C 3 HOH 125 2125 1706 HOH HOH A . 
C 3 HOH 126 2126 1736 HOH HOH A . 
C 3 HOH 127 2127 1638 HOH HOH A . 
C 3 HOH 128 2128 1729 HOH HOH A . 
C 3 HOH 129 2129 1710 HOH HOH A . 
C 3 HOH 130 2130 1716 HOH HOH A . 
C 3 HOH 131 2131 1727 HOH HOH A . 
C 3 HOH 132 2132 1744 HOH HOH A . 
C 3 HOH 133 2133 1767 HOH HOH A . 
C 3 HOH 134 2134 1694 HOH HOH A . 
C 3 HOH 135 2135 1684 HOH HOH A . 
C 3 HOH 136 2136 13   HOH HOH A . 
C 3 HOH 137 2137 1722 HOH HOH A . 
C 3 HOH 138 2138 1697 HOH HOH A . 
C 3 HOH 139 2139 1726 HOH HOH A . 
C 3 HOH 140 2140 3    HOH HOH A . 
C 3 HOH 141 2141 20   HOH HOH A . 
C 3 HOH 142 2142 1759 HOH HOH A . 
C 3 HOH 143 2143 28   HOH HOH A . 
C 3 HOH 144 2144 1801 HOH HOH A . 
C 3 HOH 145 2145 1711 HOH HOH A . 
C 3 HOH 146 2146 1656 HOH HOH A . 
C 3 HOH 147 2147 26   HOH HOH A . 
C 3 HOH 148 2148 25   HOH HOH A . 
C 3 HOH 149 2149 41   HOH HOH A . 
C 3 HOH 150 2150 1618 HOH HOH A . 
C 3 HOH 151 2151 1779 HOH HOH A . 
C 3 HOH 152 2152 1752 HOH HOH A . 
C 3 HOH 153 2153 1748 HOH HOH A . 
C 3 HOH 154 2154 1756 HOH HOH A . 
C 3 HOH 155 2155 1753 HOH HOH A . 
C 3 HOH 156 2156 1763 HOH HOH A . 
C 3 HOH 157 2157 14   HOH HOH A . 
C 3 HOH 158 2158 1751 HOH HOH A . 
C 3 HOH 159 2159 23   HOH HOH A . 
C 3 HOH 160 2160 8    HOH HOH A . 
C 3 HOH 161 2161 1794 HOH HOH A . 
C 3 HOH 162 2162 1769 HOH HOH A . 
C 3 HOH 163 2163 1766 HOH HOH A . 
C 3 HOH 164 2164 1770 HOH HOH A . 
C 3 HOH 165 2165 1747 HOH HOH A . 
C 3 HOH 166 2166 1765 HOH HOH A . 
C 3 HOH 167 2167 5    HOH HOH A . 
C 3 HOH 168 2168 1784 HOH HOH A . 
C 3 HOH 169 2169 1742 HOH HOH A . 
C 3 HOH 170 2170 1768 HOH HOH A . 
C 3 HOH 171 2171 1758 HOH HOH A . 
C 3 HOH 172 2172 1762 HOH HOH A . 
C 3 HOH 173 2173 1761 HOH HOH A . 
C 3 HOH 174 2174 1786 HOH HOH A . 
C 3 HOH 175 2175 1743 HOH HOH A . 
C 3 HOH 176 2176 1796 HOH HOH A . 
C 3 HOH 177 2177 1774 HOH HOH A . 
C 3 HOH 178 2178 1795 HOH HOH A . 
C 3 HOH 179 2179 1783 HOH HOH A . 
C 3 HOH 180 2180 1780 HOH HOH A . 
C 3 HOH 181 2181 1778 HOH HOH A . 
C 3 HOH 182 2182 1777 HOH HOH A . 
C 3 HOH 183 2183 1764 HOH HOH A . 
C 3 HOH 184 2184 24   HOH HOH A . 
C 3 HOH 185 2185 1785 HOH HOH A . 
C 3 HOH 186 2186 1775 HOH HOH A . 
C 3 HOH 187 2187 1782 HOH HOH A . 
C 3 HOH 188 2188 1789 HOH HOH A . 
C 3 HOH 189 2189 1791 HOH HOH A . 
C 3 HOH 190 2190 1781 HOH HOH A . 
C 3 HOH 191 2191 1787 HOH HOH A . 
C 3 HOH 192 2192 1754 HOH HOH A . 
C 3 HOH 193 2193 22   HOH HOH A . 
C 3 HOH 194 2194 1790 HOH HOH A . 
C 3 HOH 195 2195 1792 HOH HOH A . 
C 3 HOH 196 2196 1798 HOH HOH A . 
C 3 HOH 197 2197 1800 HOH HOH A . 
C 3 HOH 198 2198 1799 HOH HOH A . 
# 
loop_
_pdbx_unobs_or_zero_occ_atoms.id 
_pdbx_unobs_or_zero_occ_atoms.PDB_model_num 
_pdbx_unobs_or_zero_occ_atoms.polymer_flag 
_pdbx_unobs_or_zero_occ_atoms.occupancy_flag 
_pdbx_unobs_or_zero_occ_atoms.auth_asym_id 
_pdbx_unobs_or_zero_occ_atoms.auth_comp_id 
_pdbx_unobs_or_zero_occ_atoms.auth_seq_id 
_pdbx_unobs_or_zero_occ_atoms.PDB_ins_code 
_pdbx_unobs_or_zero_occ_atoms.auth_atom_id 
_pdbx_unobs_or_zero_occ_atoms.label_alt_id 
_pdbx_unobs_or_zero_occ_atoms.label_asym_id 
_pdbx_unobs_or_zero_occ_atoms.label_comp_id 
_pdbx_unobs_or_zero_occ_atoms.label_seq_id 
_pdbx_unobs_or_zero_occ_atoms.label_atom_id 
1 1 Y 1 A GLN 1334 ? CD  ? A GLN 43 CD  
2 1 Y 1 A GLN 1334 ? OE1 ? A GLN 43 OE1 
3 1 Y 1 A GLN 1334 ? NE2 ? A GLN 43 NE2 
# 
loop_
_software.pdbx_ordinal 
_software.name 
_software.version 
_software.date 
_software.type 
_software.contact_author 
_software.contact_author_email 
_software.classification 
_software.location 
_software.language 
_software.citation_id 
1 REFMAC      5.8.0403 ?               program 'Garib N. Murshudov' garib@ysbl.york.ac.uk    refinement        
http://www.ccp4.ac.uk/dist/html/refmac5.html        Fortran_77 ? 
2 Aimless     0.7.7    23/04/21        program 'Phil Evans'         ?                        'data scaling'    
http://www.mrc-lmb.cam.ac.uk/harry/pre/aimless.html ?          ? 
3 PDB_EXTRACT 3.23     'SEP. 23, 2016' package PDB                  deposit@deposit.rcsb.org 'data extraction' 
http://sw-tools.pdb.org/apps/PDB_EXTRACT/           C++        ? 
4 XDS         .        ?               program ?                    ?                        'data reduction'  ? ?          ? 
5 REFMAC      .        ?               program ?                    ?                        phasing           ? ?          ? 
# 
_cell.entry_id           7FVL 
_cell.length_a           81.936 
_cell.length_b           27.426 
_cell.length_c           56.272 
_cell.angle_alpha        90.000 
_cell.angle_beta         99.960 
_cell.angle_gamma        90.000 
_cell.Z_PDB              4 
_cell.pdbx_unique_axis   ? 
# 
_symmetry.entry_id                         7FVL 
_symmetry.space_group_name_H-M             'C 1 2 1' 
_symmetry.pdbx_full_space_group_name_H-M   ? 
_symmetry.cell_setting                     ? 
_symmetry.Int_Tables_number                5 
# 
_exptl.crystals_number   1 
_exptl.entry_id          7FVL 
_exptl.method            'X-RAY DIFFRACTION' 
# 
_exptl_crystal.id                    1 
_exptl_crystal.pdbx_mosaicity        0.000 
_exptl_crystal.pdbx_mosaicity_esd    ? 
_exptl_crystal.density_Matthews      1.77 
_exptl_crystal.density_diffrn        ? 
_exptl_crystal.density_meas          ? 
_exptl_crystal.density_meas_temp     ? 
_exptl_crystal.density_percent_sol   30.36 
_exptl_crystal.size_max              ? 
_exptl_crystal.size_mid              ? 
_exptl_crystal.size_min              ? 
_exptl_crystal.size_rad              ? 
_exptl_crystal.description           ? 
# 
_exptl_crystal_grow.crystal_id      1 
_exptl_crystal_grow.method          'VAPOR DIFFUSION, SITTING DROP' 
_exptl_crystal_grow.pH              5.6 
_exptl_crystal_grow.temp            277 
_exptl_crystal_grow.pdbx_details    '20% PEG 8000, 0.04M potassium phosphate' 
_exptl_crystal_grow.temp_details    ? 
_exptl_crystal_grow.pdbx_pH_range   ? 
# 
_diffrn.id                     1 
_diffrn.ambient_temp           100 
_diffrn.crystal_id             1 
_diffrn.ambient_temp_details   ? 
# 
_diffrn_detector.detector               PIXEL 
_diffrn_detector.type                   'DECTRIS PILATUS 6M' 
_diffrn_detector.pdbx_collection_date   2022-09-24 
_diffrn_detector.diffrn_id              1 
_diffrn_detector.details                ? 
# 
_diffrn_radiation.diffrn_id                        1 
_diffrn_radiation.wavelength_id                    1 
_diffrn_radiation.pdbx_diffrn_protocol             'SINGLE WAVELENGTH' 
_diffrn_radiation.pdbx_monochromatic_or_laue_m_l   ? 
_diffrn_radiation.monochromator                    ? 
_diffrn_radiation.pdbx_scattering_type             x-ray 
# 
_diffrn_radiation_wavelength.id           1 
_diffrn_radiation_wavelength.wavelength   0.92124 
_diffrn_radiation_wavelength.wt           1.0 
# 
_diffrn_source.diffrn_id                   1 
_diffrn_source.source                      SYNCHROTRON 
_diffrn_source.type                        'DIAMOND BEAMLINE I04-1' 
_diffrn_source.pdbx_wavelength_list        0.92124 
_diffrn_source.pdbx_synchrotron_site       Diamond 
_diffrn_source.pdbx_synchrotron_beamline   I04-1 
_diffrn_source.pdbx_wavelength             ? 
# 
_reflns.entry_id                     7FVL 
_reflns.pdbx_diffrn_id               1 
_reflns.pdbx_ordinal                 1 
_reflns.observed_criterion_sigma_I   ? 
_reflns.observed_criterion_sigma_F   ? 
_reflns.d_resolution_low             55.450 
_reflns.d_resolution_high            1.150 
_reflns.number_obs                   33702 
_reflns.number_all                   ? 
_reflns.percent_possible_obs         76.600 
_reflns.pdbx_Rmerge_I_obs            0.051 
_reflns.pdbx_Rsym_value              ? 
_reflns.pdbx_netI_over_sigmaI        25.700 
_reflns.B_iso_Wilson_estimate        ? 
_reflns.pdbx_redundancy              5.100 
_reflns.pdbx_Rrim_I_all              0.056 
_reflns.pdbx_Rpim_I_all              0.023 
_reflns.pdbx_CC_half                 0.994 
_reflns.pdbx_netI_over_av_sigmaI     ? 
_reflns.pdbx_number_measured_all     173468 
_reflns.pdbx_scaling_rejects         0 
_reflns.pdbx_chi_squared             ? 
_reflns.Rmerge_F_all                 ? 
_reflns.Rmerge_F_obs                 ? 
_reflns.observed_criterion_F_max     ? 
_reflns.observed_criterion_F_min     ? 
_reflns.observed_criterion_I_max     ? 
_reflns.observed_criterion_I_min     ? 
_reflns.pdbx_d_res_high_opt          ? 
_reflns.pdbx_d_res_low_opt           ? 
_reflns.details                      ? 
# 
loop_
_reflns_shell.pdbx_diffrn_id 
_reflns_shell.pdbx_ordinal 
_reflns_shell.d_res_high 
_reflns_shell.d_res_low 
_reflns_shell.number_measured_obs 
_reflns_shell.number_measured_all 
_reflns_shell.number_unique_obs 
_reflns_shell.pdbx_rejects 
_reflns_shell.Rmerge_I_obs 
_reflns_shell.meanI_over_sigI_obs 
_reflns_shell.pdbx_Rsym_value 
_reflns_shell.pdbx_chi_squared 
_reflns_shell.pdbx_redundancy 
_reflns_shell.percent_possible_obs 
_reflns_shell.pdbx_netI_over_sigmaI_obs 
_reflns_shell.number_possible 
_reflns_shell.number_unique_all 
_reflns_shell.Rmerge_F_all 
_reflns_shell.Rmerge_F_obs 
_reflns_shell.Rmerge_I_all 
_reflns_shell.meanI_over_sigI_all 
_reflns_shell.percent_possible_all 
_reflns_shell.pdbx_Rrim_I_all 
_reflns_shell.pdbx_Rpim_I_all 
_reflns_shell.pdbx_CC_half 
1 1 1.150 1.170  ? 143  ? ? ?     ? ? ? 1.000 ? 1.700  ? 140 ? ? ? ? 6.600  ?     ?     ?     
1 2 6.310 55.450 ? 1731 ? ? 0.083 ? ? ? 5.800 ? 46.100 ? 300 ? ? ? ? 99.800 0.093 0.041 0.968 
# 
_refine.entry_id                                 7FVL 
_refine.pdbx_refine_id                           'X-RAY DIFFRACTION' 
_refine.ls_d_res_high                            1.1500 
_refine.ls_d_res_low                             55.4200 
_refine.pdbx_ls_sigma_F                          0.000 
_refine.pdbx_data_cutoff_high_absF               ? 
_refine.pdbx_data_cutoff_low_absF                ? 
_refine.ls_percent_reflns_obs                    76.4500 
_refine.ls_number_reflns_obs                     32019 
_refine.ls_number_reflns_all                     ? 
_refine.pdbx_ls_cross_valid_method               THROUGHOUT 
_refine.ls_matrix_type                           ? 
_refine.pdbx_R_Free_selection_details            RANDOM 
_refine.details                                  
'HYDROGENS HAVE BEEN ADDED IN THE RIDING POSITIONS U VALUES      : REFINED INDIVIDUALLY' 
_refine.ls_R_factor_all                          ? 
_refine.ls_R_factor_obs                          0.2704 
_refine.ls_R_factor_R_work                       0.2702 
_refine.ls_wR_factor_R_work                      ? 
_refine.ls_R_factor_R_free                       0.2744 
_refine.ls_wR_factor_R_free                      ? 
_refine.ls_percent_reflns_R_free                 5.0000 
_refine.ls_number_reflns_R_free                  1679 
_refine.ls_number_reflns_R_work                  ? 
_refine.ls_R_factor_R_free_error                 ? 
_refine.B_iso_mean                               16.4910 
_refine.solvent_model_param_bsol                 ? 
_refine.solvent_model_param_ksol                 ? 
_refine.pdbx_isotropic_thermal_model             ? 
_refine.aniso_B[1][1]                            -0.0200 
_refine.aniso_B[2][2]                            1.2000 
_refine.aniso_B[3][3]                            -1.3000 
_refine.aniso_B[1][2]                            -0.0000 
_refine.aniso_B[1][3]                            0.5800 
_refine.aniso_B[2][3]                            -0.0000 
_refine.correlation_coeff_Fo_to_Fc               0.9280 
_refine.correlation_coeff_Fo_to_Fc_free          0.9230 
_refine.overall_SU_R_Cruickshank_DPI             ? 
_refine.pdbx_overall_SU_R_free_Cruickshank_DPI   ? 
_refine.pdbx_overall_SU_R_Blow_DPI               ? 
_refine.pdbx_overall_SU_R_free_Blow_DPI          ? 
_refine.overall_SU_R_free                        ? 
_refine.pdbx_overall_ESU_R                       0.0750 
_refine.pdbx_overall_ESU_R_Free                  0.0700 
_refine.overall_SU_ML                            ? 
_refine.overall_SU_B                             ? 
_refine.solvent_model_details                    MASK 
_refine.pdbx_solvent_vdw_probe_radii             1.2000 
_refine.pdbx_solvent_ion_probe_radii             0.8000 
_refine.pdbx_solvent_shrinkage_radii             0.8000 
_refine.ls_number_parameters                     ? 
_refine.ls_number_restraints                     ? 
_refine.pdbx_starting_model                      7av9 
_refine.pdbx_method_to_determine_struct          'FOURIER SYNTHESIS' 
_refine.pdbx_stereochemistry_target_values       'MAXIMUM LIKELIHOOD' 
_refine.pdbx_stereochem_target_val_spec_case     ? 
_refine.overall_FOM_work_R_set                   ? 
_refine.B_iso_max                                138.070 
_refine.B_iso_min                                9.870 
_refine.pdbx_overall_phase_error                 ? 
_refine.occupancy_max                            ? 
_refine.occupancy_min                            ? 
_refine.pdbx_diffrn_id                           1 
_refine.pdbx_TLS_residual_ADP_flag               ? 
_refine.pdbx_ls_sigma_I                          ? 
_refine.pdbx_data_cutoff_high_rms_absF           ? 
_refine.ls_R_factor_R_free_error_details         ? 
# 
_refine_hist.cycle_id                         final 
_refine_hist.pdbx_refine_id                   'X-RAY DIFFRACTION' 
_refine_hist.d_res_high                       1.1500 
_refine_hist.d_res_low                        55.4200 
_refine_hist.pdbx_number_atoms_ligand         27 
_refine_hist.number_atoms_solvent             198 
_refine_hist.number_atoms_total               1228 
_refine_hist.pdbx_number_residues_total       121 
_refine_hist.pdbx_B_iso_mean_ligand           35.84 
_refine_hist.pdbx_B_iso_mean_solvent          29.06 
_refine_hist.pdbx_number_atoms_protein        1003 
_refine_hist.pdbx_number_atoms_nucleic_acid   0 
# 
loop_
_refine_ls_restr.pdbx_refine_id 
_refine_ls_restr.type 
_refine_ls_restr.number 
_refine_ls_restr.dev_ideal 
_refine_ls_restr.dev_ideal_target 
_refine_ls_restr.weight 
_refine_ls_restr.pdbx_restraint_function 
'X-RAY DIFFRACTION' r_bond_refined_d       1090 0.016  0.012  ? ? 
'X-RAY DIFFRACTION' r_bond_other_d         992  0.002  0.016  ? ? 
'X-RAY DIFFRACTION' r_angle_refined_deg    1480 1.680  1.687  ? ? 
'X-RAY DIFFRACTION' r_angle_other_deg      2303 0.871  1.609  ? ? 
'X-RAY DIFFRACTION' r_dihedral_angle_1_deg 130  4.958  5.000  ? ? 
'X-RAY DIFFRACTION' r_dihedral_angle_2_deg 9    3.536  5.000  ? ? 
'X-RAY DIFFRACTION' r_dihedral_angle_3_deg 190  15.935 10.000 ? ? 
'X-RAY DIFFRACTION' r_chiral_restr         153  0.076  0.200  ? ? 
'X-RAY DIFFRACTION' r_gen_planes_refined   1285 0.009  0.020  ? ? 
'X-RAY DIFFRACTION' r_gen_planes_other     262  0.019  0.020  ? ? 
'X-RAY DIFFRACTION' r_mcbond_it            508  1.295  1.638  ? ? 
'X-RAY DIFFRACTION' r_mcbond_other         508  1.295  1.637  ? ? 
'X-RAY DIFFRACTION' r_mcangle_it           642  1.859  2.958  ? ? 
# 
_refine_ls_shell.d_res_high                       1.1520 
_refine_ls_shell.d_res_low                        1.1810 
_refine_ls_shell.pdbx_total_number_of_bins_used   20 
_refine_ls_shell.percent_reflns_obs               8.4000 
_refine_ls_shell.number_reflns_R_work             262 
_refine_ls_shell.R_factor_all                     ? 
_refine_ls_shell.R_factor_R_work                  0.3840 
_refine_ls_shell.R_factor_R_free                  0.2470 
_refine_ls_shell.percent_reflns_R_free            ? 
_refine_ls_shell.number_reflns_R_free             10 
_refine_ls_shell.R_factor_R_free_error            ? 
_refine_ls_shell.number_reflns_all                272 
_refine_ls_shell.number_reflns_obs                ? 
_refine_ls_shell.pdbx_refine_id                   'X-RAY DIFFRACTION' 
# 
_struct.entry_id                  7FVL 
_struct.title                     'PanDDA analysis group deposition -- PHIP in complex with Z4140355932' 
_struct.pdbx_model_details        ? 
_struct.pdbx_CASP_flag            ? 
_struct.pdbx_model_type_details   ? 
# 
_struct_keywords.entry_id        7FVL 
_struct_keywords.text            
'False negatives, ligand features, rescreening, catalogue, fragment follow-ups, automated chemistry, SIGNALING PROTEIN' 
_struct_keywords.pdbx_keywords   'SIGNALING PROTEIN' 
# 
loop_
_struct_asym.id 
_struct_asym.pdbx_blank_PDB_chainid_flag 
_struct_asym.pdbx_modified 
_struct_asym.entity_id 
_struct_asym.details 
A N N 1 ? 
B N N 2 ? 
C N N 3 ? 
# 
_struct_ref.id                         1 
_struct_ref.db_name                    UNP 
_struct_ref.db_code                    PHIP_HUMAN 
_struct_ref.pdbx_db_accession          Q8WWQ0 
_struct_ref.pdbx_db_isoform            ? 
_struct_ref.entity_id                  1 
_struct_ref.pdbx_seq_one_letter_code   
;SYDIQAWKKQCEELLNLIFQCEDSEPFRQPVDLLEYPDYRDIIDTPMDFATVRETLEAGNYESPMELCKDVRLIFSNSKA
YTPSKRSRIYSMSLRLSAFFEEHISSVLSDYKSALRFHKRNTITKR
;
_struct_ref.pdbx_align_begin           1315 
# 
_struct_ref_seq.align_id                      1 
_struct_ref_seq.ref_id                        1 
_struct_ref_seq.pdbx_PDB_id_code              7FVL 
_struct_ref_seq.pdbx_strand_id                A 
_struct_ref_seq.seq_align_beg                 24 
_struct_ref_seq.pdbx_seq_align_beg_ins_code   ? 
_struct_ref_seq.seq_align_end                 149 
_struct_ref_seq.pdbx_seq_align_end_ins_code   ? 
_struct_ref_seq.pdbx_db_accession             Q8WWQ0 
_struct_ref_seq.db_align_beg                  1315 
_struct_ref_seq.pdbx_db_align_beg_ins_code    ? 
_struct_ref_seq.db_align_end                  1440 
_struct_ref_seq.pdbx_db_align_end_ins_code    ? 
_struct_ref_seq.pdbx_auth_seq_align_beg       1315 
_struct_ref_seq.pdbx_auth_seq_align_end       1440 
# 
loop_
_struct_ref_seq_dif.align_id 
_struct_ref_seq_dif.pdbx_pdb_id_code 
_struct_ref_seq_dif.mon_id 
_struct_ref_seq_dif.pdbx_pdb_strand_id 
_struct_ref_seq_dif.seq_num 
_struct_ref_seq_dif.pdbx_pdb_ins_code 
_struct_ref_seq_dif.pdbx_seq_db_name 
_struct_ref_seq_dif.pdbx_seq_db_accession_code 
_struct_ref_seq_dif.db_mon_id 
_struct_ref_seq_dif.pdbx_seq_db_seq_num 
_struct_ref_seq_dif.details 
_struct_ref_seq_dif.pdbx_auth_seq_num 
_struct_ref_seq_dif.pdbx_ordinal 
1 7FVL MET A 1  ? UNP Q8WWQ0 ? ? 'initiating methionine' 1292 1  
1 7FVL HIS A 2  ? UNP Q8WWQ0 ? ? 'expression tag'        1293 2  
1 7FVL HIS A 3  ? UNP Q8WWQ0 ? ? 'expression tag'        1294 3  
1 7FVL HIS A 4  ? UNP Q8WWQ0 ? ? 'expression tag'        1295 4  
1 7FVL HIS A 5  ? UNP Q8WWQ0 ? ? 'expression tag'        1296 5  
1 7FVL HIS A 6  ? UNP Q8WWQ0 ? ? 'expression tag'        1297 6  
1 7FVL HIS A 7  ? UNP Q8WWQ0 ? ? 'expression tag'        1298 7  
1 7FVL SER A 8  ? UNP Q8WWQ0 ? ? 'expression tag'        1299 8  
1 7FVL SER A 9  ? UNP Q8WWQ0 ? ? 'expression tag'        1300 9  
1 7FVL GLY A 10 ? UNP Q8WWQ0 ? ? 'expression tag'        1301 10 
1 7FVL VAL A 11 ? UNP Q8WWQ0 ? ? 'expression tag'        1302 11 
1 7FVL ASP A 12 ? UNP Q8WWQ0 ? ? 'expression tag'        1303 12 
1 7FVL LEU A 13 ? UNP Q8WWQ0 ? ? 'expression tag'        1304 13 
1 7FVL GLY A 14 ? UNP Q8WWQ0 ? ? 'expression tag'        1305 14 
1 7FVL THR A 15 ? UNP Q8WWQ0 ? ? 'expression tag'        1306 15 
1 7FVL GLU A 16 ? UNP Q8WWQ0 ? ? 'expression tag'        1307 16 
1 7FVL ASN A 17 ? UNP Q8WWQ0 ? ? 'expression tag'        1308 17 
1 7FVL LEU A 18 ? UNP Q8WWQ0 ? ? 'expression tag'        1309 18 
1 7FVL TYR A 19 ? UNP Q8WWQ0 ? ? 'expression tag'        1310 19 
1 7FVL PHE A 20 ? UNP Q8WWQ0 ? ? 'expression tag'        1311 20 
1 7FVL GLN A 21 ? UNP Q8WWQ0 ? ? 'expression tag'        1312 21 
1 7FVL SER A 22 ? UNP Q8WWQ0 ? ? 'expression tag'        1313 22 
1 7FVL MET A 23 ? UNP Q8WWQ0 ? ? 'expression tag'        1314 23 
# 
_pdbx_struct_assembly.id                   1 
_pdbx_struct_assembly.details              author_and_software_defined_assembly 
_pdbx_struct_assembly.method_details       PISA 
_pdbx_struct_assembly.oligomeric_details   monomeric 
_pdbx_struct_assembly.oligomeric_count     1 
# 
_pdbx_struct_assembly_gen.assembly_id       1 
_pdbx_struct_assembly_gen.oper_expression   1 
_pdbx_struct_assembly_gen.asym_id_list      A,B,C 
# 
_pdbx_struct_oper_list.id                   1 
_pdbx_struct_oper_list.type                 'identity operation' 
_pdbx_struct_oper_list.name                 1_555 
_pdbx_struct_oper_list.symmetry_operation   x,y,z 
_pdbx_struct_oper_list.matrix[1][1]         1.0000000000 
_pdbx_struct_oper_list.matrix[1][2]         0.0000000000 
_pdbx_struct_oper_list.matrix[1][3]         0.0000000000 
_pdbx_struct_oper_list.vector[1]            0.0000000000 
_pdbx_struct_oper_list.matrix[2][1]         0.0000000000 
_pdbx_struct_oper_list.matrix[2][2]         1.0000000000 
_pdbx_struct_oper_list.matrix[2][3]         0.0000000000 
_pdbx_struct_oper_list.vector[2]            0.0000000000 
_pdbx_struct_oper_list.matrix[3][1]         0.0000000000 
_pdbx_struct_oper_list.matrix[3][2]         0.0000000000 
_pdbx_struct_oper_list.matrix[3][3]         1.0000000000 
_pdbx_struct_oper_list.vector[3]            0.0000000000 
# 
loop_
_struct_conf.conf_type_id 
_struct_conf.id 
_struct_conf.pdbx_PDB_helix_id 
_struct_conf.beg_label_comp_id 
_struct_conf.beg_label_asym_id 
_struct_conf.beg_label_seq_id 
_struct_conf.pdbx_beg_PDB_ins_code 
_struct_conf.end_label_comp_id 
_struct_conf.end_label_asym_id 
_struct_conf.end_label_seq_id 
_struct_conf.pdbx_end_PDB_ins_code 
_struct_conf.beg_auth_comp_id 
_struct_conf.beg_auth_asym_id 
_struct_conf.beg_auth_seq_id 
_struct_conf.end_auth_comp_id 
_struct_conf.end_auth_asym_id 
_struct_conf.end_auth_seq_id 
_struct_conf.pdbx_PDB_helix_class 
_struct_conf.details 
_struct_conf.pdbx_PDB_helix_length 
HELX_P HELX_P1 AA1 ALA A 29  ? CYS A 44  ? ALA A 1320 CYS A 1335 1 ? 16 
HELX_P HELX_P2 AA2 GLU A 45  ? ARG A 51  ? GLU A 1336 ARG A 1342 5 ? 7  
HELX_P HELX_P3 AA3 ASP A 61  ? ILE A 66  ? ASP A 1352 ILE A 1357 1 ? 6  
HELX_P HELX_P4 AA4 ASP A 71  ? ALA A 81  ? ASP A 1362 ALA A 1372 1 ? 11 
HELX_P HELX_P5 AA5 SER A 86  ? THR A 105 ? SER A 1377 THR A 1396 1 ? 20 
HELX_P HELX_P6 AA6 SER A 110 ? LYS A 142 ? SER A 1401 LYS A 1433 1 ? 33 
# 
_struct_conf_type.id          HELX_P 
_struct_conf_type.criteria    ? 
_struct_conf_type.reference   ? 
# 
loop_
_pdbx_validate_close_contact.id 
_pdbx_validate_close_contact.PDB_model_num 
_pdbx_validate_close_contact.auth_atom_id_1 
_pdbx_validate_close_contact.auth_asym_id_1 
_pdbx_validate_close_contact.auth_comp_id_1 
_pdbx_validate_close_contact.auth_seq_id_1 
_pdbx_validate_close_contact.PDB_ins_code_1 
_pdbx_validate_close_contact.label_alt_id_1 
_pdbx_validate_close_contact.auth_atom_id_2 
_pdbx_validate_close_contact.auth_asym_id_2 
_pdbx_validate_close_contact.auth_comp_id_2 
_pdbx_validate_close_contact.auth_seq_id_2 
_pdbx_validate_close_contact.PDB_ins_code_2 
_pdbx_validate_close_contact.label_alt_id_2 
_pdbx_validate_close_contact.dist 
1 1 O A HOH 2086 ? ? O A HOH 2108 ? ? 1.92 
2 1 O A HOH 2037 ? ? O A HOH 2146 ? ? 2.06 
3 1 O A SER 1315 ? ? O A HOH 2001 ? ? 2.08 
4 1 O A HOH 2001 ? ? O A HOH 2007 ? ? 2.13 
5 1 O A HOH 2050 ? ? O A HOH 2094 ? ? 2.14 
# 
_pdbx_validate_symm_contact.id                1 
_pdbx_validate_symm_contact.PDB_model_num     1 
_pdbx_validate_symm_contact.auth_atom_id_1    O 
_pdbx_validate_symm_contact.auth_asym_id_1    A 
_pdbx_validate_symm_contact.auth_comp_id_1    HOH 
_pdbx_validate_symm_contact.auth_seq_id_1     2163 
_pdbx_validate_symm_contact.PDB_ins_code_1    ? 
_pdbx_validate_symm_contact.label_alt_id_1    ? 
_pdbx_validate_symm_contact.site_symmetry_1   1_555 
_pdbx_validate_symm_contact.auth_atom_id_2    O 
_pdbx_validate_symm_contact.auth_asym_id_2    A 
_pdbx_validate_symm_contact.auth_comp_id_2    HOH 
_pdbx_validate_symm_contact.auth_seq_id_2     2177 
_pdbx_validate_symm_contact.PDB_ins_code_2    ? 
_pdbx_validate_symm_contact.label_alt_id_2    ? 
_pdbx_validate_symm_contact.site_symmetry_2   4_445 
_pdbx_validate_symm_contact.dist              2.12 
# 
loop_
_pdbx_validate_torsion.id 
_pdbx_validate_torsion.PDB_model_num 
_pdbx_validate_torsion.auth_comp_id 
_pdbx_validate_torsion.auth_asym_id 
_pdbx_validate_torsion.auth_seq_id 
_pdbx_validate_torsion.PDB_ins_code 
_pdbx_validate_torsion.label_alt_id 
_pdbx_validate_torsion.phi 
_pdbx_validate_torsion.psi 
1 1 VAL A 1345 ? ? -34.08 134.15 
2 1 ASP A 1346 ? ? -66.92 -72.77 
3 1 LEU A 1347 ? ? 110.14 -33.48 
# 
loop_
_pdbx_struct_special_symmetry.id 
_pdbx_struct_special_symmetry.PDB_model_num 
_pdbx_struct_special_symmetry.auth_asym_id 
_pdbx_struct_special_symmetry.auth_comp_id 
_pdbx_struct_special_symmetry.auth_seq_id 
_pdbx_struct_special_symmetry.PDB_ins_code 
_pdbx_struct_special_symmetry.label_asym_id 
_pdbx_struct_special_symmetry.label_comp_id 
_pdbx_struct_special_symmetry.label_seq_id 
1 1 A HOH 2119 ? C HOH . 
2 1 A HOH 2194 ? C HOH . 
# 
_phasing.method   MR 
# 
_pdbx_entry_details.entry_id                 7FVL 
_pdbx_entry_details.compound_details         ? 
_pdbx_entry_details.source_details           ? 
_pdbx_entry_details.nonpolymer_details       ? 
_pdbx_entry_details.sequence_details         ? 
_pdbx_entry_details.has_ligand_of_interest   Y 
# 
loop_
_pdbx_unobs_or_zero_occ_residues.id 
_pdbx_unobs_or_zero_occ_residues.PDB_model_num 
_pdbx_unobs_or_zero_occ_residues.polymer_flag 
_pdbx_unobs_or_zero_occ_residues.occupancy_flag 
_pdbx_unobs_or_zero_occ_residues.auth_asym_id 
_pdbx_unobs_or_zero_occ_residues.auth_comp_id 
_pdbx_unobs_or_zero_occ_residues.auth_seq_id 
_pdbx_unobs_or_zero_occ_residues.PDB_ins_code 
_pdbx_unobs_or_zero_occ_residues.label_asym_id 
_pdbx_unobs_or_zero_occ_residues.label_comp_id 
_pdbx_unobs_or_zero_occ_residues.label_seq_id 
1  1 Y 1 A MET 1292 ? A MET 1   
2  1 Y 1 A HIS 1293 ? A HIS 2   
3  1 Y 1 A HIS 1294 ? A HIS 3   
4  1 Y 1 A HIS 1295 ? A HIS 4   
5  1 Y 1 A HIS 1296 ? A HIS 5   
6  1 Y 1 A HIS 1297 ? A HIS 6   
7  1 Y 1 A HIS 1298 ? A HIS 7   
8  1 Y 1 A SER 1299 ? A SER 8   
9  1 Y 1 A SER 1300 ? A SER 9   
10 1 Y 1 A GLY 1301 ? A GLY 10  
11 1 Y 1 A VAL 1302 ? A VAL 11  
12 1 Y 1 A ASP 1303 ? A ASP 12  
13 1 Y 1 A LEU 1304 ? A LEU 13  
14 1 Y 1 A GLY 1305 ? A GLY 14  
15 1 Y 1 A THR 1306 ? A THR 15  
16 1 Y 1 A GLU 1307 ? A GLU 16  
17 1 Y 1 A ASN 1308 ? A ASN 17  
18 1 Y 1 A LEU 1309 ? A LEU 18  
19 1 Y 1 A TYR 1310 ? A TYR 19  
20 1 Y 1 A PHE 1311 ? A PHE 20  
21 1 Y 1 A GLN 1312 ? A GLN 21  
22 1 Y 1 A SER 1313 ? A SER 22  
23 1 Y 1 A MET 1314 ? A MET 23  
24 1 Y 1 A THR 1436 ? A THR 145 
25 1 Y 1 A ILE 1437 ? A ILE 146 
26 1 Y 1 A THR 1438 ? A THR 147 
27 1 Y 1 A LYS 1439 ? A LYS 148 
28 1 Y 1 A ARG 1440 ? A ARG 149 
# 
loop_
_chem_comp_atom.comp_id 
_chem_comp_atom.atom_id 
_chem_comp_atom.type_symbol 
_chem_comp_atom.pdbx_aromatic_flag 
_chem_comp_atom.pdbx_stereo_config 
_chem_comp_atom.pdbx_ordinal 
ALA N    N N N 1   
ALA CA   C N S 2   
ALA C    C N N 3   
ALA O    O N N 4   
ALA CB   C N N 5   
ALA OXT  O N N 6   
ALA H    H N N 7   
ALA H2   H N N 8   
ALA HA   H N N 9   
ALA HB1  H N N 10  
ALA HB2  H N N 11  
ALA HB3  H N N 12  
ALA HXT  H N N 13  
ARG N    N N N 14  
ARG CA   C N S 15  
ARG C    C N N 16  
ARG O    O N N 17  
ARG CB   C N N 18  
ARG CG   C N N 19  
ARG CD   C N N 20  
ARG NE   N N N 21  
ARG CZ   C N N 22  
ARG NH1  N N N 23  
ARG NH2  N N N 24  
ARG OXT  O N N 25  
ARG H    H N N 26  
ARG H2   H N N 27  
ARG HA   H N N 28  
ARG HB2  H N N 29  
ARG HB3  H N N 30  
ARG HG2  H N N 31  
ARG HG3  H N N 32  
ARG HD2  H N N 33  
ARG HD3  H N N 34  
ARG HE   H N N 35  
ARG HH11 H N N 36  
ARG HH12 H N N 37  
ARG HH21 H N N 38  
ARG HH22 H N N 39  
ARG HXT  H N N 40  
ASN N    N N N 41  
ASN CA   C N S 42  
ASN C    C N N 43  
ASN O    O N N 44  
ASN CB   C N N 45  
ASN CG   C N N 46  
ASN OD1  O N N 47  
ASN ND2  N N N 48  
ASN OXT  O N N 49  
ASN H    H N N 50  
ASN H2   H N N 51  
ASN HA   H N N 52  
ASN HB2  H N N 53  
ASN HB3  H N N 54  
ASN HD21 H N N 55  
ASN HD22 H N N 56  
ASN HXT  H N N 57  
ASP N    N N N 58  
ASP CA   C N S 59  
ASP C    C N N 60  
ASP O    O N N 61  
ASP CB   C N N 62  
ASP CG   C N N 63  
ASP OD1  O N N 64  
ASP OD2  O N N 65  
ASP OXT  O N N 66  
ASP H    H N N 67  
ASP H2   H N N 68  
ASP HA   H N N 69  
ASP HB2  H N N 70  
ASP HB3  H N N 71  
ASP HD2  H N N 72  
ASP HXT  H N N 73  
CYS N    N N N 74  
CYS CA   C N R 75  
CYS C    C N N 76  
CYS O    O N N 77  
CYS CB   C N N 78  
CYS SG   S N N 79  
CYS OXT  O N N 80  
CYS H    H N N 81  
CYS H2   H N N 82  
CYS HA   H N N 83  
CYS HB2  H N N 84  
CYS HB3  H N N 85  
CYS HG   H N N 86  
CYS HXT  H N N 87  
GLN N    N N N 88  
GLN CA   C N S 89  
GLN C    C N N 90  
GLN O    O N N 91  
GLN CB   C N N 92  
GLN CG   C N N 93  
GLN CD   C N N 94  
GLN OE1  O N N 95  
GLN NE2  N N N 96  
GLN OXT  O N N 97  
GLN H    H N N 98  
GLN H2   H N N 99  
GLN HA   H N N 100 
GLN HB2  H N N 101 
GLN HB3  H N N 102 
GLN HG2  H N N 103 
GLN HG3  H N N 104 
GLN HE21 H N N 105 
GLN HE22 H N N 106 
GLN HXT  H N N 107 
GLU N    N N N 108 
GLU CA   C N S 109 
GLU C    C N N 110 
GLU O    O N N 111 
GLU CB   C N N 112 
GLU CG   C N N 113 
GLU CD   C N N 114 
GLU OE1  O N N 115 
GLU OE2  O N N 116 
GLU OXT  O N N 117 
GLU H    H N N 118 
GLU H2   H N N 119 
GLU HA   H N N 120 
GLU HB2  H N N 121 
GLU HB3  H N N 122 
GLU HG2  H N N 123 
GLU HG3  H N N 124 
GLU HE2  H N N 125 
GLU HXT  H N N 126 
GLY N    N N N 127 
GLY CA   C N N 128 
GLY C    C N N 129 
GLY O    O N N 130 
GLY OXT  O N N 131 
GLY H    H N N 132 
GLY H2   H N N 133 
GLY HA2  H N N 134 
GLY HA3  H N N 135 
GLY HXT  H N N 136 
HIS N    N N N 137 
HIS CA   C N S 138 
HIS C    C N N 139 
HIS O    O N N 140 
HIS CB   C N N 141 
HIS CG   C Y N 142 
HIS ND1  N Y N 143 
HIS CD2  C Y N 144 
HIS CE1  C Y N 145 
HIS NE2  N Y N 146 
HIS OXT  O N N 147 
HIS H    H N N 148 
HIS H2   H N N 149 
HIS HA   H N N 150 
HIS HB2  H N N 151 
HIS HB3  H N N 152 
HIS HD1  H N N 153 
HIS HD2  H N N 154 
HIS HE1  H N N 155 
HIS HE2  H N N 156 
HIS HXT  H N N 157 
HOH O    O N N 158 
HOH H1   H N N 159 
HOH H2   H N N 160 
ILE N    N N N 161 
ILE CA   C N S 162 
ILE C    C N N 163 
ILE O    O N N 164 
ILE CB   C N S 165 
ILE CG1  C N N 166 
ILE CG2  C N N 167 
ILE CD1  C N N 168 
ILE OXT  O N N 169 
ILE H    H N N 170 
ILE H2   H N N 171 
ILE HA   H N N 172 
ILE HB   H N N 173 
ILE HG12 H N N 174 
ILE HG13 H N N 175 
ILE HG21 H N N 176 
ILE HG22 H N N 177 
ILE HG23 H N N 178 
ILE HD11 H N N 179 
ILE HD12 H N N 180 
ILE HD13 H N N 181 
ILE HXT  H N N 182 
LEU N    N N N 183 
LEU CA   C N S 184 
LEU C    C N N 185 
LEU O    O N N 186 
LEU CB   C N N 187 
LEU CG   C N N 188 
LEU CD1  C N N 189 
LEU CD2  C N N 190 
LEU OXT  O N N 191 
LEU H    H N N 192 
LEU H2   H N N 193 
LEU HA   H N N 194 
LEU HB2  H N N 195 
LEU HB3  H N N 196 
LEU HG   H N N 197 
LEU HD11 H N N 198 
LEU HD12 H N N 199 
LEU HD13 H N N 200 
LEU HD21 H N N 201 
LEU HD22 H N N 202 
LEU HD23 H N N 203 
LEU HXT  H N N 204 
LYS N    N N N 205 
LYS CA   C N S 206 
LYS C    C N N 207 
LYS O    O N N 208 
LYS CB   C N N 209 
LYS CG   C N N 210 
LYS CD   C N N 211 
LYS CE   C N N 212 
LYS NZ   N N N 213 
LYS OXT  O N N 214 
LYS H    H N N 215 
LYS H2   H N N 216 
LYS HA   H N N 217 
LYS HB2  H N N 218 
LYS HB3  H N N 219 
LYS HG2  H N N 220 
LYS HG3  H N N 221 
LYS HD2  H N N 222 
LYS HD3  H N N 223 
LYS HE2  H N N 224 
LYS HE3  H N N 225 
LYS HZ1  H N N 226 
LYS HZ2  H N N 227 
LYS HZ3  H N N 228 
LYS HXT  H N N 229 
MET N    N N N 230 
MET CA   C N S 231 
MET C    C N N 232 
MET O    O N N 233 
MET CB   C N N 234 
MET CG   C N N 235 
MET SD   S N N 236 
MET CE   C N N 237 
MET OXT  O N N 238 
MET H    H N N 239 
MET H2   H N N 240 
MET HA   H N N 241 
MET HB2  H N N 242 
MET HB3  H N N 243 
MET HG2  H N N 244 
MET HG3  H N N 245 
MET HE1  H N N 246 
MET HE2  H N N 247 
MET HE3  H N N 248 
MET HXT  H N N 249 
PHE N    N N N 250 
PHE CA   C N S 251 
PHE C    C N N 252 
PHE O    O N N 253 
PHE CB   C N N 254 
PHE CG   C Y N 255 
PHE CD1  C Y N 256 
PHE CD2  C Y N 257 
PHE CE1  C Y N 258 
PHE CE2  C Y N 259 
PHE CZ   C Y N 260 
PHE OXT  O N N 261 
PHE H    H N N 262 
PHE H2   H N N 263 
PHE HA   H N N 264 
PHE HB2  H N N 265 
PHE HB3  H N N 266 
PHE HD1  H N N 267 
PHE HD2  H N N 268 
PHE HE1  H N N 269 
PHE HE2  H N N 270 
PHE HZ   H N N 271 
PHE HXT  H N N 272 
PRO N    N N N 273 
PRO CA   C N S 274 
PRO C    C N N 275 
PRO O    O N N 276 
PRO CB   C N N 277 
PRO CG   C N N 278 
PRO CD   C N N 279 
PRO OXT  O N N 280 
PRO H    H N N 281 
PRO HA   H N N 282 
PRO HB2  H N N 283 
PRO HB3  H N N 284 
PRO HG2  H N N 285 
PRO HG3  H N N 286 
PRO HD2  H N N 287 
PRO HD3  H N N 288 
PRO HXT  H N N 289 
SER N    N N N 290 
SER CA   C N S 291 
SER C    C N N 292 
SER O    O N N 293 
SER CB   C N N 294 
SER OG   O N N 295 
SER OXT  O N N 296 
SER H    H N N 297 
SER H2   H N N 298 
SER HA   H N N 299 
SER HB2  H N N 300 
SER HB3  H N N 301 
SER HG   H N N 302 
SER HXT  H N N 303 
THR N    N N N 304 
THR CA   C N S 305 
THR C    C N N 306 
THR O    O N N 307 
THR CB   C N R 308 
THR OG1  O N N 309 
THR CG2  C N N 310 
THR OXT  O N N 311 
THR H    H N N 312 
THR H2   H N N 313 
THR HA   H N N 314 
THR HB   H N N 315 
THR HG1  H N N 316 
THR HG21 H N N 317 
THR HG22 H N N 318 
THR HG23 H N N 319 
THR HXT  H N N 320 
TRP N    N N N 321 
TRP CA   C N S 322 
TRP C    C N N 323 
TRP O    O N N 324 
TRP CB   C N N 325 
TRP CG   C Y N 326 
TRP CD1  C Y N 327 
TRP CD2  C Y N 328 
TRP NE1  N Y N 329 
TRP CE2  C Y N 330 
TRP CE3  C Y N 331 
TRP CZ2  C Y N 332 
TRP CZ3  C Y N 333 
TRP CH2  C Y N 334 
TRP OXT  O N N 335 
TRP H    H N N 336 
TRP H2   H N N 337 
TRP HA   H N N 338 
TRP HB2  H N N 339 
TRP HB3  H N N 340 
TRP HD1  H N N 341 
TRP HE1  H N N 342 
TRP HE3  H N N 343 
TRP HZ2  H N N 344 
TRP HZ3  H N N 345 
TRP HH2  H N N 346 
TRP HXT  H N N 347 
TYR N    N N N 348 
TYR CA   C N S 349 
TYR C    C N N 350 
TYR O    O N N 351 
TYR CB   C N N 352 
TYR CG   C Y N 353 
TYR CD1  C Y N 354 
TYR CD2  C Y N 355 
TYR CE1  C Y N 356 
TYR CE2  C Y N 357 
TYR CZ   C Y N 358 
TYR OH   O N N 359 
TYR OXT  O N N 360 
TYR H    H N N 361 
TYR H2   H N N 362 
TYR HA   H N N 363 
TYR HB2  H N N 364 
TYR HB3  H N N 365 
TYR HD1  H N N 366 
TYR HD2  H N N 367 
TYR HE1  H N N 368 
TYR HE2  H N N 369 
TYR HH   H N N 370 
TYR HXT  H N N 371 
VAL N    N N N 372 
VAL CA   C N S 373 
VAL C    C N N 374 
VAL O    O N N 375 
VAL CB   C N N 376 
VAL CG1  C N N 377 
VAL CG2  C N N 378 
VAL OXT  O N N 379 
VAL H    H N N 380 
VAL H2   H N N 381 
VAL HA   H N N 382 
VAL HB   H N N 383 
VAL HG11 H N N 384 
VAL HG12 H N N 385 
VAL HG13 H N N 386 
VAL HG21 H N N 387 
VAL HG22 H N N 388 
VAL HG23 H N N 389 
VAL HXT  H N N 390 
ZP0 C13  C N N 391 
ZP0 C15  C N N 392 
ZP0 C17  C N N 393 
ZP0 C20  C Y N 394 
ZP0 C21  C Y N 395 
ZP0 C22  C Y N 396 
ZP0 C26  C N N 397 
ZP0 C01  C N N 398 
ZP0 C02  C N N 399 
ZP0 C03  C N N 400 
ZP0 C04  C N N 401 
ZP0 O05  O N N 402 
ZP0 C06  C N S 403 
ZP0 C07  C N N 404 
ZP0 N08  N N N 405 
ZP0 C09  C N N 406 
ZP0 O10  O N N 407 
ZP0 N11  N N N 408 
ZP0 C12  C N N 409 
ZP0 N14  N N N 410 
ZP0 C16  C N N 411 
ZP0 O18  O N N 412 
ZP0 C19  C Y N 413 
ZP0 C23  C Y N 414 
ZP0 O24  O N N 415 
ZP0 C25  C Y N 416 
ZP0 O27  O N N 417 
ZP0 H132 H N N 418 
ZP0 H131 H N N 419 
ZP0 H151 H N N 420 
ZP0 H152 H N N 421 
ZP0 H201 H N N 422 
ZP0 H211 H N N 423 
ZP0 H221 H N N 424 
ZP0 H261 H N N 425 
ZP0 H262 H N N 426 
ZP0 H011 H N N 427 
ZP0 H012 H N N 428 
ZP0 H013 H N N 429 
ZP0 H032 H N N 430 
ZP0 H033 H N N 431 
ZP0 H031 H N N 432 
ZP0 H042 H N N 433 
ZP0 H041 H N N 434 
ZP0 H061 H N N 435 
ZP0 H072 H N N 436 
ZP0 H071 H N N 437 
ZP0 H081 H N N 438 
ZP0 H122 H N N 439 
ZP0 H121 H N N 440 
ZP0 H162 H N N 441 
ZP0 H161 H N N 442 
ZP0 H241 H N N 443 
ZP0 H251 H N N 444 
# 
loop_
_chem_comp_bond.comp_id 
_chem_comp_bond.atom_id_1 
_chem_comp_bond.atom_id_2 
_chem_comp_bond.value_order 
_chem_comp_bond.pdbx_aromatic_flag 
_chem_comp_bond.pdbx_stereo_config 
_chem_comp_bond.pdbx_ordinal 
ALA N   CA   sing N N 1   
ALA N   H    sing N N 2   
ALA N   H2   sing N N 3   
ALA CA  C    sing N N 4   
ALA CA  CB   sing N N 5   
ALA CA  HA   sing N N 6   
ALA C   O    doub N N 7   
ALA C   OXT  sing N N 8   
ALA CB  HB1  sing N N 9   
ALA CB  HB2  sing N N 10  
ALA CB  HB3  sing N N 11  
ALA OXT HXT  sing N N 12  
ARG N   CA   sing N N 13  
ARG N   H    sing N N 14  
ARG N   H2   sing N N 15  
ARG CA  C    sing N N 16  
ARG CA  CB   sing N N 17  
ARG CA  HA   sing N N 18  
ARG C   O    doub N N 19  
ARG C   OXT  sing N N 20  
ARG CB  CG   sing N N 21  
ARG CB  HB2  sing N N 22  
ARG CB  HB3  sing N N 23  
ARG CG  CD   sing N N 24  
ARG CG  HG2  sing N N 25  
ARG CG  HG3  sing N N 26  
ARG CD  NE   sing N N 27  
ARG CD  HD2  sing N N 28  
ARG CD  HD3  sing N N 29  
ARG NE  CZ   sing N N 30  
ARG NE  HE   sing N N 31  
ARG CZ  NH1  sing N N 32  
ARG CZ  NH2  doub N N 33  
ARG NH1 HH11 sing N N 34  
ARG NH1 HH12 sing N N 35  
ARG NH2 HH21 sing N N 36  
ARG NH2 HH22 sing N N 37  
ARG OXT HXT  sing N N 38  
ASN N   CA   sing N N 39  
ASN N   H    sing N N 40  
ASN N   H2   sing N N 41  
ASN CA  C    sing N N 42  
ASN CA  CB   sing N N 43  
ASN CA  HA   sing N N 44  
ASN C   O    doub N N 45  
ASN C   OXT  sing N N 46  
ASN CB  CG   sing N N 47  
ASN CB  HB2  sing N N 48  
ASN CB  HB3  sing N N 49  
ASN CG  OD1  doub N N 50  
ASN CG  ND2  sing N N 51  
ASN ND2 HD21 sing N N 52  
ASN ND2 HD22 sing N N 53  
ASN OXT HXT  sing N N 54  
ASP N   CA   sing N N 55  
ASP N   H    sing N N 56  
ASP N   H2   sing N N 57  
ASP CA  C    sing N N 58  
ASP CA  CB   sing N N 59  
ASP CA  HA   sing N N 60  
ASP C   O    doub N N 61  
ASP C   OXT  sing N N 62  
ASP CB  CG   sing N N 63  
ASP CB  HB2  sing N N 64  
ASP CB  HB3  sing N N 65  
ASP CG  OD1  doub N N 66  
ASP CG  OD2  sing N N 67  
ASP OD2 HD2  sing N N 68  
ASP OXT HXT  sing N N 69  
CYS N   CA   sing N N 70  
CYS N   H    sing N N 71  
CYS N   H2   sing N N 72  
CYS CA  C    sing N N 73  
CYS CA  CB   sing N N 74  
CYS CA  HA   sing N N 75  
CYS C   O    doub N N 76  
CYS C   OXT  sing N N 77  
CYS CB  SG   sing N N 78  
CYS CB  HB2  sing N N 79  
CYS CB  HB3  sing N N 80  
CYS SG  HG   sing N N 81  
CYS OXT HXT  sing N N 82  
GLN N   CA   sing N N 83  
GLN N   H    sing N N 84  
GLN N   H2   sing N N 85  
GLN CA  C    sing N N 86  
GLN CA  CB   sing N N 87  
GLN CA  HA   sing N N 88  
GLN C   O    doub N N 89  
GLN C   OXT  sing N N 90  
GLN CB  CG   sing N N 91  
GLN CB  HB2  sing N N 92  
GLN CB  HB3  sing N N 93  
GLN CG  CD   sing N N 94  
GLN CG  HG2  sing N N 95  
GLN CG  HG3  sing N N 96  
GLN CD  OE1  doub N N 97  
GLN CD  NE2  sing N N 98  
GLN NE2 HE21 sing N N 99  
GLN NE2 HE22 sing N N 100 
GLN OXT HXT  sing N N 101 
GLU N   CA   sing N N 102 
GLU N   H    sing N N 103 
GLU N   H2   sing N N 104 
GLU CA  C    sing N N 105 
GLU CA  CB   sing N N 106 
GLU CA  HA   sing N N 107 
GLU C   O    doub N N 108 
GLU C   OXT  sing N N 109 
GLU CB  CG   sing N N 110 
GLU CB  HB2  sing N N 111 
GLU CB  HB3  sing N N 112 
GLU CG  CD   sing N N 113 
GLU CG  HG2  sing N N 114 
GLU CG  HG3  sing N N 115 
GLU CD  OE1  doub N N 116 
GLU CD  OE2  sing N N 117 
GLU OE2 HE2  sing N N 118 
GLU OXT HXT  sing N N 119 
GLY N   CA   sing N N 120 
GLY N   H    sing N N 121 
GLY N   H2   sing N N 122 
GLY CA  C    sing N N 123 
GLY CA  HA2  sing N N 124 
GLY CA  HA3  sing N N 125 
GLY C   O    doub N N 126 
GLY C   OXT  sing N N 127 
GLY OXT HXT  sing N N 128 
HIS N   CA   sing N N 129 
HIS N   H    sing N N 130 
HIS N   H2   sing N N 131 
HIS CA  C    sing N N 132 
HIS CA  CB   sing N N 133 
HIS CA  HA   sing N N 134 
HIS C   O    doub N N 135 
HIS C   OXT  sing N N 136 
HIS CB  CG   sing N N 137 
HIS CB  HB2  sing N N 138 
HIS CB  HB3  sing N N 139 
HIS CG  ND1  sing Y N 140 
HIS CG  CD2  doub Y N 141 
HIS ND1 CE1  doub Y N 142 
HIS ND1 HD1  sing N N 143 
HIS CD2 NE2  sing Y N 144 
HIS CD2 HD2  sing N N 145 
HIS CE1 NE2  sing Y N 146 
HIS CE1 HE1  sing N N 147 
HIS NE2 HE2  sing N N 148 
HIS OXT HXT  sing N N 149 
HOH O   H1   sing N N 150 
HOH O   H2   sing N N 151 
ILE N   CA   sing N N 152 
ILE N   H    sing N N 153 
ILE N   H2   sing N N 154 
ILE CA  C    sing N N 155 
ILE CA  CB   sing N N 156 
ILE CA  HA   sing N N 157 
ILE C   O    doub N N 158 
ILE C   OXT  sing N N 159 
ILE CB  CG1  sing N N 160 
ILE CB  CG2  sing N N 161 
ILE CB  HB   sing N N 162 
ILE CG1 CD1  sing N N 163 
ILE CG1 HG12 sing N N 164 
ILE CG1 HG13 sing N N 165 
ILE CG2 HG21 sing N N 166 
ILE CG2 HG22 sing N N 167 
ILE CG2 HG23 sing N N 168 
ILE CD1 HD11 sing N N 169 
ILE CD1 HD12 sing N N 170 
ILE CD1 HD13 sing N N 171 
ILE OXT HXT  sing N N 172 
LEU N   CA   sing N N 173 
LEU N   H    sing N N 174 
LEU N   H2   sing N N 175 
LEU CA  C    sing N N 176 
LEU CA  CB   sing N N 177 
LEU CA  HA   sing N N 178 
LEU C   O    doub N N 179 
LEU C   OXT  sing N N 180 
LEU CB  CG   sing N N 181 
LEU CB  HB2  sing N N 182 
LEU CB  HB3  sing N N 183 
LEU CG  CD1  sing N N 184 
LEU CG  CD2  sing N N 185 
LEU CG  HG   sing N N 186 
LEU CD1 HD11 sing N N 187 
LEU CD1 HD12 sing N N 188 
LEU CD1 HD13 sing N N 189 
LEU CD2 HD21 sing N N 190 
LEU CD2 HD22 sing N N 191 
LEU CD2 HD23 sing N N 192 
LEU OXT HXT  sing N N 193 
LYS N   CA   sing N N 194 
LYS N   H    sing N N 195 
LYS N   H2   sing N N 196 
LYS CA  C    sing N N 197 
LYS CA  CB   sing N N 198 
LYS CA  HA   sing N N 199 
LYS C   O    doub N N 200 
LYS C   OXT  sing N N 201 
LYS CB  CG   sing N N 202 
LYS CB  HB2  sing N N 203 
LYS CB  HB3  sing N N 204 
LYS CG  CD   sing N N 205 
LYS CG  HG2  sing N N 206 
LYS CG  HG3  sing N N 207 
LYS CD  CE   sing N N 208 
LYS CD  HD2  sing N N 209 
LYS CD  HD3  sing N N 210 
LYS CE  NZ   sing N N 211 
LYS CE  HE2  sing N N 212 
LYS CE  HE3  sing N N 213 
LYS NZ  HZ1  sing N N 214 
LYS NZ  HZ2  sing N N 215 
LYS NZ  HZ3  sing N N 216 
LYS OXT HXT  sing N N 217 
MET N   CA   sing N N 218 
MET N   H    sing N N 219 
MET N   H2   sing N N 220 
MET CA  C    sing N N 221 
MET CA  CB   sing N N 222 
MET CA  HA   sing N N 223 
MET C   O    doub N N 224 
MET C   OXT  sing N N 225 
MET CB  CG   sing N N 226 
MET CB  HB2  sing N N 227 
MET CB  HB3  sing N N 228 
MET CG  SD   sing N N 229 
MET CG  HG2  sing N N 230 
MET CG  HG3  sing N N 231 
MET SD  CE   sing N N 232 
MET CE  HE1  sing N N 233 
MET CE  HE2  sing N N 234 
MET CE  HE3  sing N N 235 
MET OXT HXT  sing N N 236 
PHE N   CA   sing N N 237 
PHE N   H    sing N N 238 
PHE N   H2   sing N N 239 
PHE CA  C    sing N N 240 
PHE CA  CB   sing N N 241 
PHE CA  HA   sing N N 242 
PHE C   O    doub N N 243 
PHE C   OXT  sing N N 244 
PHE CB  CG   sing N N 245 
PHE CB  HB2  sing N N 246 
PHE CB  HB3  sing N N 247 
PHE CG  CD1  doub Y N 248 
PHE CG  CD2  sing Y N 249 
PHE CD1 CE1  sing Y N 250 
PHE CD1 HD1  sing N N 251 
PHE CD2 CE2  doub Y N 252 
PHE CD2 HD2  sing N N 253 
PHE CE1 CZ   doub Y N 254 
PHE CE1 HE1  sing N N 255 
PHE CE2 CZ   sing Y N 256 
PHE CE2 HE2  sing N N 257 
PHE CZ  HZ   sing N N 258 
PHE OXT HXT  sing N N 259 
PRO N   CA   sing N N 260 
PRO N   CD   sing N N 261 
PRO N   H    sing N N 262 
PRO CA  C    sing N N 263 
PRO CA  CB   sing N N 264 
PRO CA  HA   sing N N 265 
PRO C   O    doub N N 266 
PRO C   OXT  sing N N 267 
PRO CB  CG   sing N N 268 
PRO CB  HB2  sing N N 269 
PRO CB  HB3  sing N N 270 
PRO CG  CD   sing N N 271 
PRO CG  HG2  sing N N 272 
PRO CG  HG3  sing N N 273 
PRO CD  HD2  sing N N 274 
PRO CD  HD3  sing N N 275 
PRO OXT HXT  sing N N 276 
SER N   CA   sing N N 277 
SER N   H    sing N N 278 
SER N   H2   sing N N 279 
SER CA  C    sing N N 280 
SER CA  CB   sing N N 281 
SER CA  HA   sing N N 282 
SER C   O    doub N N 283 
SER C   OXT  sing N N 284 
SER CB  OG   sing N N 285 
SER CB  HB2  sing N N 286 
SER CB  HB3  sing N N 287 
SER OG  HG   sing N N 288 
SER OXT HXT  sing N N 289 
THR N   CA   sing N N 290 
THR N   H    sing N N 291 
THR N   H2   sing N N 292 
THR CA  C    sing N N 293 
THR CA  CB   sing N N 294 
THR CA  HA   sing N N 295 
THR C   O    doub N N 296 
THR C   OXT  sing N N 297 
THR CB  OG1  sing N N 298 
THR CB  CG2  sing N N 299 
THR CB  HB   sing N N 300 
THR OG1 HG1  sing N N 301 
THR CG2 HG21 sing N N 302 
THR CG2 HG22 sing N N 303 
THR CG2 HG23 sing N N 304 
THR OXT HXT  sing N N 305 
TRP N   CA   sing N N 306 
TRP N   H    sing N N 307 
TRP N   H2   sing N N 308 
TRP CA  C    sing N N 309 
TRP CA  CB   sing N N 310 
TRP CA  HA   sing N N 311 
TRP C   O    doub N N 312 
TRP C   OXT  sing N N 313 
TRP CB  CG   sing N N 314 
TRP CB  HB2  sing N N 315 
TRP CB  HB3  sing N N 316 
TRP CG  CD1  doub Y N 317 
TRP CG  CD2  sing Y N 318 
TRP CD1 NE1  sing Y N 319 
TRP CD1 HD1  sing N N 320 
TRP CD2 CE2  doub Y N 321 
TRP CD2 CE3  sing Y N 322 
TRP NE1 CE2  sing Y N 323 
TRP NE1 HE1  sing N N 324 
TRP CE2 CZ2  sing Y N 325 
TRP CE3 CZ3  doub Y N 326 
TRP CE3 HE3  sing N N 327 
TRP CZ2 CH2  doub Y N 328 
TRP CZ2 HZ2  sing N N 329 
TRP CZ3 CH2  sing Y N 330 
TRP CZ3 HZ3  sing N N 331 
TRP CH2 HH2  sing N N 332 
TRP OXT HXT  sing N N 333 
TYR N   CA   sing N N 334 
TYR N   H    sing N N 335 
TYR N   H2   sing N N 336 
TYR CA  C    sing N N 337 
TYR CA  CB   sing N N 338 
TYR CA  HA   sing N N 339 
TYR C   O    doub N N 340 
TYR C   OXT  sing N N 341 
TYR CB  CG   sing N N 342 
TYR CB  HB2  sing N N 343 
TYR CB  HB3  sing N N 344 
TYR CG  CD1  doub Y N 345 
TYR CG  CD2  sing Y N 346 
TYR CD1 CE1  sing Y N 347 
TYR CD1 HD1  sing N N 348 
TYR CD2 CE2  doub Y N 349 
TYR CD2 HD2  sing N N 350 
TYR CE1 CZ   doub Y N 351 
TYR CE1 HE1  sing N N 352 
TYR CE2 CZ   sing Y N 353 
TYR CE2 HE2  sing N N 354 
TYR CZ  OH   sing N N 355 
TYR OH  HH   sing N N 356 
TYR OXT HXT  sing N N 357 
VAL N   CA   sing N N 358 
VAL N   H    sing N N 359 
VAL N   H2   sing N N 360 
VAL CA  C    sing N N 361 
VAL CA  CB   sing N N 362 
VAL CA  HA   sing N N 363 
VAL C   O    doub N N 364 
VAL C   OXT  sing N N 365 
VAL CB  CG1  sing N N 366 
VAL CB  CG2  sing N N 367 
VAL CB  HB   sing N N 368 
VAL CG1 HG11 sing N N 369 
VAL CG1 HG12 sing N N 370 
VAL CG1 HG13 sing N N 371 
VAL CG2 HG21 sing N N 372 
VAL CG2 HG22 sing N N 373 
VAL CG2 HG23 sing N N 374 
VAL OXT HXT  sing N N 375 
ZP0 C02 C01  sing N N 376 
ZP0 C03 C02  sing N N 377 
ZP0 C04 C02  sing N N 378 
ZP0 O05 C04  sing N N 379 
ZP0 C06 O05  sing N N 380 
ZP0 N08 C07  sing N N 381 
ZP0 C09 N08  sing N N 382 
ZP0 O10 C09  doub N N 383 
ZP0 N11 C09  sing N N 384 
ZP0 C12 N11  sing N N 385 
ZP0 C13 C12  sing N N 386 
ZP0 N14 C13  sing N N 387 
ZP0 C16 C15  sing N N 388 
ZP0 C15 N14  sing N N 389 
ZP0 C17 N14  sing N N 390 
ZP0 O18 C17  doub N N 391 
ZP0 C19 C17  sing N N 392 
ZP0 C20 C19  doub Y N 393 
ZP0 C21 C20  sing Y N 394 
ZP0 C22 C21  doub Y N 395 
ZP0 C23 C22  sing Y N 396 
ZP0 O24 C23  sing N N 397 
ZP0 C25 C23  doub Y N 398 
ZP0 C07 C06  sing N N 399 
ZP0 C26 C06  sing N N 400 
ZP0 O27 C26  sing N N 401 
ZP0 C02 O27  sing N N 402 
ZP0 N11 C16  sing N N 403 
ZP0 C19 C25  sing Y N 404 
ZP0 C13 H132 sing N N 405 
ZP0 C13 H131 sing N N 406 
ZP0 C15 H151 sing N N 407 
ZP0 C15 H152 sing N N 408 
ZP0 C20 H201 sing N N 409 
ZP0 C21 H211 sing N N 410 
ZP0 C22 H221 sing N N 411 
ZP0 C26 H261 sing N N 412 
ZP0 C26 H262 sing N N 413 
ZP0 C01 H011 sing N N 414 
ZP0 C01 H012 sing N N 415 
ZP0 C01 H013 sing N N 416 
ZP0 C03 H032 sing N N 417 
ZP0 C03 H033 sing N N 418 
ZP0 C03 H031 sing N N 419 
ZP0 C04 H042 sing N N 420 
ZP0 C04 H041 sing N N 421 
ZP0 C06 H061 sing N N 422 
ZP0 C07 H072 sing N N 423 
ZP0 C07 H071 sing N N 424 
ZP0 N08 H081 sing N N 425 
ZP0 C12 H122 sing N N 426 
ZP0 C12 H121 sing N N 427 
ZP0 C16 H162 sing N N 428 
ZP0 C16 H161 sing N N 429 
ZP0 O24 H241 sing N N 430 
ZP0 C25 H251 sing N N 431 
# 
_pdbx_audit_support.ordinal                1 
_pdbx_audit_support.funding_organization   'Wellcome Trust' 
_pdbx_audit_support.grant_number           None 
_pdbx_audit_support.country                'United Kingdom' 
# 
_pdbx_deposit_group.group_id            G_1002265 
_pdbx_deposit_group.group_description   
;XDomainX of XOrganismX PHIP screened against predicted false negatives and catalogue compounds by X-ray Crystallography at the XChem facility of Diamond Light Source beamline I04-1
;
_pdbx_deposit_group.group_title         'PanDDA analysis group deposition' 
_pdbx_deposit_group.group_type          'changed state' 
# 
_pdbx_entity_instance_feature.ordinal        1 
_pdbx_entity_instance_feature.comp_id        ZP0 
_pdbx_entity_instance_feature.asym_id        ? 
_pdbx_entity_instance_feature.seq_num        ? 
_pdbx_entity_instance_feature.auth_comp_id   ZP0 
_pdbx_entity_instance_feature.auth_asym_id   ? 
_pdbx_entity_instance_feature.auth_seq_num   ? 
_pdbx_entity_instance_feature.feature_type   'SUBJECT OF INVESTIGATION' 
_pdbx_entity_instance_feature.details        ? 
# 
_atom_sites.entry_id                    7FVL 
_atom_sites.fract_transf_matrix[1][1]   -0.00336381 
_atom_sites.fract_transf_matrix[1][2]   0.00727437 
_atom_sites.fract_transf_matrix[1][3]   -0.00945107 
_atom_sites.fract_transf_matrix[2][1]   -0.01646300 
_atom_sites.fract_transf_matrix[2][2]   -0.02834959 
_atom_sites.fract_transf_matrix[2][3]   -0.01596082 
_atom_sites.fract_transf_matrix[3][1]   -0.01595197 
_atom_sites.fract_transf_matrix[3][2]   0.00583980 
_atom_sites.fract_transf_matrix[3][3]   0.00608123 
_atom_sites.fract_transf_vector[1]      -0.145524 
_atom_sites.fract_transf_vector[2]      0.447840 
_atom_sites.fract_transf_vector[3]      0.216338 
# 
loop_
_atom_type.symbol 
C 
N 
O 
S 
# 
loop_
_atom_site.group_PDB 
_atom_site.id 
_atom_site.type_symbol 
_atom_site.label_atom_id 
_atom_site.label_alt_id 
_atom_site.label_comp_id 
_atom_site.label_asym_id 
_atom_site.label_entity_id 
_atom_site.label_seq_id 
_atom_site.pdbx_PDB_ins_code 
_atom_site.Cartn_x 
_atom_site.Cartn_y 
_atom_site.Cartn_z 
_atom_site.occupancy 
_atom_site.B_iso_or_equiv 
_atom_site.pdbx_formal_charge 
_atom_site.auth_seq_id 
_atom_site.auth_comp_id 
_atom_site.auth_asym_id 
_atom_site.auth_atom_id 
_atom_site.pdbx_PDB_model_num 
ATOM   1    N N   . SER A 1 24  ? 19.211  -7.124  -10.410 1.00 21.02  ? 1315 SER A N   1 
ATOM   2    C CA  . SER A 1 24  ? 18.766  -6.429  -11.653 1.00 18.23  ? 1315 SER A CA  1 
ATOM   3    C C   . SER A 1 24  ? 18.951  -4.908  -11.565 1.00 17.14  ? 1315 SER A C   1 
ATOM   4    O O   . SER A 1 24  ? 18.519  -4.341  -10.534 1.00 18.23  ? 1315 SER A O   1 
ATOM   5    C CB  . SER A 1 24  ? 17.332  -6.749  -11.897 1.00 18.87  ? 1315 SER A CB  1 
ATOM   6    O OG  . SER A 1 24  ? 16.772  -5.794  -12.780 1.00 16.60  ? 1315 SER A OG  1 
ATOM   7    N N   . TYR A 1 25  ? 19.448  -4.233  -12.616 1.00 16.85  ? 1316 TYR A N   1 
ATOM   8    C CA  . TYR A 1 25  ? 19.497  -2.740  -12.611 1.00 14.57  ? 1316 TYR A CA  1 
ATOM   9    C C   . TYR A 1 25  ? 18.363  -2.141  -13.477 1.00 13.27  ? 1316 TYR A C   1 
ATOM   10   O O   . TYR A 1 25  ? 18.480  -0.988  -13.951 1.00 13.29  ? 1316 TYR A O   1 
ATOM   11   C CB  . TYR A 1 25  ? 20.860  -2.188  -13.001 1.00 14.91  ? 1316 TYR A CB  1 
ATOM   12   C CG  . TYR A 1 25  ? 22.011  -2.661  -12.142 1.00 13.06  ? 1316 TYR A CG  1 
ATOM   13   C CD1 . TYR A 1 25  ? 22.061  -2.432  -10.769 1.00 13.58  ? 1316 TYR A CD1 1 
ATOM   14   C CD2 . TYR A 1 25  ? 23.112  -3.256  -12.735 1.00 14.20  ? 1316 TYR A CD2 1 
ATOM   15   C CE1 . TYR A 1 25  ? 23.135  -2.853  -9.992  1.00 13.15  ? 1316 TYR A CE1 1 
ATOM   16   C CE2 . TYR A 1 25  ? 24.197  -3.674  -11.974 1.00 14.39  ? 1316 TYR A CE2 1 
ATOM   17   C CZ  . TYR A 1 25  ? 24.217  -3.449  -10.608 1.00 14.35  ? 1316 TYR A CZ  1 
ATOM   18   O OH  . TYR A 1 25  ? 25.293  -3.838  -9.842  1.00 15.11  ? 1316 TYR A OH  1 
ATOM   19   N N   . ASP A 1 26  ? 17.255  -2.865  -13.591 1.00 13.91  ? 1317 ASP A N   1 
ATOM   20   C CA  . ASP A 1 26  ? 16.075  -2.390  -14.362 1.00 13.24  ? 1317 ASP A CA  1 
ATOM   21   C C   . ASP A 1 26  ? 15.302  -1.363  -13.532 1.00 13.08  ? 1317 ASP A C   1 
ATOM   22   O O   . ASP A 1 26  ? 14.645  -1.721  -12.547 1.00 14.27  ? 1317 ASP A O   1 
ATOM   23   C CB  . ASP A 1 26  ? 15.196  -3.558  -14.759 1.00 13.98  ? 1317 ASP A CB  1 
ATOM   24   C CG  . ASP A 1 26  ? 13.984  -3.237  -15.619 1.00 14.19  ? 1317 ASP A CG  1 
ATOM   25   O OD1 . ASP A 1 26  ? 13.594  -2.067  -15.693 1.00 14.69  ? 1317 ASP A OD1 1 
ATOM   26   O OD2 . ASP A 1 26  ? 13.489  -4.185  -16.292 1.00 18.77  ? 1317 ASP A OD2 1 
ATOM   27   N N   . ILE A 1 27  ? 15.351  -0.094  -13.941 1.00 12.46  ? 1318 ILE A N   1 
ATOM   28   C CA  . ILE A 1 27  ? 14.699  1.080   -13.280 1.00 12.77  ? 1318 ILE A CA  1 
ATOM   29   C C   . ILE A 1 27  ? 13.169  0.965   -13.353 1.00 13.22  ? 1318 ILE A C   1 
ATOM   30   O O   . ILE A 1 27  ? 12.503  1.554   -12.472 1.00 13.85  ? 1318 ILE A O   1 
ATOM   31   C CB  . ILE A 1 27  ? 15.194  2.410   -13.889 1.00 13.86  ? 1318 ILE A CB  1 
ATOM   32   C CG1 . ILE A 1 27  ? 16.718  2.565   -13.773 1.00 14.46  ? 1318 ILE A CG1 1 
ATOM   33   C CG2 . ILE A 1 27  ? 14.450  3.612   -13.319 1.00 15.07  ? 1318 ILE A CG2 1 
ATOM   34   C CD1 . ILE A 1 27  ? 17.273  3.669   -14.632 1.00 14.04  ? 1318 ILE A CD1 1 
ATOM   35   N N   . GLN A 1 28  ? 12.627  0.222   -14.323 1.00 11.93  ? 1319 GLN A N   1 
ATOM   36   C CA  . GLN A 1 28  ? 11.149  0.134   -14.506 1.00 12.57  ? 1319 GLN A CA  1 
ATOM   37   C C   . GLN A 1 28  ? 10.529  -1.089  -13.847 1.00 12.64  ? 1319 GLN A C   1 
ATOM   38   O O   . GLN A 1 28  ? 9.300   -1.197  -13.785 1.00 13.42  ? 1319 GLN A O   1 
ATOM   39   C CB  . GLN A 1 28  ? 10.760  0.146   -15.994 1.00 11.85  ? 1319 GLN A CB  1 
ATOM   40   C CG  . GLN A 1 28  ? 10.870  1.544   -16.612 1.00 13.27  ? 1319 GLN A CG  1 
ATOM   41   C CD  . GLN A 1 28  ? 12.234  1.870   -17.239 1.00 12.34  ? 1319 GLN A CD  1 
ATOM   42   O OE1 . GLN A 1 28  ? 12.772  1.088   -18.036 1.00 13.14  ? 1319 GLN A OE1 1 
ATOM   43   N NE2 . GLN A 1 28  ? 12.740  3.009   -16.942 1.00 14.51  ? 1319 GLN A NE2 1 
ATOM   44   N N   . ALA A 1 29  ? 11.344  -2.059  -13.331 1.00 12.88  ? 1320 ALA A N   1 
ATOM   45   C CA  . ALA A 1 29  ? 10.863  -3.380  -12.895 1.00 11.57  ? 1320 ALA A CA  1 
ATOM   46   C C   . ALA A 1 29  ? 9.874   -3.288  -11.697 1.00 11.51  ? 1320 ALA A C   1 
ATOM   47   O O   . ALA A 1 29  ? 9.007   -4.173  -11.580 1.00 12.74  ? 1320 ALA A O   1 
ATOM   48   C CB  . ALA A 1 29  ? 12.022  -4.280  -12.523 1.00 13.03  ? 1320 ALA A CB  1 
ATOM   49   N N   . TRP A 1 30  ? 9.962   -2.246  -10.897 1.00 11.94  ? 1321 TRP A N   1 
ATOM   50   C CA  . TRP A 1 30  ? 9.117   -2.141  -9.698  1.00 11.58  ? 1321 TRP A CA  1 
ATOM   51   C C   . TRP A 1 30  ? 7.636   -2.172  -10.101 1.00 12.20  ? 1321 TRP A C   1 
ATOM   52   O O   . TRP A 1 30  ? 6.816   -2.550  -9.267  1.00 12.44  ? 1321 TRP A O   1 
ATOM   53   C CB  . TRP A 1 30  ? 9.455   -0.834  -8.985  1.00 12.88  ? 1321 TRP A CB  1 
ATOM   54   C CG  . TRP A 1 30  ? 9.134   0.408   -9.785  1.00 12.45  ? 1321 TRP A CG  1 
ATOM   55   C CD1 . TRP A 1 30  ? 9.943   0.992   -10.714 1.00 12.34  ? 1321 TRP A CD1 1 
ATOM   56   C CD2 . TRP A 1 30  ? 7.912   1.186   -9.766  1.00 11.81  ? 1321 TRP A CD2 1 
ATOM   57   N NE1 . TRP A 1 30  ? 9.332   2.110   -11.257 1.00 13.37  ? 1321 TRP A NE1 1 
ATOM   58   C CE2 . TRP A 1 30  ? 8.093   2.204   -10.717 1.00 12.36  ? 1321 TRP A CE2 1 
ATOM   59   C CE3 . TRP A 1 30  ? 6.715   1.142   -9.048  1.00 12.44  ? 1321 TRP A CE3 1 
ATOM   60   C CZ2 . TRP A 1 30  ? 7.111   3.165   -11.005 1.00 13.93  ? 1321 TRP A CZ2 1 
ATOM   61   C CZ3 . TRP A 1 30  ? 5.750   2.105   -9.304  1.00 13.21  ? 1321 TRP A CZ3 1 
ATOM   62   C CH2 . TRP A 1 30  ? 5.956   3.096   -10.276 1.00 14.57  ? 1321 TRP A CH2 1 
ATOM   63   N N   . LYS A 1 31  ? 7.247   -1.667  -11.283 1.00 12.52  ? 1322 LYS A N   1 
ATOM   64   C CA  . LYS A 1 31  ? 5.811   -1.471  -11.558 1.00 12.42  ? 1322 LYS A CA  1 
ATOM   65   C C   . LYS A 1 31  ? 5.092   -2.815  -11.623 1.00 11.87  ? 1322 LYS A C   1 
ATOM   66   O O   . LYS A 1 31  ? 4.069   -3.012  -10.941 1.00 12.48  ? 1322 LYS A O   1 
ATOM   67   C CB  . LYS A 1 31  ? 5.653   -0.578  -12.783 1.00 12.73  ? 1322 LYS A CB  1 
ATOM   68   C CG  . LYS A 1 31  ? 4.199   -0.342  -13.162 1.00 13.28  ? 1322 LYS A CG  1 
ATOM   69   C CD  . LYS A 1 31  ? 4.031   0.687   -14.236 1.00 13.57  ? 1322 LYS A CD  1 
ATOM   70   C CE  . LYS A 1 31  ? 2.604   1.007   -14.600 1.00 13.94  ? 1322 LYS A CE  1 
ATOM   71   N NZ  . LYS A 1 31  ? 2.574   2.066   -15.648 1.00 15.19  ? 1322 LYS A NZ  1 
ATOM   72   N N   . LYS A 1 32  ? 5.630   -3.755  -12.404 1.00 13.54  ? 1323 LYS A N   1 
ATOM   73   C CA  . LYS A 1 32  ? 4.999   -5.094  -12.496 1.00 14.02  ? 1323 LYS A CA  1 
ATOM   74   C C   . LYS A 1 32  ? 5.121   -5.822  -11.147 1.00 13.31  ? 1323 LYS A C   1 
ATOM   75   O O   . LYS A 1 32  ? 4.177   -6.507  -10.755 1.00 15.64  ? 1323 LYS A O   1 
ATOM   76   C CB  . LYS A 1 32  ? 5.597   -5.922  -13.637 1.00 16.56  ? 1323 LYS A CB  1 
ATOM   77   C CG  . LYS A 1 32  ? 5.251   -7.403  -13.596 1.00 19.79  ? 1323 LYS A CG  1 
ATOM   78   C CD  . LYS A 1 32  ? 4.961   -8.032  -14.964 1.00 22.43  ? 1323 LYS A CD  1 
ATOM   79   C CE  . LYS A 1 32  ? 4.012   -9.220  -14.924 1.00 24.33  ? 1323 LYS A CE  1 
ATOM   80   N NZ  . LYS A 1 32  ? 3.880   -9.881  -16.249 1.00 27.03  ? 1323 LYS A NZ  1 
ATOM   81   N N   . GLN A 1 33  ? 6.237   -5.628  -10.438 1.00 12.99  ? 1324 GLN A N   1 
ATOM   82   C CA  . GLN A 1 33  ? 6.395   -6.249  -9.096  1.00 12.99  ? 1324 GLN A CA  1 
ATOM   83   C C   . GLN A 1 33  ? 5.267   -5.726  -8.171  1.00 12.79  ? 1324 GLN A C   1 
ATOM   84   O O   . GLN A 1 33  ? 4.674   -6.510  -7.400  1.00 13.22  ? 1324 GLN A O   1 
ATOM   85   C CB  . GLN A 1 33  ? 7.753   -5.960  -8.474  1.00 13.39  ? 1324 GLN A CB  1 
ATOM   86   C CG  . GLN A 1 33  ? 8.895   -6.654  -9.197  1.00 13.77  ? 1324 GLN A CG  1 
ATOM   87   C CD  . GLN A 1 33  ? 10.247  -6.090  -8.974  1.00 14.46  ? 1324 GLN A CD  1 
ATOM   88   O OE1 . GLN A 1 33  ? 10.450  -5.091  -8.286  1.00 16.68  ? 1324 GLN A OE1 1 
ATOM   89   N NE2 . GLN A 1 33  ? 11.224  -6.690  -9.654  1.00 16.94  ? 1324 GLN A NE2 1 
ATOM   90   N N   . CYS A 1 34  ? 4.949   -4.422  -8.253  1.00 12.59  ? 1325 CYS A N   1 
ATOM   91   C CA  . CYS A 1 34  ? 3.854   -3.864  -7.428  1.00 11.54  ? 1325 CYS A CA  1 
ATOM   92   C C   . CYS A 1 34  ? 2.501   -4.360  -7.900  1.00 11.82  ? 1325 CYS A C   1 
ATOM   93   O O   . CYS A 1 34  ? 1.621   -4.649  -7.057  1.00 12.38  ? 1325 CYS A O   1 
ATOM   94   C CB  . CYS A 1 34  ? 3.932   -2.343  -7.404  1.00 11.16  ? 1325 CYS A CB  1 
ATOM   95   S SG  . CYS A 1 34  ? 5.278   -1.661  -6.406  1.00 13.12  ? 1325 CYS A SG  1 
ATOM   96   N N   . GLU A 1 35  ? 2.292   -4.497  -9.180  1.00 13.47  ? 1326 GLU A N   1 
ATOM   97   C CA  . GLU A 1 35  ? 1.024   -5.074  -9.702  1.00 14.48  ? 1326 GLU A CA  1 
ATOM   98   C C   . GLU A 1 35  ? 0.803   -6.481  -9.133  1.00 14.24  ? 1326 GLU A C   1 
ATOM   99   O O   . GLU A 1 35  ? -0.297  -6.787  -8.664  1.00 15.75  ? 1326 GLU A O   1 
ATOM   100  C CB  . GLU A 1 35  ? 1.059   -5.186  -11.238 1.00 16.31  ? 1326 GLU A CB  1 
ATOM   101  C CG  . GLU A 1 35  ? 0.969   -3.879  -11.999 1.00 19.50  ? 1326 GLU A CG  1 
ATOM   102  C CD  . GLU A 1 35  ? 1.341   -3.908  -13.468 1.00 23.17  ? 1326 GLU A CD  1 
ATOM   103  O OE1 . GLU A 1 35  ? 1.653   -4.988  -13.992 1.00 25.05  ? 1326 GLU A OE1 1 
ATOM   104  O OE2 . GLU A 1 35  ? 1.293   -2.825  -14.077 1.00 22.81  ? 1326 GLU A OE2 1 
ATOM   105  N N   . GLU A 1 36  ? 1.835   -7.316  -9.151  1.00 15.53  ? 1327 GLU A N   1 
ATOM   106  C CA  . GLU A 1 36  ? 1.750   -8.713  -8.652  1.00 16.89  ? 1327 GLU A CA  1 
ATOM   107  C C   . GLU A 1 36  ? 1.484   -8.681  -7.142  1.00 15.87  ? 1327 GLU A C   1 
ATOM   108  O O   . GLU A 1 36  ? 0.649   -9.452  -6.653  1.00 17.47  ? 1327 GLU A O   1 
ATOM   109  C CB  . GLU A 1 36  ? 3.033   -9.446  -9.038  1.00 20.19  ? 1327 GLU A CB  1 
ATOM   110  C CG  . GLU A 1 36  ? 3.174   -9.615  -10.544 1.00 24.61  ? 1327 GLU A CG  1 
ATOM   111  C CD  . GLU A 1 36  ? 4.566   -9.959  -11.049 1.00 28.25  ? 1327 GLU A CD  1 
ATOM   112  O OE1 . GLU A 1 36  ? 5.567   -9.407  -10.515 1.00 27.88  ? 1327 GLU A OE1 1 
ATOM   113  O OE2 . GLU A 1 36  ? 4.650   -10.791 -11.982 1.00 31.44  ? 1327 GLU A OE2 1 
ATOM   114  N N   . LEU A 1 37  ? 2.172   -7.813  -6.405  1.00 15.19  ? 1328 LEU A N   1 
ATOM   115  C CA  . LEU A 1 37  ? 1.946   -7.739  -4.933  1.00 13.90  ? 1328 LEU A CA  1 
ATOM   116  C C   . LEU A 1 37  ? 0.518   -7.284  -4.648  1.00 14.11  ? 1328 LEU A C   1 
ATOM   117  O O   . LEU A 1 37  ? -0.187  -7.882  -3.746  1.00 14.90  ? 1328 LEU A O   1 
ATOM   118  C CB  . LEU A 1 37  ? 2.995   -6.884  -4.278  1.00 14.41  ? 1328 LEU A CB  1 
ATOM   119  C CG  . LEU A 1 37  ? 2.840   -6.644  -2.782  1.00 13.70  ? 1328 LEU A CG  1 
ATOM   120  C CD1 . LEU A 1 37  ? 2.760   -7.974  -1.992  1.00 15.38  ? 1328 LEU A CD1 1 
ATOM   121  C CD2 . LEU A 1 37  ? 3.983   -5.830  -2.281  1.00 14.95  ? 1328 LEU A CD2 1 
ATOM   122  N N   . LEU A 1 38  ? -0.017  -6.320  -5.371  1.00 14.13  ? 1329 LEU A N   1 
ATOM   123  C CA  . LEU A 1 38  ? -1.431  -5.935  -5.197  1.00 14.49  ? 1329 LEU A CA  1 
ATOM   124  C C   . LEU A 1 38  ? -2.354  -7.102  -5.512  1.00 16.12  ? 1329 LEU A C   1 
ATOM   125  O O   . LEU A 1 38  ? -3.355  -7.312  -4.780  1.00 17.58  ? 1329 LEU A O   1 
ATOM   126  C CB  . LEU A 1 38  ? -1.743  -4.720  -6.083  1.00 15.36  ? 1329 LEU A CB  1 
ATOM   127  C CG  . LEU A 1 38  ? -1.124  -3.405  -5.634  1.00 15.38  ? 1329 LEU A CG  1 
ATOM   128  C CD1 . LEU A 1 38  ? -1.300  -2.399  -6.773  1.00 16.95  ? 1329 LEU A CD1 1 
ATOM   129  C CD2 . LEU A 1 38  ? -1.789  -2.901  -4.357  1.00 17.92  ? 1329 LEU A CD2 1 
ATOM   130  N N   . ASN A 1 39  ? -2.102  -7.893  -6.529  1.00 17.06  ? 1330 ASN A N   1 
ATOM   131  C CA  . ASN A 1 39  ? -2.876  -9.152  -6.787  1.00 19.24  ? 1330 ASN A CA  1 
ATOM   132  C C   . ASN A 1 39  ? -2.831  -10.072 -5.560  1.00 17.24  ? 1330 ASN A C   1 
ATOM   133  O O   . ASN A 1 39  ? -3.965  -10.611 -5.114  1.00 19.88  ? 1330 ASN A O   1 
ATOM   134  C CB  . ASN A 1 39  ? -2.405  -9.879  -8.056  1.00 21.86  ? 1330 ASN A CB  1 
ATOM   135  C CG  . ASN A 1 39  ? -2.785  -9.152  -9.335  1.00 25.02  ? 1330 ASN A CG  1 
ATOM   136  O OD1 . ASN A 1 39  ? -3.653  -8.279  -9.360  1.00 29.05  ? 1330 ASN A OD1 1 
ATOM   137  N ND2 . ASN A 1 39  ? -2.083  -9.442  -10.423 1.00 28.46  ? 1330 ASN A ND2 1 
ATOM   138  N N   . LEU A 1 40  ? -1.685  -10.299 -4.977  1.00 17.12  ? 1331 LEU A N   1 
ATOM   139  C CA  . LEU A 1 40  ? -1.607  -11.162 -3.769  1.00 18.23  ? 1331 LEU A CA  1 
ATOM   140  C C   . LEU A 1 40  ? -2.405  -10.534 -2.622  1.00 17.75  ? 1331 LEU A C   1 
ATOM   141  O O   . LEU A 1 40  ? -3.176  -11.265 -1.929  1.00 20.43  ? 1331 LEU A O   1 
ATOM   142  C CB  . LEU A 1 40  ? -0.166  -11.352 -3.359  1.00 17.19  ? 1331 LEU A CB  1 
ATOM   143  C CG  . LEU A 1 40  ? 0.712   -12.235 -4.260  1.00 17.24  ? 1331 LEU A CG  1 
ATOM   144  C CD1 . LEU A 1 40  ? 2.142   -12.230 -3.748  1.00 21.76  ? 1331 LEU A CD1 1 
ATOM   145  C CD2 . LEU A 1 40  ? 0.124   -13.670 -4.430  1.00 22.20  ? 1331 LEU A CD2 1 
ATOM   146  N N   . ILE A 1 41  ? -2.388  -9.204  -2.467  1.00 15.48  ? 1332 ILE A N   1 
ATOM   147  C CA  . ILE A 1 41  ? -3.145  -8.531  -1.389  1.00 14.58  ? 1332 ILE A CA  1 
ATOM   148  C C   . ILE A 1 41  ? -4.642  -8.681  -1.604  1.00 16.31  ? 1332 ILE A C   1 
ATOM   149  O O   . ILE A 1 41  ? -5.334  -9.048  -0.636  1.00 15.97  ? 1332 ILE A O   1 
ATOM   150  C CB  . ILE A 1 41  ? -2.693  -7.055  -1.289  1.00 14.11  ? 1332 ILE A CB  1 
ATOM   151  C CG1 . ILE A 1 41  ? -1.292  -7.015  -0.676  1.00 15.68  ? 1332 ILE A CG1 1 
ATOM   152  C CG2 . ILE A 1 41  ? -3.697  -6.216  -0.516  1.00 13.90  ? 1332 ILE A CG2 1 
ATOM   153  C CD1 . ILE A 1 41  ? -0.620  -5.722  -0.803  1.00 18.04  ? 1332 ILE A CD1 1 
ATOM   154  N N   . PHE A 1 42  ? -5.113  -8.538  -2.830  1.00 17.73  ? 1333 PHE A N   1 
ATOM   155  C CA  . PHE A 1 42  ? -6.542  -8.790  -3.151  1.00 20.00  ? 1333 PHE A CA  1 
ATOM   156  C C   . PHE A 1 42  ? -6.919  -10.262 -2.852  1.00 20.86  ? 1333 PHE A C   1 
ATOM   157  O O   . PHE A 1 42  ? -8.067  -10.445 -2.314  1.00 26.56  ? 1333 PHE A O   1 
ATOM   158  C CB  . PHE A 1 42  ? -6.855  -8.313  -4.576  1.00 19.03  ? 1333 PHE A CB  1 
ATOM   159  C CG  . PHE A 1 42  ? -7.152  -6.832  -4.648  1.00 19.11  ? 1333 PHE A CG  1 
ATOM   160  C CD1 . PHE A 1 42  ? -8.460  -6.369  -4.572  1.00 21.56  ? 1333 PHE A CD1 1 
ATOM   161  C CD2 . PHE A 1 42  ? -6.148  -5.894  -4.830  1.00 20.60  ? 1333 PHE A CD2 1 
ATOM   162  C CE1 . PHE A 1 42  ? -8.747  -5.006  -4.611  1.00 23.53  ? 1333 PHE A CE1 1 
ATOM   163  C CE2 . PHE A 1 42  ? -6.453  -4.533  -4.921  1.00 20.13  ? 1333 PHE A CE2 1 
ATOM   164  C CZ  . PHE A 1 42  ? -7.740  -4.102  -4.804  1.00 21.57  ? 1333 PHE A CZ  1 
ATOM   165  N N   . GLN A 1 43  ? -6.037  -11.277 -2.990  1.00 20.45  ? 1334 GLN A N   1 
ATOM   166  C CA  . GLN A 1 43  ? -6.377  -12.723 -2.657  1.00 20.43  ? 1334 GLN A CA  1 
ATOM   167  C C   . GLN A 1 43  ? -6.410  -13.001 -1.138  1.00 21.24  ? 1334 GLN A C   1 
ATOM   168  O O   . GLN A 1 43  ? -7.040  -13.960 -0.710  1.00 23.63  ? 1334 GLN A O   1 
ATOM   169  C CB  . GLN A 1 43  ? -5.379  -13.691 -3.308  1.00 21.23  ? 1334 GLN A CB  1 
ATOM   170  C CG  . GLN A 1 43  ? -5.292  -13.605 -4.825  1.00 24.36  ? 1334 GLN A CG  1 
ATOM   171  N N   A CYS A 1 44  ? -5.792  -12.137 -0.344  0.30 20.37  ? 1335 CYS A N   1 
ATOM   172  N N   B CYS A 1 44  ? -5.795  -12.119 -0.362  0.29 20.92  ? 1335 CYS A N   1 
ATOM   173  C CA  A CYS A 1 44  ? -5.823  -12.180 1.135   0.30 18.83  ? 1335 CYS A CA  1 
ATOM   174  C CA  B CYS A 1 44  ? -5.905  -12.101 1.110   0.29 19.54  ? 1335 CYS A CA  1 
ATOM   175  C C   A CYS A 1 44  ? -7.209  -11.751 1.639   0.30 18.88  ? 1335 CYS A C   1 
ATOM   176  C C   B CYS A 1 44  ? -7.361  -11.766 1.485   0.29 19.09  ? 1335 CYS A C   1 
ATOM   177  O O   A CYS A 1 44  ? -7.557  -10.592 1.483   0.30 17.17  ? 1335 CYS A O   1 
ATOM   178  O O   B CYS A 1 44  ? -7.937  -10.746 1.031   0.29 16.39  ? 1335 CYS A O   1 
ATOM   179  C CB  A CYS A 1 44  ? -4.759  -11.263 1.720   0.30 18.45  ? 1335 CYS A CB  1 
ATOM   180  C CB  B CYS A 1 44  ? -4.904  -11.138 1.749   0.29 19.25  ? 1335 CYS A CB  1 
ATOM   181  S SG  A CYS A 1 44  ? -3.091  -11.839 1.335   0.30 20.61  ? 1335 CYS A SG  1 
ATOM   182  S SG  B CYS A 1 44  ? -4.238  -11.769 3.316   0.29 23.20  ? 1335 CYS A SG  1 
ATOM   183  N N   . GLU A 1 45  ? -7.990  -12.653 2.241   1.00 17.28  ? 1336 GLU A N   1 
ATOM   184  C CA  . GLU A 1 45  ? -9.250  -12.300 2.951   1.00 16.25  ? 1336 GLU A CA  1 
ATOM   185  C C   . GLU A 1 45  ? -9.052  -11.059 3.838   1.00 14.85  ? 1336 GLU A C   1 
ATOM   186  O O   . GLU A 1 45  ? -9.976  -10.245 3.952   1.00 14.10  ? 1336 GLU A O   1 
ATOM   187  C CB  . GLU A 1 45  ? -9.706  -13.485 3.809   1.00 17.02  ? 1336 GLU A CB  1 
ATOM   188  C CG  . GLU A 1 45  ? -9.722  -14.810 3.052   1.00 18.30  ? 1336 GLU A CG  1 
ATOM   189  C CD  . GLU A 1 45  ? -10.447 -15.943 3.750   1.00 20.48  ? 1336 GLU A CD  1 
ATOM   190  O OE1 . GLU A 1 45  ? -10.267 -16.072 4.986   1.00 19.99  ? 1336 GLU A OE1 1 
ATOM   191  O OE2 . GLU A 1 45  ? -11.223 -16.662 3.051   1.00 22.12  ? 1336 GLU A OE2 1 
ATOM   192  N N   . ASP A 1 46  ? -7.864  -10.919 4.434   1.00 13.72  ? 1337 ASP A N   1 
ATOM   193  C CA  . ASP A 1 46  ? -7.543  -9.788  5.351   1.00 14.13  ? 1337 ASP A CA  1 
ATOM   194  C C   . ASP A 1 46  ? -7.608  -8.423  4.646   1.00 14.16  ? 1337 ASP A C   1 
ATOM   195  O O   . ASP A 1 46  ? -7.667  -7.398  5.356   1.00 15.20  ? 1337 ASP A O   1 
ATOM   196  C CB  . ASP A 1 46  ? -6.157  -9.907  5.985   1.00 14.12  ? 1337 ASP A CB  1 
ATOM   197  C CG  . ASP A 1 46  ? -6.039  -10.878 7.160   1.00 15.97  ? 1337 ASP A CG  1 
ATOM   198  O OD1 . ASP A 1 46  ? -7.089  -11.149 7.828   1.00 16.59  ? 1337 ASP A OD1 1 
ATOM   199  O OD2 . ASP A 1 46  ? -4.898  -11.309 7.437   1.00 14.17  ? 1337 ASP A OD2 1 
ATOM   200  N N   . SER A 1 47  ? -7.604  -8.356  3.321   1.00 13.85  ? 1338 SER A N   1 
ATOM   201  C CA  . SER A 1 47  ? -7.736  -7.049  2.639   1.00 13.76  ? 1338 SER A CA  1 
ATOM   202  C C   . SER A 1 47  ? -9.198  -6.614  2.560   1.00 14.43  ? 1338 SER A C   1 
ATOM   203  O O   . SER A 1 47  ? -9.440  -5.480  2.174   1.00 13.52  ? 1338 SER A O   1 
ATOM   204  C CB  . SER A 1 47  ? -7.111  -7.049  1.268   1.00 13.12  ? 1338 SER A CB  1 
ATOM   205  O OG  . SER A 1 47  ? -7.879  -7.797  0.318   1.00 13.68  ? 1338 SER A OG  1 
ATOM   206  N N   . GLU A 1 48  ? -10.152 -7.466  2.939   1.00 14.07  ? 1339 GLU A N   1 
ATOM   207  C CA  . GLU A 1 48  ? -11.585 -7.168  2.715   1.00 15.67  ? 1339 GLU A CA  1 
ATOM   208  C C   . GLU A 1 48  ? -11.970 -5.767  3.204   1.00 14.76  ? 1339 GLU A C   1 
ATOM   209  O O   . GLU A 1 48  ? -12.643 -5.037  2.457   1.00 14.22  ? 1339 GLU A O   1 
ATOM   210  C CB  . GLU A 1 48  ? -12.431 -8.279  3.328   1.00 17.45  ? 1339 GLU A CB  1 
ATOM   211  C CG  . GLU A 1 48  ? -13.856 -8.196  2.851   1.00 20.19  ? 1339 GLU A CG  1 
ATOM   212  C CD  . GLU A 1 48  ? -14.635 -7.150  3.601   1.00 23.41  ? 1339 GLU A CD  1 
ATOM   213  O OE1 . GLU A 1 48  ? -14.365 -7.001  4.818   1.00 28.98  ? 1339 GLU A OE1 1 
ATOM   214  O OE2 . GLU A 1 48  ? -15.489 -6.487  2.975   1.00 26.23  ? 1339 GLU A OE2 1 
ATOM   215  N N   . PRO A 1 49  ? -11.623 -5.311  4.444   1.00 13.49  ? 1340 PRO A N   1 
ATOM   216  C CA  . PRO A 1 49  ? -12.065 -3.979  4.881   1.00 13.96  ? 1340 PRO A CA  1 
ATOM   217  C C   . PRO A 1 49  ? -11.506 -2.787  4.094   1.00 14.00  ? 1340 PRO A C   1 
ATOM   218  O O   . PRO A 1 49  ? -12.021 -1.696  4.255   1.00 13.91  ? 1340 PRO A O   1 
ATOM   219  C CB  . PRO A 1 49  ? -11.541 -3.862  6.326   1.00 14.12  ? 1340 PRO A CB  1 
ATOM   220  C CG  . PRO A 1 49  ? -11.373 -5.287  6.765   1.00 14.27  ? 1340 PRO A CG  1 
ATOM   221  C CD  . PRO A 1 49  ? -10.896 -6.022  5.519   1.00 13.16  ? 1340 PRO A CD  1 
ATOM   222  N N   . PHE A 1 50  ? -10.501 -2.989  3.240   1.00 14.02  ? 1341 PHE A N   1 
ATOM   223  C CA  . PHE A 1 50  ? -9.652  -1.887  2.712   1.00 14.66  ? 1341 PHE A CA  1 
ATOM   224  C C   . PHE A 1 50  ? -9.660  -1.865  1.177   1.00 15.27  ? 1341 PHE A C   1 
ATOM   225  O O   . PHE A 1 50  ? -8.871  -1.081  0.604   1.00 13.20  ? 1341 PHE A O   1 
ATOM   226  C CB  . PHE A 1 50  ? -8.208  -2.023  3.216   1.00 16.06  ? 1341 PHE A CB  1 
ATOM   227  C CG  . PHE A 1 50  ? -8.069  -2.448  4.656   1.00 15.20  ? 1341 PHE A CG  1 
ATOM   228  C CD1 . PHE A 1 50  ? -8.398  -1.602  5.706   1.00 16.99  ? 1341 PHE A CD1 1 
ATOM   229  C CD2 . PHE A 1 50  ? -7.617  -3.722  4.947   1.00 15.89  ? 1341 PHE A CD2 1 
ATOM   230  C CE1 . PHE A 1 50  ? -8.274  -2.038  7.020   1.00 16.25  ? 1341 PHE A CE1 1 
ATOM   231  C CE2 . PHE A 1 50  ? -7.528  -4.162  6.253   1.00 16.29  ? 1341 PHE A CE2 1 
ATOM   232  C CZ  . PHE A 1 50  ? -7.846  -3.318  7.287   1.00 16.73  ? 1341 PHE A CZ  1 
ATOM   233  N N   . ARG A 1 51  ? -10.527 -2.636  0.508   1.00 15.14  ? 1342 ARG A N   1 
ATOM   234  C CA  . ARG A 1 51  ? -10.479 -2.808  -0.970  1.00 16.17  ? 1342 ARG A CA  1 
ATOM   235  C C   . ARG A 1 51  ? -10.986 -1.529  -1.650  1.00 16.14  ? 1342 ARG A C   1 
ATOM   236  O O   . ARG A 1 51  ? -10.389 -1.099  -2.676  1.00 17.08  ? 1342 ARG A O   1 
ATOM   237  C CB  . ARG A 1 51  ? -11.274 -4.035  -1.418  1.00 17.08  ? 1342 ARG A CB  1 
ATOM   238  C CG  . ARG A 1 51  ? -10.527 -5.330  -1.147  1.00 18.34  ? 1342 ARG A CG  1 
ATOM   239  C CD  . ARG A 1 51  ? -11.415 -6.569  -1.186  1.00 19.81  ? 1342 ARG A CD  1 
ATOM   240  N NE  . ARG A 1 51  ? -10.733 -7.772  -0.731  1.00 20.11  ? 1342 ARG A NE  1 
ATOM   241  C CZ  . ARG A 1 51  ? -11.323 -8.905  -0.355  1.00 21.43  ? 1342 ARG A CZ  1 
ATOM   242  N NH1 . ARG A 1 51  ? -12.638 -9.046  -0.416  1.00 22.19  ? 1342 ARG A NH1 1 
ATOM   243  N NH2 . ARG A 1 51  ? -10.585 -9.902  0.084   1.00 21.56  ? 1342 ARG A NH2 1 
ATOM   244  N N   . GLN A 1 52  ? -12.059 -0.929  -1.142  1.00 18.32  ? 1343 GLN A N   1 
ATOM   245  C CA  . GLN A 1 52  ? -12.692 0.235   -1.809  1.00 20.10  ? 1343 GLN A CA  1 
ATOM   246  C C   . GLN A 1 52  ? -12.703 1.437   -0.873  1.00 21.49  ? 1343 GLN A C   1 
ATOM   247  O O   . GLN A 1 52  ? -12.539 1.279   0.338   1.00 20.26  ? 1343 GLN A O   1 
ATOM   248  C CB  . GLN A 1 52  ? -14.105 -0.130  -2.276  1.00 22.83  ? 1343 GLN A CB  1 
ATOM   249  C CG  . GLN A 1 52  ? -14.156 -1.321  -3.220  1.00 26.75  ? 1343 GLN A CG  1 
ATOM   250  C CD  . GLN A 1 52  ? -13.410 -1.143  -4.525  1.00 28.42  ? 1343 GLN A CD  1 
ATOM   251  O OE1 . GLN A 1 52  ? -13.316 -0.045  -5.076  1.00 28.67  ? 1343 GLN A OE1 1 
ATOM   252  N NE2 . GLN A 1 52  ? -12.899 -2.247  -5.055  1.00 29.29  ? 1343 GLN A NE2 1 
ATOM   253  N N   . PRO A 1 53  ? -12.899 2.666   -1.411  1.00 22.72  ? 1344 PRO A N   1 
ATOM   254  C CA  . PRO A 1 53  ? -13.017 3.855   -0.576  1.00 24.25  ? 1344 PRO A CA  1 
ATOM   255  C C   . PRO A 1 53  ? -14.064 3.618   0.522   1.00 26.65  ? 1344 PRO A C   1 
ATOM   256  O O   . PRO A 1 53  ? -15.131 3.089   0.225   1.00 27.60  ? 1344 PRO A O   1 
ATOM   257  C CB  . PRO A 1 53  ? -13.440 4.962   -1.554  1.00 23.18  ? 1344 PRO A CB  1 
ATOM   258  C CG  . PRO A 1 53  ? -12.957 4.490   -2.912  1.00 23.40  ? 1344 PRO A CG  1 
ATOM   259  C CD  . PRO A 1 53  ? -13.042 2.981   -2.844  1.00 21.42  ? 1344 PRO A CD  1 
ATOM   260  N N   . VAL A 1 54  ? -13.704 3.945   1.766   1.00 27.88  ? 1345 VAL A N   1 
ATOM   261  C CA  . VAL A 1 54  ? -14.617 3.993   2.946   1.00 28.06  ? 1345 VAL A CA  1 
ATOM   262  C C   . VAL A 1 54  ? -16.000 4.455   2.482   1.00 26.50  ? 1345 VAL A C   1 
ATOM   263  O O   . VAL A 1 54  ? -16.077 5.450   1.733   1.00 24.98  ? 1345 VAL A O   1 
ATOM   264  C CB  . VAL A 1 54  ? -14.063 4.938   4.028   1.00 28.81  ? 1345 VAL A CB  1 
ATOM   265  C CG1 . VAL A 1 54  ? -14.002 6.388   3.544   1.00 28.06  ? 1345 VAL A CG1 1 
ATOM   266  C CG2 . VAL A 1 54  ? -14.865 4.818   5.311   1.00 29.35  ? 1345 VAL A CG2 1 
ATOM   267  N N   . ASP A 1 55  ? -17.058 3.778   2.928   1.00 26.52  ? 1346 ASP A N   1 
ATOM   268  C CA  . ASP A 1 55  ? -18.444 4.126   2.527   1.00 27.57  ? 1346 ASP A CA  1 
ATOM   269  C C   . ASP A 1 55  ? -18.801 5.499   3.113   1.00 30.63  ? 1346 ASP A C   1 
ATOM   270  O O   . ASP A 1 55  ? -18.881 6.463   2.321   1.00 36.20  ? 1346 ASP A O   1 
ATOM   271  C CB  . ASP A 1 55  ? -19.416 3.001   2.892   1.00 25.74  ? 1346 ASP A CB  1 
ATOM   272  C CG  . ASP A 1 55  ? -20.772 3.201   2.252   1.00 26.39  ? 1346 ASP A CG  1 
ATOM   273  O OD1 . ASP A 1 55  ? -21.217 4.364   2.218   1.00 26.49  ? 1346 ASP A OD1 1 
ATOM   274  O OD2 . ASP A 1 55  ? -21.350 2.203   1.769   1.00 27.37  ? 1346 ASP A OD2 1 
ATOM   275  N N   . LEU A 1 56  ? -19.024 5.583   4.428   1.00 29.59  ? 1347 LEU A N   1 
ATOM   276  C CA  . LEU A 1 56  ? -19.441 6.815   5.169   1.00 30.99  ? 1347 LEU A CA  1 
ATOM   277  C C   . LEU A 1 56  ? -20.891 6.671   5.653   1.00 29.73  ? 1347 LEU A C   1 
ATOM   278  O O   . LEU A 1 56  ? -21.185 7.186   6.738   1.00 29.02  ? 1347 LEU A O   1 
ATOM   279  C CB  . LEU A 1 56  ? -19.284 8.095   4.334   1.00 32.80  ? 1347 LEU A CB  1 
ATOM   280  C CG  . LEU A 1 56  ? -17.851 8.584   4.103   1.00 34.69  ? 1347 LEU A CG  1 
ATOM   281  C CD1 . LEU A 1 56  ? -17.736 9.360   2.799   1.00 35.87  ? 1347 LEU A CD1 1 
ATOM   282  C CD2 . LEU A 1 56  ? -17.357 9.441   5.260   1.00 35.84  ? 1347 LEU A CD2 1 
ATOM   283  N N   . LEU A 1 57  ? -21.762 5.983   4.907   1.00 30.85  ? 1348 LEU A N   1 
ATOM   284  C CA  . LEU A 1 57  ? -23.142 5.691   5.372   1.00 32.96  ? 1348 LEU A CA  1 
ATOM   285  C C   . LEU A 1 57  ? -23.079 4.858   6.653   1.00 32.35  ? 1348 LEU A C   1 
ATOM   286  O O   . LEU A 1 57  ? -24.013 4.967   7.471   1.00 33.94  ? 1348 LEU A O   1 
ATOM   287  C CB  . LEU A 1 57  ? -23.917 4.931   4.290   1.00 33.85  ? 1348 LEU A CB  1 
ATOM   288  C CG  . LEU A 1 57  ? -24.193 5.680   2.987   1.00 37.50  ? 1348 LEU A CG  1 
ATOM   289  C CD1 . LEU A 1 57  ? -25.403 5.082   2.285   1.00 38.43  ? 1348 LEU A CD1 1 
ATOM   290  C CD2 . LEU A 1 57  ? -24.401 7.169   3.219   1.00 38.46  ? 1348 LEU A CD2 1 
ATOM   291  N N   . GLU A 1 58  ? -22.031 4.042   6.797   1.00 29.65  ? 1349 GLU A N   1 
ATOM   292  C CA  . GLU A 1 58  ? -21.765 3.190   7.988   1.00 30.56  ? 1349 GLU A CA  1 
ATOM   293  C C   . GLU A 1 58  ? -20.851 3.926   8.976   1.00 29.15  ? 1349 GLU A C   1 
ATOM   294  O O   . GLU A 1 58  ? -20.904 3.574   10.178  1.00 30.23  ? 1349 GLU A O   1 
ATOM   295  C CB  . GLU A 1 58  ? -21.156 1.868   7.515   1.00 31.47  ? 1349 GLU A CB  1 
ATOM   296  C CG  . GLU A 1 58  ? -22.119 1.063   6.667   1.00 32.57  ? 1349 GLU A CG  1 
ATOM   297  C CD  . GLU A 1 58  ? -23.275 0.464   7.451   1.00 34.31  ? 1349 GLU A CD  1 
ATOM   298  O OE1 . GLU A 1 58  ? -23.169 0.382   8.692   1.00 38.74  ? 1349 GLU A OE1 1 
ATOM   299  O OE2 . GLU A 1 58  ? -24.264 0.077   6.826   1.00 34.01  ? 1349 GLU A OE2 1 
ATOM   300  N N   . TYR A 1 59  ? -20.041 4.873   8.472   1.00 28.01  ? 1350 TYR A N   1 
ATOM   301  C CA  . TYR A 1 59  ? -19.066 5.714   9.224   1.00 27.95  ? 1350 TYR A CA  1 
ATOM   302  C C   . TYR A 1 59  ? -19.248 7.180   8.829   1.00 25.08  ? 1350 TYR A C   1 
ATOM   303  O O   . TYR A 1 59  ? -18.367 7.770   8.201   1.00 25.38  ? 1350 TYR A O   1 
ATOM   304  C CB  . TYR A 1 59  ? -17.630 5.264   8.932   1.00 29.57  ? 1350 TYR A CB  1 
ATOM   305  C CG  . TYR A 1 59  ? -17.484 3.794   8.650   1.00 32.33  ? 1350 TYR A CG  1 
ATOM   306  C CD1 . TYR A 1 59  ? -17.306 2.880   9.673   1.00 32.93  ? 1350 TYR A CD1 1 
ATOM   307  C CD2 . TYR A 1 59  ? -17.541 3.315   7.352   1.00 34.34  ? 1350 TYR A CD2 1 
ATOM   308  C CE1 . TYR A 1 59  ? -17.181 1.526   9.410   1.00 35.74  ? 1350 TYR A CE1 1 
ATOM   309  C CE2 . TYR A 1 59  ? -17.424 1.963   7.076   1.00 35.90  ? 1350 TYR A CE2 1 
ATOM   310  C CZ  . TYR A 1 59  ? -17.237 1.063   8.109   1.00 36.62  ? 1350 TYR A CZ  1 
ATOM   311  O OH  . TYR A 1 59  ? -17.116 -0.275  7.871   1.00 39.11  ? 1350 TYR A OH  1 
ATOM   312  N N   . PRO A 1 60  ? -20.395 7.821   9.175   1.00 25.93  ? 1351 PRO A N   1 
ATOM   313  C CA  . PRO A 1 60  ? -20.643 9.217   8.797   1.00 23.56  ? 1351 PRO A CA  1 
ATOM   314  C C   . PRO A 1 60  ? -19.661 10.267  9.362   1.00 22.22  ? 1351 PRO A C   1 
ATOM   315  O O   . PRO A 1 60  ? -19.581 11.362  8.793   1.00 22.73  ? 1351 PRO A O   1 
ATOM   316  C CB  . PRO A 1 60  ? -22.082 9.467   9.310   1.00 24.24  ? 1351 PRO A CB  1 
ATOM   317  C CG  . PRO A 1 60  ? -22.283 8.432   10.400  1.00 24.23  ? 1351 PRO A CG  1 
ATOM   318  C CD  . PRO A 1 60  ? -21.527 7.220   9.900   1.00 26.03  ? 1351 PRO A CD  1 
ATOM   319  N N   . ASP A 1 61  ? -18.907 9.945   10.421  1.00 20.44  ? 1352 ASP A N   1 
ATOM   320  C CA  . ASP A 1 61  ? -17.897 10.888  10.986  1.00 19.71  ? 1352 ASP A CA  1 
ATOM   321  C C   . ASP A 1 61  ? -16.474 10.521  10.517  1.00 19.45  ? 1352 ASP A C   1 
ATOM   322  O O   . ASP A 1 61  ? -15.507 11.060  11.079  1.00 17.56  ? 1352 ASP A O   1 
ATOM   323  C CB  . ASP A 1 61  ? -18.041 11.059  12.510  1.00 21.15  ? 1352 ASP A CB  1 
ATOM   324  C CG  . ASP A 1 61  ? -17.567 9.944   13.433  1.00 21.86  ? 1352 ASP A CG  1 
ATOM   325  O OD1 . ASP A 1 61  ? -17.437 8.802   12.984  1.00 23.37  ? 1352 ASP A OD1 1 
ATOM   326  O OD2 . ASP A 1 61  ? -17.344 10.246  14.629  1.00 26.07  ? 1352 ASP A OD2 1 
ATOM   327  N N   . TYR A 1 62  ? -16.315 9.693   9.478   1.00 19.06  ? 1353 TYR A N   1 
ATOM   328  C CA  . TYR A 1 62  ? -14.960 9.273   9.022   1.00 18.69  ? 1353 TYR A CA  1 
ATOM   329  C C   . TYR A 1 62  ? -14.052 10.479  8.721   1.00 19.80  ? 1353 TYR A C   1 
ATOM   330  O O   . TYR A 1 62  ? -12.876 10.403  9.076   1.00 17.10  ? 1353 TYR A O   1 
ATOM   331  C CB  . TYR A 1 62  ? -15.029 8.364   7.796   1.00 19.03  ? 1353 TYR A CB  1 
ATOM   332  C CG  . TYR A 1 62  ? -13.764 7.583   7.545   1.00 18.29  ? 1353 TYR A CG  1 
ATOM   333  C CD1 . TYR A 1 62  ? -13.433 6.499   8.337   1.00 17.04  ? 1353 TYR A CD1 1 
ATOM   334  C CD2 . TYR A 1 62  ? -12.899 7.923   6.519   1.00 17.89  ? 1353 TYR A CD2 1 
ATOM   335  C CE1 . TYR A 1 62  ? -12.280 5.758   8.110   1.00 16.34  ? 1353 TYR A CE1 1 
ATOM   336  C CE2 . TYR A 1 62  ? -11.744 7.193   6.276   1.00 17.59  ? 1353 TYR A CE2 1 
ATOM   337  C CZ  . TYR A 1 62  ? -11.429 6.114   7.080   1.00 16.42  ? 1353 TYR A CZ  1 
ATOM   338  O OH  . TYR A 1 62  ? -10.270 5.413   6.875   1.00 15.89  ? 1353 TYR A OH  1 
ATOM   339  N N   . ARG A 1 63  ? -14.555 11.534  8.066   1.00 19.97  ? 1354 ARG A N   1 
ATOM   340  C CA  . ARG A 1 63  ? -13.733 12.715  7.678   1.00 23.12  ? 1354 ARG A CA  1 
ATOM   341  C C   . ARG A 1 63  ? -13.468 13.638  8.879   1.00 22.61  ? 1354 ARG A C   1 
ATOM   342  O O   . ARG A 1 63  ? -12.594 14.507  8.754   1.00 24.43  ? 1354 ARG A O   1 
ATOM   343  C CB  . ARG A 1 63  ? -14.376 13.496  6.532   1.00 24.61  ? 1354 ARG A CB  1 
ATOM   344  C CG  . ARG A 1 63  ? -14.479 12.726  5.222   1.00 27.16  ? 1354 ARG A CG  1 
ATOM   345  C CD  . ARG A 1 63  ? -13.232 11.958  4.812   1.00 30.58  ? 1354 ARG A CD  1 
ATOM   346  N NE  . ARG A 1 63  ? -12.085 12.809  4.505   1.00 33.69  ? 1354 ARG A NE  1 
ATOM   347  C CZ  . ARG A 1 63  ? -11.892 13.450  3.349   1.00 35.55  ? 1354 ARG A CZ  1 
ATOM   348  N NH1 . ARG A 1 63  ? -12.779 13.370  2.370   1.00 36.71  ? 1354 ARG A NH1 1 
ATOM   349  N NH2 . ARG A 1 63  ? -10.805 14.181  3.176   1.00 37.92  ? 1354 ARG A NH2 1 
ATOM   350  N N   . ASP A 1 64  ? -14.154 13.453  10.007  1.00 23.87  ? 1355 ASP A N   1 
ATOM   351  C CA  . ASP A 1 64  ? -13.838 14.170  11.276  1.00 21.96  ? 1355 ASP A CA  1 
ATOM   352  C C   . ASP A 1 64  ? -12.602 13.545  11.937  1.00 20.99  ? 1355 ASP A C   1 
ATOM   353  O O   . ASP A 1 64  ? -12.032 14.155  12.868  1.00 18.46  ? 1355 ASP A O   1 
ATOM   354  C CB  . ASP A 1 64  ? -15.015 14.134  12.251  1.00 22.68  ? 1355 ASP A CB  1 
ATOM   355  C CG  . ASP A 1 64  ? -16.326 14.604  11.653  1.00 23.54  ? 1355 ASP A CG  1 
ATOM   356  O OD1 . ASP A 1 64  ? -16.303 15.468  10.750  1.00 24.24  ? 1355 ASP A OD1 1 
ATOM   357  O OD2 . ASP A 1 64  ? -17.360 14.078  12.078  1.00 26.35  ? 1355 ASP A OD2 1 
ATOM   358  N N   . ILE A 1 65  ? -12.164 12.387  11.441  1.00 19.63  ? 1356 ILE A N   1 
ATOM   359  C CA  . ILE A 1 65  ? -10.933 11.719  11.937  1.00 18.70  ? 1356 ILE A CA  1 
ATOM   360  C C   . ILE A 1 65  ? -9.906  11.641  10.789  1.00 18.14  ? 1356 ILE A C   1 
ATOM   361  O O   . ILE A 1 65  ? -8.741  12.005  11.014  1.00 16.99  ? 1356 ILE A O   1 
ATOM   362  C CB  . ILE A 1 65  ? -11.289 10.341  12.537  1.00 19.18  ? 1356 ILE A CB  1 
ATOM   363  C CG1 . ILE A 1 65  ? -12.535 10.392  13.443  1.00 19.66  ? 1356 ILE A CG1 1 
ATOM   364  C CG2 . ILE A 1 65  ? -10.087 9.743   13.248  1.00 20.54  ? 1356 ILE A CG2 1 
ATOM   365  C CD1 . ILE A 1 65  ? -12.347 11.168  14.748  1.00 20.46  ? 1356 ILE A CD1 1 
ATOM   366  N N   . ILE A 1 66  ? -10.333 11.269  9.580   1.00 17.77  ? 1357 ILE A N   1 
ATOM   367  C CA  . ILE A 1 66  ? -9.438  10.901  8.443   1.00 17.81  ? 1357 ILE A CA  1 
ATOM   368  C C   . ILE A 1 66  ? -9.409  12.032  7.411   1.00 18.13  ? 1357 ILE A C   1 
ATOM   369  O O   . ILE A 1 66  ? -10.436 12.271  6.747   1.00 19.01  ? 1357 ILE A O   1 
ATOM   370  C CB  . ILE A 1 66  ? -9.873  9.552   7.837   1.00 16.91  ? 1357 ILE A CB  1 
ATOM   371  C CG1 . ILE A 1 66  ? -9.834  8.442   8.892   1.00 18.90  ? 1357 ILE A CG1 1 
ATOM   372  C CG2 . ILE A 1 66  ? -9.056  9.204   6.598   1.00 18.25  ? 1357 ILE A CG2 1 
ATOM   373  C CD1 . ILE A 1 66  ? -8.528  8.332   9.637   1.00 19.74  ? 1357 ILE A CD1 1 
ATOM   374  N N   . ASP A 1 67  ? -8.224  12.608  7.213   1.00 20.07  ? 1358 ASP A N   1 
ATOM   375  C CA  . ASP A 1 67  ? -7.961  13.727  6.268   1.00 21.44  ? 1358 ASP A CA  1 
ATOM   376  C C   . ASP A 1 67  ? -7.872  13.218  4.813   1.00 19.98  ? 1358 ASP A C   1 
ATOM   377  O O   . ASP A 1 67  ? -8.332  13.927  3.902   1.00 20.06  ? 1358 ASP A O   1 
ATOM   378  C CB  . ASP A 1 67  ? -6.659  14.456  6.629   1.00 23.91  ? 1358 ASP A CB  1 
ATOM   379  C CG  . ASP A 1 67  ? -6.504  14.886  8.083   1.00 25.92  ? 1358 ASP A CG  1 
ATOM   380  O OD1 . ASP A 1 67  ? -7.501  15.337  8.696   1.00 26.69  ? 1358 ASP A OD1 1 
ATOM   381  O OD2 . ASP A 1 67  ? -5.373  14.779  8.591   1.00 29.02  ? 1358 ASP A OD2 1 
ATOM   382  N N   . THR A 1 68  ? -7.264  12.042  4.576   1.00 18.51  ? 1359 THR A N   1 
ATOM   383  C CA  . THR A 1 68  ? -6.978  11.523  3.210   1.00 17.52  ? 1359 THR A CA  1 
ATOM   384  C C   . THR A 1 68  ? -7.349  10.047  3.154   1.00 16.40  ? 1359 THR A C   1 
ATOM   385  O O   . THR A 1 68  ? -6.506  9.172   3.436   1.00 16.34  ? 1359 THR A O   1 
ATOM   386  C CB  . THR A 1 68  ? -5.521  11.745  2.782   1.00 17.88  ? 1359 THR A CB  1 
ATOM   387  O OG1 . THR A 1 68  ? -5.180  13.121  3.013   1.00 18.80  ? 1359 THR A OG1 1 
ATOM   388  C CG2 . THR A 1 68  ? -5.274  11.340  1.338   1.00 18.59  ? 1359 THR A CG2 1 
ATOM   389  N N   . PRO A 1 69  ? -8.593  9.731   2.733   1.00 17.00  ? 1360 PRO A N   1 
ATOM   390  C CA  . PRO A 1 69  ? -9.023  8.348   2.542   1.00 16.71  ? 1360 PRO A CA  1 
ATOM   391  C C   . PRO A 1 69  ? -8.141  7.668   1.490   1.00 14.91  ? 1360 PRO A C   1 
ATOM   392  O O   . PRO A 1 69  ? -7.735  8.279   0.551   1.00 14.03  ? 1360 PRO A O   1 
ATOM   393  C CB  . PRO A 1 69  ? -10.472 8.439   2.040   1.00 17.63  ? 1360 PRO A CB  1 
ATOM   394  C CG  . PRO A 1 69  ? -10.644 9.881   1.605   1.00 19.42  ? 1360 PRO A CG  1 
ATOM   395  C CD  . PRO A 1 69  ? -9.679  10.692  2.436   1.00 18.07  ? 1360 PRO A CD  1 
ATOM   396  N N   . MET A 1 70  ? -7.839  6.399   1.712   1.00 14.06  ? 1361 MET A N   1 
ATOM   397  C CA  . MET A 1 70  ? -7.046  5.614   0.740   1.00 13.28  ? 1361 MET A CA  1 
ATOM   398  C C   . MET A 1 70  ? -7.511  4.166   0.819   1.00 13.52  ? 1361 MET A C   1 
ATOM   399  O O   . MET A 1 70  ? -7.956  3.725   1.879   1.00 13.03  ? 1361 MET A O   1 
ATOM   400  C CB  . MET A 1 70  ? -5.540  5.719   1.020   1.00 12.70  ? 1361 MET A CB  1 
ATOM   401  C CG  . MET A 1 70  ? -4.635  5.102   -0.043  1.00 11.85  ? 1361 MET A CG  1 
ATOM   402  S SD  . MET A 1 70  ? -5.001  5.590   -1.776  1.00 11.34  ? 1361 MET A SD  1 
ATOM   403  C CE  . MET A 1 70  ? -4.992  7.391   -1.723  1.00 11.31  ? 1361 MET A CE  1 
ATOM   404  N N   . ASP A 1 71  ? -7.486  3.470   -0.310  1.00 12.81  ? 1362 ASP A N   1 
ATOM   405  C CA  . ASP A 1 71  ? -7.879  2.045   -0.382  1.00 13.04  ? 1362 ASP A CA  1 
ATOM   406  C C   . ASP A 1 71  ? -7.029  1.375   -1.449  1.00 12.54  ? 1362 ASP A C   1 
ATOM   407  O O   . ASP A 1 71  ? -6.408  2.062   -2.275  1.00 12.04  ? 1362 ASP A O   1 
ATOM   408  C CB  . ASP A 1 71  ? -9.365  1.914   -0.729  1.00 13.87  ? 1362 ASP A CB  1 
ATOM   409  C CG  . ASP A 1 71  ? -9.632  2.475   -2.111  1.00 15.65  ? 1362 ASP A CG  1 
ATOM   410  O OD1 . ASP A 1 71  ? -9.822  3.694   -2.227  1.00 16.32  ? 1362 ASP A OD1 1 
ATOM   411  O OD2 . ASP A 1 71  ? -9.522  1.702   -3.055  1.00 14.21  ? 1362 ASP A OD2 1 
ATOM   412  N N   . PHE A 1 72  ? -7.048  0.051   -1.496  1.00 12.69  ? 1363 PHE A N   1 
ATOM   413  C CA  . PHE A 1 72  ? -6.212  -0.694  -2.458  1.00 12.78  ? 1363 PHE A CA  1 
ATOM   414  C C   . PHE A 1 72  ? -6.698  -0.496  -3.897  1.00 13.15  ? 1363 PHE A C   1 
ATOM   415  O O   . PHE A 1 72  ? -5.850  -0.523  -4.794  1.00 12.78  ? 1363 PHE A O   1 
ATOM   416  C CB  . PHE A 1 72  ? -6.104  -2.167  -2.060  1.00 13.07  ? 1363 PHE A CB  1 
ATOM   417  C CG  . PHE A 1 72  ? -5.203  -2.373  -0.867  1.00 12.18  ? 1363 PHE A CG  1 
ATOM   418  C CD1 . PHE A 1 72  ? -3.827  -2.250  -0.979  1.00 12.17  ? 1363 PHE A CD1 1 
ATOM   419  C CD2 . PHE A 1 72  ? -5.718  -2.677  0.387   1.00 12.71  ? 1363 PHE A CD2 1 
ATOM   420  C CE1 . PHE A 1 72  ? -2.992  -2.442  0.116   1.00 11.94  ? 1363 PHE A CE1 1 
ATOM   421  C CE2 . PHE A 1 72  ? -4.884  -2.873  1.481   1.00 12.42  ? 1363 PHE A CE2 1 
ATOM   422  C CZ  . PHE A 1 72  ? -3.523  -2.704  1.349   1.00 12.14  ? 1363 PHE A CZ  1 
ATOM   423  N N   . ALA A 1 73  ? -7.999  -0.311  -4.133  1.00 12.95  ? 1364 ALA A N   1 
ATOM   424  C CA  . ALA A 1 73  ? -8.479  -0.041  -5.498  1.00 13.48  ? 1364 ALA A CA  1 
ATOM   425  C C   . ALA A 1 73  ? -7.930  1.291   -6.017  1.00 12.26  ? 1364 ALA A C   1 
ATOM   426  O O   . ALA A 1 73  ? -7.420  1.357   -7.160  1.00 12.95  ? 1364 ALA A O   1 
ATOM   427  C CB  . ALA A 1 73  ? -9.986  -0.131  -5.610  1.00 14.66  ? 1364 ALA A CB  1 
ATOM   428  N N   . THR A 1 74  ? -7.900  2.290   -5.175  1.00 13.06  ? 1365 THR A N   1 
ATOM   429  C CA  . THR A 1 74  ? -7.333  3.607   -5.554  1.00 12.92  ? 1365 THR A CA  1 
ATOM   430  C C   . THR A 1 74  ? -5.843  3.440   -5.828  1.00 11.66  ? 1365 THR A C   1 
ATOM   431  O O   . THR A 1 74  ? -5.332  3.978   -6.843  1.00 12.15  ? 1365 THR A O   1 
ATOM   432  C CB  . THR A 1 74  ? -7.579  4.657   -4.491  1.00 13.26  ? 1365 THR A CB  1 
ATOM   433  O OG1 . THR A 1 74  ? -9.004  4.829   -4.340  1.00 15.56  ? 1365 THR A OG1 1 
ATOM   434  C CG2 . THR A 1 74  ? -6.902  5.976   -4.787  1.00 14.10  ? 1365 THR A CG2 1 
ATOM   435  N N   . VAL A 1 75  ? -5.123  2.667   -5.016  1.00 11.80  ? 1366 VAL A N   1 
ATOM   436  C CA  . VAL A 1 75  ? -3.656  2.473   -5.270  1.00 11.63  ? 1366 VAL A CA  1 
ATOM   437  C C   . VAL A 1 75  ? -3.447  1.767   -6.623  1.00 10.89  ? 1366 VAL A C   1 
ATOM   438  O O   . VAL A 1 75  ? -2.617  2.182   -7.436  1.00 11.15  ? 1366 VAL A O   1 
ATOM   439  C CB  . VAL A 1 75  ? -2.995  1.693   -4.112  1.00 12.71  ? 1366 VAL A CB  1 
ATOM   440  C CG1 . VAL A 1 75  ? -1.560  1.341   -4.471  1.00 13.03  ? 1366 VAL A CG1 1 
ATOM   441  C CG2 . VAL A 1 75  ? -3.041  2.455   -2.814  1.00 12.55  ? 1366 VAL A CG2 1 
ATOM   442  N N   . ARG A 1 76  ? -4.213  0.702   -6.891  1.00 11.46  ? 1367 ARG A N   1 
ATOM   443  C CA  . ARG A 1 76  ? -4.071  0.001   -8.179  1.00 13.62  ? 1367 ARG A CA  1 
ATOM   444  C C   . ARG A 1 76  ? -4.425  0.925   -9.354  1.00 12.85  ? 1367 ARG A C   1 
ATOM   445  O O   . ARG A 1 76  ? -3.708  0.847   -10.408 1.00 12.84  ? 1367 ARG A O   1 
ATOM   446  C CB  . ARG A 1 76  ? -5.017  -1.203  -8.169  1.00 13.81  ? 1367 ARG A CB  1 
ATOM   447  C CG  . ARG A 1 76  ? -4.995  -2.044  -9.434  1.00 20.02  ? 1367 ARG A CG  1 
ATOM   448  C CD  . ARG A 1 76  ? -5.989  -3.186  -9.243  1.00 26.16  ? 1367 ARG A CD  1 
ATOM   449  N NE  . ARG A 1 76  ? -5.362  -4.398  -8.781  1.00 28.88  ? 1367 ARG A NE  1 
ATOM   450  C CZ  . ARG A 1 76  ? -6.020  -5.487  -8.369  1.00 29.29  ? 1367 ARG A CZ  1 
ATOM   451  N NH1 . ARG A 1 76  ? -7.328  -5.465  -8.195  1.00 28.97  ? 1367 ARG A NH1 1 
ATOM   452  N NH2 . ARG A 1 76  ? -5.344  -6.571  -8.066  1.00 30.89  ? 1367 ARG A NH2 1 
ATOM   453  N N   . GLU A 1 77  ? -5.467  1.724   -9.234  1.00 12.81  ? 1368 GLU A N   1 
ATOM   454  C CA  . GLU A 1 77  ? -5.847  2.606   -10.364 1.00 13.79  ? 1368 GLU A CA  1 
ATOM   455  C C   . GLU A 1 77  ? -4.756  3.657   -10.569 1.00 13.53  ? 1368 GLU A C   1 
ATOM   456  O O   . GLU A 1 77  ? -4.471  4.051   -11.697 1.00 13.75  ? 1368 GLU A O   1 
ATOM   457  C CB  . GLU A 1 77  ? -7.164  3.258   -10.012 1.00 17.26  ? 1368 GLU A CB  1 
ATOM   458  C CG  . GLU A 1 77  ? -8.362  2.337   -10.084 1.00 20.75  ? 1368 GLU A CG  1 
ATOM   459  C CD  . GLU A 1 77  ? -9.609  2.761   -9.322  1.00 30.52  ? 1368 GLU A CD  1 
ATOM   460  O OE1 . GLU A 1 77  ? -9.676  3.925   -8.809  1.00 32.62  ? 1368 GLU A OE1 1 
ATOM   461  O OE2 . GLU A 1 77  ? -10.532 1.873   -9.240  1.00 34.49  ? 1368 GLU A OE2 1 
ATOM   462  N N   . THR A 1 78  ? -4.171  4.188   -9.516  1.00 12.14  ? 1369 THR A N   1 
ATOM   463  C CA  . THR A 1 78  ? -3.110  5.216   -9.599  1.00 12.10  ? 1369 THR A CA  1 
ATOM   464  C C   . THR A 1 78  ? -1.889  4.614   -10.312 1.00 13.26  ? 1369 THR A C   1 
ATOM   465  O O   . THR A 1 78  ? -1.299  5.253   -11.261 1.00 12.93  ? 1369 THR A O   1 
ATOM   466  C CB  . THR A 1 78  ? -2.722  5.749   -8.217  1.00 12.01  ? 1369 THR A CB  1 
ATOM   467  O OG1 . THR A 1 78  ? -3.887  6.298   -7.594  1.00 13.24  ? 1369 THR A OG1 1 
ATOM   468  C CG2 . THR A 1 78  ? -1.633  6.795   -8.290  1.00 13.26  ? 1369 THR A CG2 1 
ATOM   469  N N   . LEU A 1 79  ? -1.531  3.357   -9.976  1.00 11.96  ? 1370 LEU A N   1 
ATOM   470  C CA  . LEU A 1 79  ? -0.414  2.643   -10.627 1.00 12.24  ? 1370 LEU A CA  1 
ATOM   471  C C   . LEU A 1 79  ? -0.721  2.488   -12.103 1.00 12.29  ? 1370 LEU A C   1 
ATOM   472  O O   . LEU A 1 79  ? 0.155   2.789   -12.986 1.00 12.81  ? 1370 LEU A O   1 
ATOM   473  C CB  . LEU A 1 79  ? -0.203  1.310   -9.888  1.00 11.97  ? 1370 LEU A CB  1 
ATOM   474  C CG  . LEU A 1 79  ? 0.993   0.499   -10.373 1.00 12.34  ? 1370 LEU A CG  1 
ATOM   475  C CD1 . LEU A 1 79  ? 2.306   1.196   -10.066 1.00 12.34  ? 1370 LEU A CD1 1 
ATOM   476  C CD2 . LEU A 1 79  ? 0.963   -0.886  -9.711  1.00 14.13  ? 1370 LEU A CD2 1 
ATOM   477  N N   . GLU A 1 80  ? -1.884  1.929   -12.437 1.00 13.03  ? 1371 GLU A N   1 
ATOM   478  C CA  . GLU A 1 80  ? -2.234  1.645   -13.857 1.00 14.22  ? 1371 GLU A CA  1 
ATOM   479  C C   . GLU A 1 80  ? -2.366  2.949   -14.661 1.00 13.65  ? 1371 GLU A C   1 
ATOM   480  O O   . GLU A 1 80  ? -2.036  2.946   -15.858 1.00 15.20  ? 1371 GLU A O   1 
ATOM   481  C CB  . GLU A 1 80  ? -3.510  0.812   -13.956 1.00 15.41  ? 1371 GLU A CB  1 
ATOM   482  C CG  . GLU A 1 80  ? -3.898  0.411   -15.380 1.00 17.58  ? 1371 GLU A CG  1 
ATOM   483  C CD  . GLU A 1 80  ? -2.845  -0.325  -16.198 1.00 20.25  ? 1371 GLU A CD  1 
ATOM   484  O OE1 . GLU A 1 80  ? -1.877  -0.889  -15.610 1.00 21.87  ? 1371 GLU A OE1 1 
ATOM   485  O OE2 . GLU A 1 80  ? -2.986  -0.337  -17.443 1.00 20.97  ? 1371 GLU A OE2 1 
ATOM   486  N N   . ALA A 1 81  ? -2.806  4.047   -14.063 1.00 13.51  ? 1372 ALA A N   1 
ATOM   487  C CA  . ALA A 1 81  ? -2.879  5.340   -14.782 1.00 14.42  ? 1372 ALA A CA  1 
ATOM   488  C C   . ALA A 1 81  ? -1.482  5.861   -15.129 1.00 14.22  ? 1372 ALA A C   1 
ATOM   489  O O   . ALA A 1 81  ? -1.332  6.881   -15.838 1.00 15.38  ? 1372 ALA A O   1 
ATOM   490  C CB  . ALA A 1 81  ? -3.650  6.320   -13.971 1.00 15.87  ? 1372 ALA A CB  1 
ATOM   491  N N   . GLY A 1 82  ? -0.412  5.297   -14.552 1.00 13.68  ? 1373 GLY A N   1 
ATOM   492  C CA  . GLY A 1 82  ? 0.920   5.846   -14.727 1.00 13.57  ? 1373 GLY A CA  1 
ATOM   493  C C   . GLY A 1 82  ? 1.103   7.083   -13.902 1.00 12.66  ? 1373 GLY A C   1 
ATOM   494  O O   . GLY A 1 82  ? 1.783   8.052   -14.287 1.00 13.43  ? 1373 GLY A O   1 
ATOM   495  N N   . ASN A 1 83  ? 0.501   7.132   -12.702 1.00 12.39  ? 1374 ASN A N   1 
ATOM   496  C CA  . ASN A 1 83  ? 0.560   8.319   -11.822 1.00 13.33  ? 1374 ASN A CA  1 
ATOM   497  C C   . ASN A 1 83  ? 1.381   8.106   -10.525 1.00 12.60  ? 1374 ASN A C   1 
ATOM   498  O O   . ASN A 1 83  ? 1.416   8.934   -9.634  1.00 13.31  ? 1374 ASN A O   1 
ATOM   499  C CB  . ASN A 1 83  ? -0.856  8.807   -11.498 1.00 13.94  ? 1374 ASN A CB  1 
ATOM   500  C CG  . ASN A 1 83  ? -1.604  9.449   -12.658 1.00 15.58  ? 1374 ASN A CG  1 
ATOM   501  O OD1 . ASN A 1 83  ? -2.731  9.866   -12.431 1.00 19.27  ? 1374 ASN A OD1 1 
ATOM   502  N ND2 . ASN A 1 83  ? -1.022  9.639   -13.825 1.00 15.70  ? 1374 ASN A ND2 1 
ATOM   503  N N   . TYR A 1 84  ? 2.132   6.991   -10.476 1.00 12.62  ? 1375 TYR A N   1 
ATOM   504  C CA  . TYR A 1 84  ? 3.263   6.808   -9.535  1.00 12.67  ? 1375 TYR A CA  1 
ATOM   505  C C   . TYR A 1 84  ? 4.583   6.949   -10.327 1.00 12.34  ? 1375 TYR A C   1 
ATOM   506  O O   . TYR A 1 84  ? 4.712   6.269   -11.344 1.00 14.74  ? 1375 TYR A O   1 
ATOM   507  C CB  . TYR A 1 84  ? 3.227   5.481   -8.752  1.00 11.83  ? 1375 TYR A CB  1 
ATOM   508  C CG  . TYR A 1 84  ? 2.137   5.368   -7.722  1.00 11.13  ? 1375 TYR A CG  1 
ATOM   509  C CD1 . TYR A 1 84  ? 1.935   6.317   -6.734  1.00 11.61  ? 1375 TYR A CD1 1 
ATOM   510  C CD2 . TYR A 1 84  ? 1.241   4.318   -7.745  1.00 11.77  ? 1375 TYR A CD2 1 
ATOM   511  C CE1 . TYR A 1 84  ? 0.957   6.187   -5.755  1.00 11.71  ? 1375 TYR A CE1 1 
ATOM   512  C CE2 . TYR A 1 84  ? 0.268   4.160   -6.800  1.00 11.48  ? 1375 TYR A CE2 1 
ATOM   513  C CZ  . TYR A 1 84  ? 0.084   5.111   -5.824  1.00 11.10  ? 1375 TYR A CZ  1 
ATOM   514  O OH  . TYR A 1 84  ? -0.930  4.911   -4.925  1.00 12.67  ? 1375 TYR A OH  1 
ATOM   515  N N   . GLU A 1 85  ? 5.528   7.735   -9.787  1.00 13.44  ? 1376 GLU A N   1 
ATOM   516  C CA  . GLU A 1 85  ? 6.879   7.778   -10.411 1.00 14.80  ? 1376 GLU A CA  1 
ATOM   517  C C   . GLU A 1 85  ? 7.832   6.760   -9.789  1.00 15.26  ? 1376 GLU A C   1 
ATOM   518  O O   . GLU A 1 85  ? 8.811   6.357   -10.471 1.00 19.27  ? 1376 GLU A O   1 
ATOM   519  C CB  . GLU A 1 85  ? 7.482   9.160   -10.221 1.00 16.92  ? 1376 GLU A CB  1 
ATOM   520  C CG  . GLU A 1 85  ? 8.834   9.270   -10.930 1.00 21.46  ? 1376 GLU A CG  1 
ATOM   521  C CD  . GLU A 1 85  ? 9.408   10.666  -10.885 1.00 25.47  ? 1376 GLU A CD  1 
ATOM   522  O OE1 . GLU A 1 85  ? 8.887   11.506  -10.107 1.00 31.81  ? 1376 GLU A OE1 1 
ATOM   523  O OE2 . GLU A 1 85  ? 10.364  10.931  -11.684 1.00 32.64  ? 1376 GLU A OE2 1 
ATOM   524  N N   . SER A 1 86  ? 7.559   6.260   -8.589  1.00 13.22  ? 1377 SER A N   1 
ATOM   525  C CA  . SER A 1 86  ? 8.487   5.355   -7.877  1.00 13.88  ? 1377 SER A CA  1 
ATOM   526  C C   . SER A 1 86  ? 7.675   4.430   -6.991  1.00 13.09  ? 1377 SER A C   1 
ATOM   527  O O   . SER A 1 86  ? 6.545   4.749   -6.584  1.00 13.01  ? 1377 SER A O   1 
ATOM   528  C CB  . SER A 1 86  ? 9.460   6.174   -7.059  1.00 14.16  ? 1377 SER A CB  1 
ATOM   529  O OG  . SER A 1 86  ? 8.809   6.754   -5.935  1.00 14.42  ? 1377 SER A OG  1 
ATOM   530  N N   . PRO A 1 87  ? 8.290   3.323   -6.537  1.00 12.67  ? 1378 PRO A N   1 
ATOM   531  C CA  . PRO A 1 87  ? 7.617   2.444   -5.590  1.00 12.58  ? 1378 PRO A CA  1 
ATOM   532  C C   . PRO A 1 87  ? 7.539   3.090   -4.200  1.00 12.71  ? 1378 PRO A C   1 
ATOM   533  O O   . PRO A 1 87  ? 6.663   2.690   -3.410  1.00 12.05  ? 1378 PRO A O   1 
ATOM   534  C CB  . PRO A 1 87  ? 8.495   1.177   -5.532  1.00 12.30  ? 1378 PRO A CB  1 
ATOM   535  C CG  . PRO A 1 87  ? 9.855   1.649   -6.016  1.00 13.01  ? 1378 PRO A CG  1 
ATOM   536  C CD  . PRO A 1 87  ? 9.588   2.769   -7.004  1.00 13.67  ? 1378 PRO A CD  1 
ATOM   537  N N   . MET A 1 88  ? 8.394   4.085   -3.892  1.00 11.51  ? 1379 MET A N   1 
ATOM   538  C CA  . MET A 1 88  ? 8.269   4.785   -2.596  1.00 11.82  ? 1379 MET A CA  1 
ATOM   539  C C   . MET A 1 88  ? 6.935   5.514   -2.502  1.00 11.26  ? 1379 MET A C   1 
ATOM   540  O O   . MET A 1 88  ? 6.314   5.564   -1.444  1.00 11.38  ? 1379 MET A O   1 
ATOM   541  C CB  . MET A 1 88  ? 9.410   5.792   -2.398  1.00 12.82  ? 1379 MET A CB  1 
ATOM   542  C CG  . MET A 1 88  ? 10.754  5.079   -2.309  1.00 13.30  ? 1379 MET A CG  1 
ATOM   543  S SD  . MET A 1 88  ? 11.602  4.721   -3.877  1.00 15.30  ? 1379 MET A SD  1 
ATOM   544  C CE  . MET A 1 88  ? 12.233  6.360   -4.242  1.00 16.31  ? 1379 MET A CE  1 
ATOM   545  N N   . GLU A 1 89  ? 6.475   6.119   -3.595  1.00 11.32  ? 1380 GLU A N   1 
ATOM   546  C CA  . GLU A 1 89  ? 5.191   6.818   -3.591  1.00 11.69  ? 1380 GLU A CA  1 
ATOM   547  C C   . GLU A 1 89  ? 4.045   5.803   -3.392  1.00 11.84  ? 1380 GLU A C   1 
ATOM   548  O O   . GLU A 1 89  ? 3.094   6.082   -2.596  1.00 12.62  ? 1380 GLU A O   1 
ATOM   549  C CB  . GLU A 1 89  ? 4.960   7.552   -4.910  1.00 13.17  ? 1380 GLU A CB  1 
ATOM   550  C CG  . GLU A 1 89  ? 5.839   8.743   -5.165  1.00 13.95  ? 1380 GLU A CG  1 
ATOM   551  C CD  . GLU A 1 89  ? 5.614   9.370   -6.512  1.00 14.63  ? 1380 GLU A CD  1 
ATOM   552  O OE1 . GLU A 1 89  ? 4.919   8.816   -7.331  1.00 15.21  ? 1380 GLU A OE1 1 
ATOM   553  O OE2 . GLU A 1 89  ? 6.234   10.470  -6.719  1.00 19.84  ? 1380 GLU A OE2 1 
ATOM   554  N N   . LEU A 1 90  ? 4.043   4.645   -4.040  1.00 11.57  ? 1381 LEU A N   1 
ATOM   555  C CA  . LEU A 1 90  ? 3.022   3.602   -3.832  1.00 11.63  ? 1381 LEU A CA  1 
ATOM   556  C C   . LEU A 1 90  ? 3.040   3.140   -2.382  1.00 11.40  ? 1381 LEU A C   1 
ATOM   557  O O   . LEU A 1 90  ? 1.990   2.978   -1.750  1.00 11.28  ? 1381 LEU A O   1 
ATOM   558  C CB  . LEU A 1 90  ? 3.265   2.437   -4.789  1.00 12.20  ? 1381 LEU A CB  1 
ATOM   559  C CG  . LEU A 1 90  ? 2.305   1.250   -4.647  1.00 12.55  ? 1381 LEU A CG  1 
ATOM   560  C CD1 . LEU A 1 90  ? 1.982   0.639   -6.013  1.00 12.15  ? 1381 LEU A CD1 1 
ATOM   561  C CD2 . LEU A 1 90  ? 2.845   0.203   -3.684  1.00 11.67  ? 1381 LEU A CD2 1 
ATOM   562  N N   A CYS A 1 91  ? 4.238   2.961   -1.823  0.30 11.07  ? 1382 CYS A N   1 
ATOM   563  N N   B CYS A 1 91  ? 4.233   2.946   -1.811  0.29 12.33  ? 1382 CYS A N   1 
ATOM   564  C CA  A CYS A 1 91  ? 4.424   2.479   -0.434  0.30 10.91  ? 1382 CYS A CA  1 
ATOM   565  C CA  B CYS A 1 91  ? 4.379   2.511   -0.399  0.29 12.99  ? 1382 CYS A CA  1 
ATOM   566  C C   A CYS A 1 91  ? 3.846   3.513   0.552   0.30 11.60  ? 1382 CYS A C   1 
ATOM   567  C C   B CYS A 1 91  ? 3.771   3.532   0.550   0.29 12.72  ? 1382 CYS A C   1 
ATOM   568  O O   A CYS A 1 91  ? 3.242   3.086   1.572   0.30 11.61  ? 1382 CYS A O   1 
ATOM   569  O O   B CYS A 1 91  ? 3.161   3.110   1.563   0.29 12.56  ? 1382 CYS A O   1 
ATOM   570  C CB  A CYS A 1 91  ? 5.890   2.137   -0.209  0.30 10.71  ? 1382 CYS A CB  1 
ATOM   571  C CB  B CYS A 1 91  ? 5.826   2.328   0.000   0.29 14.42  ? 1382 CYS A CB  1 
ATOM   572  S SG  A CYS A 1 91  ? 6.276   1.392   1.396   0.30 9.87   ? 1382 CYS A SG  1 
ATOM   573  S SG  B CYS A 1 91  ? 6.490   0.822   -0.725  0.29 17.86  ? 1382 CYS A SG  1 
ATOM   574  N N   . LYS A 1 92  ? 3.990   4.818   0.287   1.00 12.63  ? 1383 LYS A N   1 
ATOM   575  C CA  . LYS A 1 92  ? 3.432   5.836   1.159   1.00 12.36  ? 1383 LYS A CA  1 
ATOM   576  C C   . LYS A 1 92  ? 1.899   5.705   1.166   1.00 12.03  ? 1383 LYS A C   1 
ATOM   577  O O   . LYS A 1 92  ? 1.291   5.780   2.251   1.00 12.09  ? 1383 LYS A O   1 
ATOM   578  C CB  . LYS A 1 92  ? 3.936   7.191   0.674   1.00 14.30  ? 1383 LYS A CB  1 
ATOM   579  C CG  . LYS A 1 92  ? 3.417   8.334   1.500   1.00 17.81  ? 1383 LYS A CG  1 
ATOM   580  C CD  . LYS A 1 92  ? 4.108   9.662   1.159   1.00 21.71  ? 1383 LYS A CD  1 
ATOM   581  C CE  . LYS A 1 92  ? 3.425   10.840  1.829   1.00 27.74  ? 1383 LYS A CE  1 
ATOM   582  N NZ  . LYS A 1 92  ? 3.942   12.172  1.382   1.00 33.39  ? 1383 LYS A NZ  1 
ATOM   583  N N   . ASP A 1 93  ? 1.254   5.525   0.014   1.00 11.47  ? 1384 ASP A N   1 
ATOM   584  C CA  . ASP A 1 93  ? -0.212  5.389   -0.018  1.00 11.59  ? 1384 ASP A CA  1 
ATOM   585  C C   . ASP A 1 93  ? -0.671  4.102   0.683   1.00 10.66  ? 1384 ASP A C   1 
ATOM   586  O O   . ASP A 1 93  ? -1.674  4.110   1.379   1.00 10.79  ? 1384 ASP A O   1 
ATOM   587  C CB  . ASP A 1 93  ? -0.719  5.427   -1.448  1.00 12.19  ? 1384 ASP A CB  1 
ATOM   588  C CG  . ASP A 1 93  ? -0.875  6.825   -2.040  1.00 14.92  ? 1384 ASP A CG  1 
ATOM   589  O OD1 . ASP A 1 93  ? -0.615  7.830   -1.285  1.00 18.31  ? 1384 ASP A OD1 1 
ATOM   590  O OD2 . ASP A 1 93  ? -1.134  6.938   -3.240  1.00 14.33  ? 1384 ASP A OD2 1 
ATOM   591  N N   . VAL A 1 94  ? 0.039   2.971   0.501   1.00 11.20  ? 1385 VAL A N   1 
ATOM   592  C CA  . VAL A 1 94  ? -0.360  1.711   1.194   1.00 11.04  ? 1385 VAL A CA  1 
ATOM   593  C C   . VAL A 1 94  ? -0.228  1.914   2.700   1.00 10.39  ? 1385 VAL A C   1 
ATOM   594  O O   . VAL A 1 94  ? -1.121  1.542   3.471   1.00 10.62  ? 1385 VAL A O   1 
ATOM   595  C CB  . VAL A 1 94  ? 0.441   0.531   0.688   1.00 11.29  ? 1385 VAL A CB  1 
ATOM   596  C CG1 . VAL A 1 94  ? 0.186   -0.702  1.561   1.00 12.00  ? 1385 VAL A CG1 1 
ATOM   597  C CG2 . VAL A 1 94  ? 0.064   0.233   -0.762  1.00 11.20  ? 1385 VAL A CG2 1 
ATOM   598  N N   . ARG A 1 95  ? 0.844   2.555   3.159   1.00 10.94  ? 1386 ARG A N   1 
ATOM   599  C CA  . ARG A 1 95  ? 1.029   2.813   4.597   1.00 11.27  ? 1386 ARG A CA  1 
ATOM   600  C C   . ARG A 1 95  ? -0.079  3.708   5.133   1.00 10.78  ? 1386 ARG A C   1 
ATOM   601  O O   . ARG A 1 95  ? -0.496  3.553   6.294   1.00 11.40  ? 1386 ARG A O   1 
ATOM   602  C CB  . ARG A 1 95  ? 2.450   3.290   4.845   1.00 11.67  ? 1386 ARG A CB  1 
ATOM   603  C CG  . ARG A 1 95  ? 3.473   2.184   4.738   1.00 11.72  ? 1386 ARG A CG  1 
ATOM   604  C CD  . ARG A 1 95  ? 4.886   2.743   4.697   1.00 13.83  ? 1386 ARG A CD  1 
ATOM   605  N NE  . ARG A 1 95  ? 5.907   1.728   4.666   1.00 16.00  ? 1386 ARG A NE  1 
ATOM   606  C CZ  . ARG A 1 95  ? 7.221   1.943   4.644   1.00 17.73  ? 1386 ARG A CZ  1 
ATOM   607  N NH1 . ARG A 1 95  ? 7.719   3.163   4.482   1.00 19.02  ? 1386 ARG A NH1 1 
ATOM   608  N NH2 . ARG A 1 95  ? 8.024   0.887   4.688   1.00 20.68  ? 1386 ARG A NH2 1 
ATOM   609  N N   . LEU A 1 96  ? -0.597  4.601   4.291   1.00 11.67  ? 1387 LEU A N   1 
ATOM   610  C CA  . LEU A 1 96  ? -1.716  5.523   4.644   1.00 12.11  ? 1387 LEU A CA  1 
ATOM   611  C C   . LEU A 1 96  ? -2.984  4.708   4.953   1.00 12.51  ? 1387 LEU A C   1 
ATOM   612  O O   . LEU A 1 96  ? -3.709  5.013   5.902   1.00 11.55  ? 1387 LEU A O   1 
ATOM   613  C CB  . LEU A 1 96  ? -1.922  6.514   3.491   1.00 12.74  ? 1387 LEU A CB  1 
ATOM   614  C CG  . LEU A 1 96  ? -3.068  7.527   3.582   1.00 13.24  ? 1387 LEU A CG  1 
ATOM   615  C CD1 . LEU A 1 96  ? -3.001  8.389   4.834   1.00 13.76  ? 1387 LEU A CD1 1 
ATOM   616  C CD2 . LEU A 1 96  ? -3.108  8.408   2.329   1.00 13.30  ? 1387 LEU A CD2 1 
ATOM   617  N N   . ILE A 1 97  ? -3.257  3.653   4.186   1.00 12.09  ? 1388 ILE A N   1 
ATOM   618  C CA  . ILE A 1 97  ? -4.441  2.766   4.431   1.00 12.81  ? 1388 ILE A CA  1 
ATOM   619  C C   . ILE A 1 97  ? -4.372  2.281   5.880   1.00 12.90  ? 1388 ILE A C   1 
ATOM   620  O O   . ILE A 1 97  ? -5.372  2.358   6.606   1.00 11.39  ? 1388 ILE A O   1 
ATOM   621  C CB  . ILE A 1 97  ? -4.496  1.598   3.434   1.00 12.49  ? 1388 ILE A CB  1 
ATOM   622  C CG1 . ILE A 1 97  ? -4.726  2.118   2.010   1.00 12.12  ? 1388 ILE A CG1 1 
ATOM   623  C CG2 . ILE A 1 97  ? -5.564  0.584   3.835   1.00 12.72  ? 1388 ILE A CG2 1 
ATOM   624  C CD1 . ILE A 1 97  ? -4.476  1.082   0.917   1.00 12.39  ? 1388 ILE A CD1 1 
ATOM   625  N N   . PHE A 1 98  ? -3.216  1.780   6.297   1.00 12.31  ? 1389 PHE A N   1 
ATOM   626  C CA  . PHE A 1 98  ? -3.058  1.167   7.641   1.00 13.08  ? 1389 PHE A CA  1 
ATOM   627  C C   . PHE A 1 98  ? -3.104  2.267   8.708   1.00 12.87  ? 1389 PHE A C   1 
ATOM   628  O O   . PHE A 1 98  ? -3.729  2.061   9.742   1.00 11.96  ? 1389 PHE A O   1 
ATOM   629  C CB  . PHE A 1 98  ? -1.808  0.290   7.688   1.00 13.23  ? 1389 PHE A CB  1 
ATOM   630  C CG  . PHE A 1 98  ? -1.844  -0.854  6.706   1.00 13.27  ? 1389 PHE A CG  1 
ATOM   631  C CD1 . PHE A 1 98  ? -2.928  -1.725  6.671   1.00 14.80  ? 1389 PHE A CD1 1 
ATOM   632  C CD2 . PHE A 1 98  ? -0.807  -1.070  5.809   1.00 14.45  ? 1389 PHE A CD2 1 
ATOM   633  C CE1 . PHE A 1 98  ? -3.001  -2.781  5.776   1.00 13.78  ? 1389 PHE A CE1 1 
ATOM   634  C CE2 . PHE A 1 98  ? -0.870  -2.133  4.919   1.00 12.93  ? 1389 PHE A CE2 1 
ATOM   635  C CZ  . PHE A 1 98  ? -1.964  -2.980  4.898   1.00 12.57  ? 1389 PHE A CZ  1 
ATOM   636  N N   . SER A 1 99  ? -2.499  3.438   8.476   1.00 13.57  ? 1390 SER A N   1 
ATOM   637  C CA  . SER A 1 99  ? -2.579  4.548   9.466   1.00 14.24  ? 1390 SER A CA  1 
ATOM   638  C C   . SER A 1 99  ? -4.036  5.026   9.595   1.00 13.64  ? 1390 SER A C   1 
ATOM   639  O O   . SER A 1 99  ? -4.480  5.341   10.739  1.00 12.70  ? 1390 SER A O   1 
ATOM   640  C CB  . SER A 1 99  ? -1.631  5.659   9.130   1.00 14.89  ? 1390 SER A CB  1 
ATOM   641  O OG  . SER A 1 99  ? -1.959  6.258   7.898   1.00 17.62  ? 1390 SER A OG  1 
ATOM   642  N N   . ASN A 1 100 ? -4.777  5.090   8.486   1.00 13.32  ? 1391 ASN A N   1 
ATOM   643  C CA  . ASN A 1 100 ? -6.191  5.521   8.507   1.00 15.01  ? 1391 ASN A CA  1 
ATOM   644  C C   . ASN A 1 100 ? -6.973  4.534   9.369   1.00 14.23  ? 1391 ASN A C   1 
ATOM   645  O O   . ASN A 1 100 ? -7.773  4.968   10.219  1.00 14.77  ? 1391 ASN A O   1 
ATOM   646  C CB  . ASN A 1 100 ? -6.775  5.654   7.105   1.00 14.66  ? 1391 ASN A CB  1 
ATOM   647  C CG  . ASN A 1 100 ? -6.281  6.864   6.338   1.00 15.06  ? 1391 ASN A CG  1 
ATOM   648  O OD1 . ASN A 1 100 ? -5.716  7.786   6.897   1.00 14.37  ? 1391 ASN A OD1 1 
ATOM   649  N ND2 . ASN A 1 100 ? -6.491  6.866   5.037   1.00 15.26  ? 1391 ASN A ND2 1 
ATOM   650  N N   . SER A 1 101 ? -6.740  3.239   9.173   1.00 15.37  ? 1392 SER A N   1 
ATOM   651  C CA  . SER A 1 101 ? -7.459  2.181   9.919   1.00 16.68  ? 1392 SER A CA  1 
ATOM   652  C C   . SER A 1 101 ? -7.156  2.288   11.422  1.00 16.39  ? 1392 SER A C   1 
ATOM   653  O O   . SER A 1 101 ? -8.096  2.175   12.237  1.00 19.66  ? 1392 SER A O   1 
ATOM   654  C CB  . SER A 1 101 ? -7.136  0.819   9.346   1.00 16.06  ? 1392 SER A CB  1 
ATOM   655  O OG  . SER A 1 101 ? -7.792  -0.214  10.075  1.00 16.91  ? 1392 SER A OG  1 
ATOM   656  N N   . LYS A 1 102 ? -5.899  2.552   11.785  1.00 17.43  ? 1393 LYS A N   1 
ATOM   657  C CA  . LYS A 1 102 ? -5.462  2.769   13.194  1.00 19.08  ? 1393 LYS A CA  1 
ATOM   658  C C   . LYS A 1 102 ? -6.107  4.035   13.780  1.00 18.43  ? 1393 LYS A C   1 
ATOM   659  O O   . LYS A 1 102 ? -6.535  4.005   14.978  1.00 16.87  ? 1393 LYS A O   1 
ATOM   660  C CB  . LYS A 1 102 ? -3.938  2.863   13.230  1.00 19.43  ? 1393 LYS A CB  1 
ATOM   661  C CG  . LYS A 1 102 ? -3.348  3.032   14.617  1.00 20.80  ? 1393 LYS A CG  1 
ATOM   662  C CD  . LYS A 1 102 ? -1.875  2.754   14.663  1.00 21.90  ? 1393 LYS A CD  1 
ATOM   663  C CE  . LYS A 1 102 ? -1.323  2.830   16.067  1.00 23.59  ? 1393 LYS A CE  1 
ATOM   664  N NZ  . LYS A 1 102 ? -0.105  2.002   16.211  1.00 26.19  ? 1393 LYS A NZ  1 
ATOM   665  N N   . ALA A 1 103 ? -6.177  5.106   12.989  1.00 19.54  ? 1394 ALA A N   1 
ATOM   666  C CA  . ALA A 1 103 ? -6.746  6.409   13.410  1.00 19.42  ? 1394 ALA A CA  1 
ATOM   667  C C   . ALA A 1 103 ? -8.245  6.261   13.682  1.00 20.73  ? 1394 ALA A C   1 
ATOM   668  O O   . ALA A 1 103 ? -8.754  6.980   14.550  1.00 19.48  ? 1394 ALA A O   1 
ATOM   669  C CB  . ALA A 1 103 ? -6.478  7.463   12.363  1.00 19.80  ? 1394 ALA A CB  1 
ATOM   670  N N   . TYR A 1 104 ? -8.945  5.357   12.989  1.00 18.42  ? 1395 TYR A N   1 
ATOM   671  C CA  . TYR A 1 104 ? -10.409 5.175   13.143  1.00 20.02  ? 1395 TYR A CA  1 
ATOM   672  C C   . TYR A 1 104 ? -10.741 4.035   14.119  1.00 20.33  ? 1395 TYR A C   1 
ATOM   673  O O   . TYR A 1 104 ? -11.826 4.061   14.701  1.00 18.97  ? 1395 TYR A O   1 
ATOM   674  C CB  . TYR A 1 104 ? -11.072 4.986   11.780  1.00 20.71  ? 1395 TYR A CB  1 
ATOM   675  C CG  . TYR A 1 104 ? -12.513 5.410   11.831  1.00 19.94  ? 1395 TYR A CG  1 
ATOM   676  C CD1 . TYR A 1 104 ? -12.872 6.747   11.956  1.00 19.16  ? 1395 TYR A CD1 1 
ATOM   677  C CD2 . TYR A 1 104 ? -13.514 4.459   11.839  1.00 20.19  ? 1395 TYR A CD2 1 
ATOM   678  C CE1 . TYR A 1 104 ? -14.204 7.125   12.043  1.00 18.52  ? 1395 TYR A CE1 1 
ATOM   679  C CE2 . TYR A 1 104 ? -14.847 4.818   11.921  1.00 19.83  ? 1395 TYR A CE2 1 
ATOM   680  C CZ  . TYR A 1 104 ? -15.188 6.152   12.047  1.00 19.75  ? 1395 TYR A CZ  1 
ATOM   681  O OH  . TYR A 1 104 ? -16.512 6.452   12.154  1.00 20.11  ? 1395 TYR A OH  1 
ATOM   682  N N   . THR A 1 105 ? -9.854  3.060   14.312  1.00 23.96  ? 1396 THR A N   1 
ATOM   683  C CA  . THR A 1 105 ? -10.111 1.909   15.214  1.00 24.46  ? 1396 THR A CA  1 
ATOM   684  C C   . THR A 1 105 ? -10.425 2.424   16.621  1.00 26.36  ? 1396 THR A C   1 
ATOM   685  O O   . THR A 1 105 ? -9.639  3.157   17.234  1.00 24.22  ? 1396 THR A O   1 
ATOM   686  C CB  . THR A 1 105 ? -8.958  0.893   15.215  1.00 26.25  ? 1396 THR A CB  1 
ATOM   687  O OG1 . THR A 1 105 ? -9.467  -0.291  15.834  1.00 29.13  ? 1396 THR A OG1 1 
ATOM   688  C CG2 . THR A 1 105 ? -7.733  1.381   15.953  1.00 28.14  ? 1396 THR A CG2 1 
ATOM   689  N N   . PRO A 1 106 ? -11.573 2.015   17.204  1.00 25.38  ? 1397 PRO A N   1 
ATOM   690  C CA  . PRO A 1 106 ? -12.004 2.531   18.500  1.00 25.61  ? 1397 PRO A CA  1 
ATOM   691  C C   . PRO A 1 106 ? -11.249 1.797   19.617  1.00 24.47  ? 1397 PRO A C   1 
ATOM   692  O O   . PRO A 1 106 ? -11.283 2.267   20.756  1.00 24.36  ? 1397 PRO A O   1 
ATOM   693  C CB  . PRO A 1 106 ? -13.509 2.239   18.434  1.00 25.86  ? 1397 PRO A CB  1 
ATOM   694  C CG  . PRO A 1 106 ? -13.577 0.891   17.734  1.00 27.96  ? 1397 PRO A CG  1 
ATOM   695  C CD  . PRO A 1 106 ? -12.494 0.986   16.681  1.00 26.99  ? 1397 PRO A CD  1 
ATOM   696  N N   . SER A 1 107 ? -10.568 0.687   19.284  1.00 23.30  ? 1398 SER A N   1 
ATOM   697  C CA  . SER A 1 107 ? -9.742  -0.112  20.227  1.00 22.56  ? 1398 SER A CA  1 
ATOM   698  C C   . SER A 1 107 ? -8.773  -1.024  19.467  1.00 22.01  ? 1398 SER A C   1 
ATOM   699  O O   . SER A 1 107 ? -9.001  -1.298  18.266  1.00 21.83  ? 1398 SER A O   1 
ATOM   700  C CB  . SER A 1 107 ? -10.608 -0.932  21.140  1.00 24.03  ? 1398 SER A CB  1 
ATOM   701  O OG  . SER A 1 107 ? -11.076 -2.092  20.463  1.00 22.87  ? 1398 SER A OG  1 
ATOM   702  N N   . LYS A 1 108 ? -7.764  -1.535  20.168  1.00 23.12  ? 1399 LYS A N   1 
ATOM   703  C CA  . LYS A 1 108 ? -6.807  -2.538  19.638  1.00 23.02  ? 1399 LYS A CA  1 
ATOM   704  C C   . LYS A 1 108 ? -7.551  -3.855  19.381  1.00 23.78  ? 1399 LYS A C   1 
ATOM   705  O O   . LYS A 1 108 ? -7.264  -4.499  18.333  1.00 22.23  ? 1399 LYS A O   1 
ATOM   706  C CB  . LYS A 1 108 ? -5.656  -2.709  20.633  1.00 24.49  ? 1399 LYS A CB  1 
ATOM   707  C CG  . LYS A 1 108 ? -4.787  -1.470  20.803  1.00 26.96  ? 1399 LYS A CG  1 
ATOM   708  C CD  . LYS A 1 108 ? -3.928  -1.163  19.594  1.00 28.44  ? 1399 LYS A CD  1 
ATOM   709  C CE  . LYS A 1 108 ? -3.126  -2.339  19.085  1.00 29.47  ? 1399 LYS A CE  1 
ATOM   710  N NZ  . LYS A 1 108 ? -1.802  -1.905  18.571  1.00 29.40  ? 1399 LYS A NZ  1 
ATOM   711  N N   . ARG A 1 109 ? -8.485  -4.223  20.270  1.00 24.58  ? 1400 ARG A N   1 
ATOM   712  C CA  . ARG A 1 109 ? -9.272  -5.492  20.206  1.00 26.79  ? 1400 ARG A CA  1 
ATOM   713  C C   . ARG A 1 109 ? -10.452 -5.294  19.257  1.00 26.84  ? 1400 ARG A C   1 
ATOM   714  O O   . ARG A 1 109 ? -11.619 -5.489  19.656  1.00 27.40  ? 1400 ARG A O   1 
ATOM   715  C CB  . ARG A 1 109 ? -9.741  -5.927  21.597  1.00 27.33  ? 1400 ARG A CB  1 
ATOM   716  C CG  . ARG A 1 109 ? -8.653  -6.568  22.442  1.00 30.42  ? 1400 ARG A CG  1 
ATOM   717  C CD  . ARG A 1 109 ? -9.046  -6.690  23.905  1.00 33.75  ? 1400 ARG A CD  1 
ATOM   718  N NE  . ARG A 1 109 ? -7.895  -6.751  24.802  1.00 37.49  ? 1400 ARG A NE  1 
ATOM   719  C CZ  . ARG A 1 109 ? -7.286  -5.701  25.361  1.00 41.27  ? 1400 ARG A CZ  1 
ATOM   720  N NH1 . ARG A 1 109 ? -7.696  -4.466  25.117  1.00 42.15  ? 1400 ARG A NH1 1 
ATOM   721  N NH2 . ARG A 1 109 ? -6.253  -5.894  26.166  1.00 42.12  ? 1400 ARG A NH2 1 
ATOM   722  N N   . SER A 1 110 ? -10.135 -4.879  18.038  1.00 25.37  ? 1401 SER A N   1 
ATOM   723  C CA  . SER A 1 110 ? -11.085 -4.789  16.920  1.00 24.72  ? 1401 SER A CA  1 
ATOM   724  C C   . SER A 1 110 ? -10.601 -5.718  15.810  1.00 22.59  ? 1401 SER A C   1 
ATOM   725  O O   . SER A 1 110 ? -9.361  -5.815  15.585  1.00 21.63  ? 1401 SER A O   1 
ATOM   726  C CB  . SER A 1 110 ? -11.219 -3.376  16.481  1.00 24.22  ? 1401 SER A CB  1 
ATOM   727  O OG  . SER A 1 110 ? -9.937  -2.804  16.301  1.00 27.71  ? 1401 SER A OG  1 
ATOM   728  N N   . ARG A 1 111 ? -11.535 -6.452  15.208  1.00 22.18  ? 1402 ARG A N   1 
ATOM   729  C CA  . ARG A 1 111 ? -11.231 -7.422  14.127  1.00 23.52  ? 1402 ARG A CA  1 
ATOM   730  C C   . ARG A 1 111 ? -10.449 -6.674  13.049  1.00 23.32  ? 1402 ARG A C   1 
ATOM   731  O O   . ARG A 1 111 ? -9.390  -7.167  12.653  1.00 22.38  ? 1402 ARG A O   1 
ATOM   732  C CB  . ARG A 1 111 ? -12.521 -8.054  13.590  1.00 25.16  ? 1402 ARG A CB  1 
ATOM   733  C CG  . ARG A 1 111 ? -12.299 -9.114  12.518  1.00 26.28  ? 1402 ARG A CG  1 
ATOM   734  C CD  . ARG A 1 111 ? -11.901 -10.476 13.057  1.00 28.82  ? 1402 ARG A CD  1 
ATOM   735  N NE  . ARG A 1 111 ? -12.188 -11.549 12.101  1.00 33.45  ? 1402 ARG A NE  1 
ATOM   736  C CZ  . ARG A 1 111 ? -11.303 -12.395 11.567  1.00 34.53  ? 1402 ARG A CZ  1 
ATOM   737  N NH1 . ARG A 1 111 ? -10.015 -12.320 11.868  1.00 38.61  ? 1402 ARG A NH1 1 
ATOM   738  N NH2 . ARG A 1 111 ? -11.718 -13.332 10.728  1.00 34.48  ? 1402 ARG A NH2 1 
ATOM   739  N N   . ILE A 1 112 ? -10.943 -5.503  12.637  1.00 22.82  ? 1403 ILE A N   1 
ATOM   740  C CA  . ILE A 1 112 ? -10.317 -4.654  11.575  1.00 25.31  ? 1403 ILE A CA  1 
ATOM   741  C C   . ILE A 1 112 ? -8.850  -4.386  11.908  1.00 26.98  ? 1403 ILE A C   1 
ATOM   742  O O   . ILE A 1 112 ? -8.030  -4.535  10.972  1.00 21.25  ? 1403 ILE A O   1 
ATOM   743  C CB  . ILE A 1 112 ? -11.096 -3.343  11.363  1.00 27.42  ? 1403 ILE A CB  1 
ATOM   744  C CG1 . ILE A 1 112 ? -12.099 -3.477  10.217  1.00 28.63  ? 1403 ILE A CG1 1 
ATOM   745  C CG2 . ILE A 1 112 ? -10.159 -2.166  11.120  1.00 27.68  ? 1403 ILE A CG2 1 
ATOM   746  C CD1 . ILE A 1 112 ? -12.801 -4.808  10.151  1.00 28.82  ? 1403 ILE A CD1 1 
ATOM   747  N N   . TYR A 1 113 ? -8.550  -3.975  13.147  1.00 27.84  ? 1404 TYR A N   1 
ATOM   748  C CA  . TYR A 1 113 ? -7.174  -3.641  13.598  1.00 29.21  ? 1404 TYR A CA  1 
ATOM   749  C C   . TYR A 1 113 ? -6.283  -4.868  13.416  1.00 26.18  ? 1404 TYR A C   1 
ATOM   750  O O   . TYR A 1 113 ? -5.215  -4.706  12.845  1.00 22.62  ? 1404 TYR A O   1 
ATOM   751  C CB  . TYR A 1 113 ? -7.085  -3.187  15.059  1.00 32.92  ? 1404 TYR A CB  1 
ATOM   752  C CG  . TYR A 1 113 ? -5.752  -2.566  15.399  1.00 36.38  ? 1404 TYR A CG  1 
ATOM   753  C CD1 . TYR A 1 113 ? -5.560  -1.205  15.261  1.00 39.88  ? 1404 TYR A CD1 1 
ATOM   754  C CD2 . TYR A 1 113 ? -4.670  -3.336  15.801  1.00 39.73  ? 1404 TYR A CD2 1 
ATOM   755  C CE1 . TYR A 1 113 ? -4.339  -0.610  15.536  1.00 40.59  ? 1404 TYR A CE1 1 
ATOM   756  C CE2 . TYR A 1 113 ? -3.442  -2.756  16.076  1.00 40.75  ? 1404 TYR A CE2 1 
ATOM   757  C CZ  . TYR A 1 113 ? -3.274  -1.390  15.945  1.00 40.73  ? 1404 TYR A CZ  1 
ATOM   758  O OH  . TYR A 1 113 ? -2.065  -0.833  16.229  1.00 42.11  ? 1404 TYR A OH  1 
ATOM   759  N N   . SER A 1 114 ? -6.702  -6.038  13.910  1.00 23.65  ? 1405 SER A N   1 
ATOM   760  C CA  . SER A 1 114 ? -5.964  -7.322  13.769  1.00 24.46  ? 1405 SER A CA  1 
ATOM   761  C C   . SER A 1 114 ? -5.767  -7.632  12.279  1.00 21.54  ? 1405 SER A C   1 
ATOM   762  O O   . SER A 1 114 ? -4.677  -8.091  11.925  1.00 21.72  ? 1405 SER A O   1 
ATOM   763  C CB  . SER A 1 114 ? -6.648  -8.459  14.509  1.00 24.67  ? 1405 SER A CB  1 
ATOM   764  O OG  . SER A 1 114 ? -7.923  -8.712  13.964  1.00 24.91  ? 1405 SER A OG  1 
ATOM   765  N N   . MET A 1 115 ? -6.778  -7.397  11.436  1.00 19.28  ? 1406 MET A N   1 
ATOM   766  C CA  . MET A 1 115 ? -6.646  -7.586  9.963   1.00 18.76  ? 1406 MET A CA  1 
ATOM   767  C C   . MET A 1 115 ? -5.585  -6.616  9.412   1.00 17.28  ? 1406 MET A C   1 
ATOM   768  O O   . MET A 1 115 ? -4.720  -7.051  8.596   1.00 16.73  ? 1406 MET A O   1 
ATOM   769  C CB  . MET A 1 115 ? -7.978  -7.386  9.226   1.00 19.06  ? 1406 MET A CB  1 
ATOM   770  C CG  . MET A 1 115 ? -8.923  -8.568  9.354   1.00 20.16  ? 1406 MET A CG  1 
ATOM   771  S SD  . MET A 1 115 ? -10.351 -8.492  8.251   1.00 20.63  ? 1406 MET A SD  1 
ATOM   772  C CE  . MET A 1 115 ? -10.892 -10.197 8.335   1.00 21.47  ? 1406 MET A CE  1 
ATOM   773  N N   . SER A 1 116 ? -5.630  -5.341  9.806   1.00 16.83  ? 1407 SER A N   1 
ATOM   774  C CA  . SER A 1 116 ? -4.657  -4.331  9.323   1.00 17.25  ? 1407 SER A CA  1 
ATOM   775  C C   . SER A 1 116 ? -3.228  -4.749  9.701   1.00 15.88  ? 1407 SER A C   1 
ATOM   776  O O   . SER A 1 116 ? -2.348  -4.665  8.850   1.00 14.68  ? 1407 SER A O   1 
ATOM   777  C CB  . SER A 1 116 ? -4.983  -2.922  9.777   1.00 19.39  ? 1407 SER A CB  1 
ATOM   778  O OG  . SER A 1 116 ? -4.573  -2.658  11.103  1.00 21.91  ? 1407 SER A OG  1 
ATOM   779  N N   . LEU A 1 117 ? -2.980  -5.181  10.938  1.00 15.92  ? 1408 LEU A N   1 
ATOM   780  C CA  . LEU A 1 117 ? -1.611  -5.573  11.363  1.00 17.08  ? 1408 LEU A CA  1 
ATOM   781  C C   . LEU A 1 117 ? -1.114  -6.737  10.496  1.00 15.72  ? 1408 LEU A C   1 
ATOM   782  O O   . LEU A 1 117 ? 0.022   -6.715  9.994   1.00 13.76  ? 1408 LEU A O   1 
ATOM   783  C CB  . LEU A 1 117 ? -1.599  -5.965  12.842  1.00 19.33  ? 1408 LEU A CB  1 
ATOM   784  C CG  . LEU A 1 117 ? -1.813  -4.839  13.852  1.00 22.17  ? 1408 LEU A CG  1 
ATOM   785  C CD1 . LEU A 1 117 ? -1.692  -5.397  15.266  1.00 23.49  ? 1408 LEU A CD1 1 
ATOM   786  C CD2 . LEU A 1 117 ? -0.828  -3.697  13.642  1.00 22.59  ? 1408 LEU A CD2 1 
ATOM   787  N N   . ARG A 1 118 ? -1.923  -7.774  10.313  1.00 14.11  ? 1409 ARG A N   1 
ATOM   788  C CA  . ARG A 1 118 ? -1.443  -8.934  9.523   1.00 13.85  ? 1409 ARG A CA  1 
ATOM   789  C C   . ARG A 1 118 ? -1.163  -8.470  8.089   1.00 13.09  ? 1409 ARG A C   1 
ATOM   790  O O   . ARG A 1 118 ? -0.140  -8.874  7.493   1.00 11.60  ? 1409 ARG A O   1 
ATOM   791  C CB  . ARG A 1 118 ? -2.455  -10.086 9.529   1.00 14.30  ? 1409 ARG A CB  1 
ATOM   792  C CG  . ARG A 1 118 ? -2.593  -10.809 10.863  1.00 14.51  ? 1409 ARG A CG  1 
ATOM   793  C CD  . ARG A 1 118 ? -3.466  -12.045 10.793  1.00 15.33  ? 1409 ARG A CD  1 
ATOM   794  N NE  . ARG A 1 118 ? -4.815  -11.813 10.322  1.00 15.27  ? 1409 ARG A NE  1 
ATOM   795  C CZ  . ARG A 1 118 ? -5.926  -11.916 11.043  1.00 17.00  ? 1409 ARG A CZ  1 
ATOM   796  N NH1 . ARG A 1 118 ? -5.888  -12.186 12.336  1.00 17.55  ? 1409 ARG A NH1 1 
ATOM   797  N NH2 . ARG A 1 118 ? -7.091  -11.742 10.446  1.00 17.32  ? 1409 ARG A NH2 1 
ATOM   798  N N   . LEU A 1 119 ? -2.074  -7.716  7.491   1.00 11.74  ? 1410 LEU A N   1 
ATOM   799  C CA  . LEU A 1 119 ? -1.880  -7.355  6.080   1.00 11.86  ? 1410 LEU A CA  1 
ATOM   800  C C   . LEU A 1 119 ? -0.663  -6.429  5.942   1.00 11.27  ? 1410 LEU A C   1 
ATOM   801  O O   . LEU A 1 119 ? 0.124   -6.562  4.970   1.00 11.85  ? 1410 LEU A O   1 
ATOM   802  C CB  . LEU A 1 119 ? -3.149  -6.743  5.517   1.00 13.35  ? 1410 LEU A CB  1 
ATOM   803  C CG  . LEU A 1 119 ? -3.201  -6.604  3.997   1.00 13.62  ? 1410 LEU A CG  1 
ATOM   804  C CD1 . LEU A 1 119 ? -3.269  -8.010  3.382   1.00 15.28  ? 1410 LEU A CD1 1 
ATOM   805  C CD2 . LEU A 1 119 ? -4.431  -5.812  3.597   1.00 13.14  ? 1410 LEU A CD2 1 
ATOM   806  N N   . SER A 1 120 ? -0.454  -5.534  6.900   1.00 10.88  ? 1411 SER A N   1 
ATOM   807  C CA  . SER A 1 120 ? 0.714   -4.635  6.894   1.00 11.96  ? 1411 SER A CA  1 
ATOM   808  C C   . SER A 1 120 ? 2.000   -5.472  6.963   1.00 12.00  ? 1411 SER A C   1 
ATOM   809  O O   . SER A 1 120 ? 2.979   -5.194  6.245   1.00 11.98  ? 1411 SER A O   1 
ATOM   810  C CB  . SER A 1 120 ? 0.625   -3.636  8.066   1.00 12.43  ? 1411 SER A CB  1 
ATOM   811  O OG  . SER A 1 120 ? 1.846   -2.885  8.213   1.00 14.13  ? 1411 SER A OG  1 
ATOM   812  N N   . ALA A 1 121 ? 2.063   -6.472  7.865   1.00 11.99  ? 1412 ALA A N   1 
ATOM   813  C CA  . ALA A 1 121 ? 3.255   -7.336  7.975   1.00 12.51  ? 1412 ALA A CA  1 
ATOM   814  C C   . ALA A 1 121 ? 3.516   -8.050  6.661   1.00 11.16  ? 1412 ALA A C   1 
ATOM   815  O O   . ALA A 1 121 ? 4.680   -8.088  6.224   1.00 12.05  ? 1412 ALA A O   1 
ATOM   816  C CB  . ALA A 1 121 ? 3.112   -8.308  9.124   1.00 14.10  ? 1412 ALA A CB  1 
ATOM   817  N N   . PHE A 1 122 ? 2.465   -8.517  6.002   1.00 11.66  ? 1413 PHE A N   1 
ATOM   818  C CA  . PHE A 1 122 ? 2.633   -9.216  4.709   1.00 11.85  ? 1413 PHE A CA  1 
ATOM   819  C C   . PHE A 1 122 ? 3.176   -8.243  3.657   1.00 11.90  ? 1413 PHE A C   1 
ATOM   820  O O   . PHE A 1 122 ? 4.120   -8.530  2.899   1.00 12.64  ? 1413 PHE A O   1 
ATOM   821  C CB  . PHE A 1 122 ? 1.290   -9.798  4.300   1.00 11.82  ? 1413 PHE A CB  1 
ATOM   822  C CG  . PHE A 1 122 ? 1.329   -10.399 2.937   1.00 12.97  ? 1413 PHE A CG  1 
ATOM   823  C CD1 . PHE A 1 122 ? 1.787   -11.710 2.750   1.00 16.77  ? 1413 PHE A CD1 1 
ATOM   824  C CD2 . PHE A 1 122 ? 0.838   -9.735  1.829   1.00 14.71  ? 1413 PHE A CD2 1 
ATOM   825  C CE1 . PHE A 1 122 ? 1.888   -12.259 1.471   1.00 17.72  ? 1413 PHE A CE1 1 
ATOM   826  C CE2 . PHE A 1 122 ? 0.857   -10.327 0.563   1.00 16.05  ? 1413 PHE A CE2 1 
ATOM   827  C CZ  . PHE A 1 122 ? 1.366   -11.603 0.393   1.00 18.39  ? 1413 PHE A CZ  1 
ATOM   828  N N   . PHE A 1 123 ? 2.542   -7.047  3.575   1.00 11.70  ? 1414 PHE A N   1 
ATOM   829  C CA  . PHE A 1 123 ? 2.991   -5.992  2.649   1.00 12.13  ? 1414 PHE A CA  1 
ATOM   830  C C   . PHE A 1 123 ? 4.453   -5.629  2.862   1.00 11.96  ? 1414 PHE A C   1 
ATOM   831  O O   . PHE A 1 123 ? 5.253   -5.594  1.886   1.00 12.18  ? 1414 PHE A O   1 
ATOM   832  C CB  . PHE A 1 123 ? 2.089   -4.742  2.731   1.00 12.40  ? 1414 PHE A CB  1 
ATOM   833  C CG  . PHE A 1 123 ? 2.559   -3.599  1.853   1.00 12.72  ? 1414 PHE A CG  1 
ATOM   834  C CD1 . PHE A 1 123 ? 2.403   -3.639  0.481   1.00 13.02  ? 1414 PHE A CD1 1 
ATOM   835  C CD2 . PHE A 1 123 ? 3.215   -2.535  2.458   1.00 12.79  ? 1414 PHE A CD2 1 
ATOM   836  C CE1 . PHE A 1 123 ? 2.882   -2.568  -0.287  1.00 12.83  ? 1414 PHE A CE1 1 
ATOM   837  C CE2 . PHE A 1 123 ? 3.689   -1.493  1.674   1.00 13.22  ? 1414 PHE A CE2 1 
ATOM   838  C CZ  . PHE A 1 123 ? 3.525   -1.537  0.331   1.00 13.30  ? 1414 PHE A CZ  1 
ATOM   839  N N   . GLU A 1 124 ? 4.823   -5.330  4.085   1.00 11.08  ? 1415 GLU A N   1 
ATOM   840  C CA  . GLU A 1 124 ? 6.202   -4.898  4.373   1.00 12.34  ? 1415 GLU A CA  1 
ATOM   841  C C   . GLU A 1 124 ? 7.225   -5.994  4.029   1.00 12.61  ? 1415 GLU A C   1 
ATOM   842  O O   . GLU A 1 124 ? 8.297   -5.715  3.481   1.00 13.98  ? 1415 GLU A O   1 
ATOM   843  C CB  . GLU A 1 124 ? 6.357   -4.462  5.835   1.00 13.65  ? 1415 GLU A CB  1 
ATOM   844  C CG  . GLU A 1 124 ? 5.543   -3.181  6.163   1.00 14.61  ? 1415 GLU A CG  1 
ATOM   845  C CD  . GLU A 1 124 ? 6.015   -1.917  5.457   1.00 15.49  ? 1415 GLU A CD  1 
ATOM   846  O OE1 . GLU A 1 124 ? 7.226   -1.843  5.073   1.00 17.22  ? 1415 GLU A OE1 1 
ATOM   847  O OE2 . GLU A 1 124 ? 5.183   -1.024  5.254   1.00 15.53  ? 1415 GLU A OE2 1 
ATOM   848  N N   . GLU A 1 125 ? 6.888   -7.251  4.288   1.00 12.08  ? 1416 GLU A N   1 
ATOM   849  C CA  . GLU A 1 125 ? 7.764   -8.397  3.969   1.00 13.11  ? 1416 GLU A CA  1 
ATOM   850  C C   . GLU A 1 125 ? 8.027   -8.427  2.479   1.00 12.91  ? 1416 GLU A C   1 
ATOM   851  O O   . GLU A 1 125 ? 9.153   -8.729  2.072   1.00 16.28  ? 1416 GLU A O   1 
ATOM   852  C CB  . GLU A 1 125 ? 7.005   -9.649  4.427   1.00 12.57  ? 1416 GLU A CB  1 
ATOM   853  C CG  . GLU A 1 125 ? 7.693   -10.978 4.124   1.00 14.25  ? 1416 GLU A CG  1 
ATOM   854  C CD  . GLU A 1 125 ? 6.894   -12.137 4.689   1.00 15.10  ? 1416 GLU A CD  1 
ATOM   855  O OE1 . GLU A 1 125 ? 6.777   -12.202 5.928   1.00 15.43  ? 1416 GLU A OE1 1 
ATOM   856  O OE2 . GLU A 1 125 ? 6.216   -12.849 3.894   1.00 16.60  ? 1416 GLU A OE2 1 
ATOM   857  N N   . HIS A 1 126 ? 7.048   -8.145  1.640   1.00 12.57  ? 1417 HIS A N   1 
ATOM   858  C CA  . HIS A 1 126 ? 7.177   -8.239  0.171   1.00 15.12  ? 1417 HIS A CA  1 
ATOM   859  C C   . HIS A 1 126 ? 7.674   -6.950  -0.483  1.00 15.19  ? 1417 HIS A C   1 
ATOM   860  O O   . HIS A 1 126 ? 8.384   -7.025  -1.515  1.00 17.39  ? 1417 HIS A O   1 
ATOM   861  C CB  . HIS A 1 126 ? 5.836   -8.695  -0.419  1.00 15.39  ? 1417 HIS A CB  1 
ATOM   862  C CG  . HIS A 1 126 ? 5.547   -10.146 -0.199  1.00 18.44  ? 1417 HIS A CG  1 
ATOM   863  N ND1 . HIS A 1 126 ? 5.117   -10.685 0.995   1.00 18.96  ? 1417 HIS A ND1 1 
ATOM   864  C CD2 . HIS A 1 126 ? 5.621   -11.154 -1.085  1.00 24.39  ? 1417 HIS A CD2 1 
ATOM   865  C CE1 . HIS A 1 126 ? 5.104   -12.017 0.842   1.00 20.51  ? 1417 HIS A CE1 1 
ATOM   866  N NE2 . HIS A 1 126 ? 5.252   -12.292 -0.415  1.00 27.93  ? 1417 HIS A NE2 1 
ATOM   867  N N   . ILE A 1 127 ? 7.399   -5.766  0.081   1.00 13.80  ? 1418 ILE A N   1 
ATOM   868  C CA  . ILE A 1 127 ? 7.820   -4.511  -0.585  1.00 13.35  ? 1418 ILE A CA  1 
ATOM   869  C C   . ILE A 1 127 ? 9.295   -4.211  -0.396  1.00 13.28  ? 1418 ILE A C   1 
ATOM   870  O O   . ILE A 1 127 ? 9.892   -3.464  -1.190  1.00 13.25  ? 1418 ILE A O   1 
ATOM   871  C CB  . ILE A 1 127 ? 6.953   -3.318  -0.128  1.00 13.50  ? 1418 ILE A CB  1 
ATOM   872  C CG1 . ILE A 1 127 ? 6.881   -2.137  -1.129  1.00 14.75  ? 1418 ILE A CG1 1 
ATOM   873  C CG2 . ILE A 1 127 ? 7.357   -2.815  1.225   1.00 13.91  ? 1418 ILE A CG2 1 
ATOM   874  C CD1 . ILE A 1 127 ? 6.289   -2.456  -2.434  1.00 16.57  ? 1418 ILE A CD1 1 
ATOM   875  N N   A SER A 1 128 ? 9.923   -4.809  0.607   0.25 13.39  ? 1419 SER A N   1 
ATOM   876  N N   B SER A 1 128 ? 9.938   -4.799  0.614   0.25 12.95  ? 1419 SER A N   1 
ATOM   877  C CA  A SER A 1 128 ? 11.326  -4.489  0.980   0.25 14.01  ? 1419 SER A CA  1 
ATOM   878  C CA  B SER A 1 128 ? 11.351  -4.481  0.976   0.25 13.24  ? 1419 SER A CA  1 
ATOM   879  C C   A SER A 1 128 ? 12.282  -4.706  -0.209  0.25 14.16  ? 1419 SER A C   1 
ATOM   880  C C   B SER A 1 128 ? 12.293  -4.706  -0.222  0.25 13.58  ? 1419 SER A C   1 
ATOM   881  O O   A SER A 1 128 ? 13.098  -3.804  -0.511  0.25 15.76  ? 1419 SER A O   1 
ATOM   882  O O   B SER A 1 128 ? 13.111  -3.812  -0.541  0.25 14.99  ? 1419 SER A O   1 
ATOM   883  C CB  A SER A 1 128 ? 11.772  -5.271  2.191   0.25 14.39  ? 1419 SER A CB  1 
ATOM   884  C CB  B SER A 1 128 ? 11.839  -5.249  2.205   0.25 13.08  ? 1419 SER A CB  1 
ATOM   885  O OG  A SER A 1 128 ? 11.682  -6.662  1.943   0.25 15.48  ? 1419 SER A OG  1 
ATOM   886  O OG  B SER A 1 128 ? 13.184  -4.897  2.560   0.25 13.06  ? 1419 SER A OG  1 
ATOM   887  N N   . SER A 1 129 ? 12.190  -5.843  -0.895  1.00 14.28  ? 1420 SER A N   1 
ATOM   888  C CA  . SER A 1 129 ? 13.074  -6.133  -2.050  1.00 15.46  ? 1420 SER A CA  1 
ATOM   889  C C   . SER A 1 129 ? 12.763  -5.124  -3.170  1.00 14.31  ? 1420 SER A C   1 
ATOM   890  O O   . SER A 1 129 ? 13.705  -4.657  -3.869  1.00 15.82  ? 1420 SER A O   1 
ATOM   891  C CB  . SER A 1 129 ? 12.923  -7.567  -2.516  1.00 16.92  ? 1420 SER A CB  1 
ATOM   892  O OG  . SER A 1 129 ? 13.417  -8.474  -1.537  1.00 21.01  ? 1420 SER A OG  1 
ATOM   893  N N   . VAL A 1 130 ? 11.479  -4.854  -3.413  1.00 14.16  ? 1421 VAL A N   1 
ATOM   894  C CA  . VAL A 1 130 ? 11.083  -3.976  -4.547  1.00 12.89  ? 1421 VAL A CA  1 
ATOM   895  C C   . VAL A 1 130 ? 11.721  -2.594  -4.336  1.00 12.32  ? 1421 VAL A C   1 
ATOM   896  O O   . VAL A 1 130 ? 12.292  -2.034  -5.298  1.00 13.05  ? 1421 VAL A O   1 
ATOM   897  C CB  . VAL A 1 130 ? 9.556   -3.899  -4.664  1.00 12.65  ? 1421 VAL A CB  1 
ATOM   898  C CG1 . VAL A 1 130 ? 9.170   -2.872  -5.718  1.00 12.41  ? 1421 VAL A CG1 1 
ATOM   899  C CG2 . VAL A 1 130 ? 8.922   -5.254  -4.928  1.00 13.75  ? 1421 VAL A CG2 1 
ATOM   900  N N   . LEU A 1 131 ? 11.646  -2.048  -3.121  1.00 12.08  ? 1422 LEU A N   1 
ATOM   901  C CA  . LEU A 1 131 ? 12.308  -0.753  -2.830  1.00 12.45  ? 1422 LEU A CA  1 
ATOM   902  C C   . LEU A 1 131 ? 13.820  -0.850  -2.981  1.00 11.92  ? 1422 LEU A C   1 
ATOM   903  O O   . LEU A 1 131 ? 14.440  0.032   -3.590  1.00 13.56  ? 1422 LEU A O   1 
ATOM   904  C CB  . LEU A 1 131 ? 11.967  -0.283  -1.396  1.00 13.35  ? 1422 LEU A CB  1 
ATOM   905  C CG  . LEU A 1 131 ? 10.489  0.033   -1.151  1.00 14.12  ? 1422 LEU A CG  1 
ATOM   906  C CD1 . LEU A 1 131 ? 10.173  0.137   0.330   1.00 14.98  ? 1422 LEU A CD1 1 
ATOM   907  C CD2 . LEU A 1 131 ? 10.064  1.282   -1.897  1.00 15.80  ? 1422 LEU A CD2 1 
ATOM   908  N N   A SER A 1 132 ? 14.431  -1.883  -2.393  0.40 12.59  ? 1423 SER A N   1 
ATOM   909  N N   B SER A 1 132 ? 14.418  -1.892  -2.406  0.10 13.10  ? 1423 SER A N   1 
ATOM   910  C CA  A SER A 1 132 ? 15.910  -2.036  -2.456  0.40 13.22  ? 1423 SER A CA  1 
ATOM   911  C CA  B SER A 1 132 ? 15.888  -2.076  -2.427  0.10 13.61  ? 1423 SER A CA  1 
ATOM   912  C C   A SER A 1 132 ? 16.363  -2.131  -3.922  0.40 12.61  ? 1423 SER A C   1 
ATOM   913  C C   B SER A 1 132 ? 16.375  -2.175  -3.881  0.10 13.35  ? 1423 SER A C   1 
ATOM   914  O O   A SER A 1 132 ? 17.351  -1.463  -4.307  0.40 13.82  ? 1423 SER A O   1 
ATOM   915  O O   B SER A 1 132 ? 17.361  -1.491  -4.222  0.10 14.05  ? 1423 SER A O   1 
ATOM   916  C CB  A SER A 1 132 ? 16.380  -3.263  -1.716  0.40 14.23  ? 1423 SER A CB  1 
ATOM   917  C CB  B SER A 1 132 ? 16.302  -3.265  -1.616  0.10 14.32  ? 1423 SER A CB  1 
ATOM   918  O OG  A SER A 1 132 ? 16.127  -3.175  -0.339  0.40 14.93  ? 1423 SER A OG  1 
ATOM   919  O OG  B SER A 1 132 ? 17.707  -3.266  -1.456  0.10 15.36  ? 1423 SER A OG  1 
ATOM   920  N N   . ASP A 1 133 ? 15.694  -2.966  -4.716  1.00 13.16  ? 1424 ASP A N   1 
ATOM   921  C CA  . ASP A 1 133 ? 16.122  -3.137  -6.125  1.00 13.10  ? 1424 ASP A CA  1 
ATOM   922  C C   . ASP A 1 133 ? 16.001  -1.816  -6.893  1.00 13.08  ? 1424 ASP A C   1 
ATOM   923  O O   . ASP A 1 133 ? 16.860  -1.461  -7.729  1.00 13.68  ? 1424 ASP A O   1 
ATOM   924  C CB  . ASP A 1 133 ? 15.380  -4.270  -6.812  1.00 14.65  ? 1424 ASP A CB  1 
ATOM   925  C CG  . ASP A 1 133 ? 15.702  -5.693  -6.413  1.00 17.50  ? 1424 ASP A CG  1 
ATOM   926  O OD1 . ASP A 1 133 ? 16.587  -5.913  -5.550  1.00 18.87  ? 1424 ASP A OD1 1 
ATOM   927  O OD2 . ASP A 1 133 ? 15.018  -6.593  -6.972  1.00 23.23  ? 1424 ASP A OD2 1 
ATOM   928  N N   . TYR A 1 134 ? 14.906  -1.081  -6.692  1.00 12.20  ? 1425 TYR A N   1 
ATOM   929  C CA  . TYR A 1 134 ? 14.660  0.181   -7.407  1.00 12.95  ? 1425 TYR A CA  1 
ATOM   930  C C   . TYR A 1 134 ? 15.767  1.155   -7.018  1.00 13.13  ? 1425 TYR A C   1 
ATOM   931  O O   . TYR A 1 134 ? 16.380  1.802   -7.891  1.00 12.65  ? 1425 TYR A O   1 
ATOM   932  C CB  . TYR A 1 134 ? 13.266  0.771   -7.132  1.00 11.57  ? 1425 TYR A CB  1 
ATOM   933  C CG  . TYR A 1 134 ? 13.069  2.114   -7.729  1.00 12.58  ? 1425 TYR A CG  1 
ATOM   934  C CD1 . TYR A 1 134 ? 12.773  2.272   -9.076  1.00 13.34  ? 1425 TYR A CD1 1 
ATOM   935  C CD2 . TYR A 1 134 ? 13.226  3.226   -6.943  1.00 13.86  ? 1425 TYR A CD2 1 
ATOM   936  C CE1 . TYR A 1 134 ? 12.556  3.507   -9.623  1.00 14.79  ? 1425 TYR A CE1 1 
ATOM   937  C CE2 . TYR A 1 134 ? 12.997  4.474   -7.458  1.00 14.59  ? 1425 TYR A CE2 1 
ATOM   938  C CZ  . TYR A 1 134 ? 12.729  4.606   -8.805  1.00 15.34  ? 1425 TYR A CZ  1 
ATOM   939  O OH  . TYR A 1 134 ? 12.503  5.865   -9.359  1.00 19.68  ? 1425 TYR A OH  1 
ATOM   940  N N   . LYS A 1 135 ? 16.042  1.330   -5.710  1.00 13.37  ? 1426 LYS A N   1 
ATOM   941  C CA  . LYS A 1 135 ? 17.020  2.314   -5.272  1.00 12.65  ? 1426 LYS A CA  1 
ATOM   942  C C   . LYS A 1 135 ? 18.417  1.941   -5.790  1.00 12.22  ? 1426 LYS A C   1 
ATOM   943  O O   . LYS A 1 135 ? 19.159  2.811   -6.200  1.00 12.57  ? 1426 LYS A O   1 
ATOM   944  C CB  . LYS A 1 135 ? 16.959  2.476   -3.747  1.00 14.36  ? 1426 LYS A CB  1 
ATOM   945  C CG  . LYS A 1 135 ? 15.636  3.079   -3.271  1.00 15.19  ? 1426 LYS A CG  1 
ATOM   946  C CD  . LYS A 1 135 ? 15.582  3.255   -1.746  1.00 15.04  ? 1426 LYS A CD  1 
ATOM   947  C CE  . LYS A 1 135 ? 14.337  3.986   -1.302  1.00 19.39  ? 1426 LYS A CE  1 
ATOM   948  N NZ  . LYS A 1 135 ? 14.409  4.302   0.150   1.00 24.11  ? 1426 LYS A NZ  1 
ATOM   949  N N   A SER A 1 136 ? 18.739  0.651   -5.801  0.40 13.29  ? 1427 SER A N   1 
ATOM   950  N N   B SER A 1 136 ? 18.739  0.646   -5.816  0.10 12.69  ? 1427 SER A N   1 
ATOM   951  C CA  A SER A 1 136 ? 20.022  0.139   -6.376  0.40 14.08  ? 1427 SER A CA  1 
ATOM   952  C CA  B SER A 1 136 ? 20.028  0.132   -6.354  0.10 12.84  ? 1427 SER A CA  1 
ATOM   953  C C   A SER A 1 136 ? 20.118  0.489   -7.865  0.40 13.39  ? 1427 SER A C   1 
ATOM   954  C C   B SER A 1 136 ? 20.133  0.432   -7.857  0.10 13.16  ? 1427 SER A C   1 
ATOM   955  O O   A SER A 1 136 ? 21.173  0.954   -8.343  0.40 12.09  ? 1427 SER A O   1 
ATOM   956  O O   B SER A 1 136 ? 21.225  0.833   -8.303  0.10 13.20  ? 1427 SER A O   1 
ATOM   957  C CB  A SER A 1 136 ? 20.079  -1.321  -6.159  0.40 14.87  ? 1427 SER A CB  1 
ATOM   958  C CB  B SER A 1 136 ? 20.185  -1.329  -6.062  0.10 12.66  ? 1427 SER A CB  1 
ATOM   959  O OG  A SER A 1 136 ? 21.069  -1.918  -6.978  0.40 19.53  ? 1427 SER A OG  1 
ATOM   960  O OG  B SER A 1 136 ? 19.504  -2.114  -7.025  0.10 12.35  ? 1427 SER A OG  1 
ATOM   961  N N   . ALA A 1 137 ? 19.037  0.273   -8.613  1.00 13.94  ? 1428 ALA A N   1 
ATOM   962  C CA  . ALA A 1 137 ? 19.005  0.559   -10.064 1.00 13.97  ? 1428 ALA A CA  1 
ATOM   963  C C   . ALA A 1 137 ? 19.207  2.020   -10.302 1.00 13.47  ? 1428 ALA A C   1 
ATOM   964  O O   . ALA A 1 137 ? 19.953  2.408   -11.250 1.00 14.90  ? 1428 ALA A O   1 
ATOM   965  C CB  . ALA A 1 137 ? 17.677  0.125   -10.655 1.00 15.45  ? 1428 ALA A CB  1 
ATOM   966  N N   . LEU A 1 138 ? 18.630  2.902   -9.534  1.00 14.20  ? 1429 LEU A N   1 
ATOM   967  C CA  . LEU A 1 138 ? 18.818  4.325   -9.728  1.00 16.13  ? 1429 LEU A CA  1 
ATOM   968  C C   . LEU A 1 138 ? 20.247  4.714   -9.418  1.00 14.78  ? 1429 LEU A C   1 
ATOM   969  O O   . LEU A 1 138 ? 20.823  5.554   -10.132 1.00 14.88  ? 1429 LEU A O   1 
ATOM   970  C CB  . LEU A 1 138 ? 17.830  5.102   -8.879  1.00 21.33  ? 1429 LEU A CB  1 
ATOM   971  C CG  . LEU A 1 138 ? 17.030  6.174   -9.568  1.00 27.00  ? 1429 LEU A CG  1 
ATOM   972  C CD1 . LEU A 1 138 ? 16.450  5.781   -10.924 1.00 24.34  ? 1429 LEU A CD1 1 
ATOM   973  C CD2 . LEU A 1 138 ? 15.944  6.584   -8.603  1.00 24.61  ? 1429 LEU A CD2 1 
ATOM   974  N N   . ARG A 1 139 ? 20.834  4.153   -8.328  1.00 13.31  ? 1430 ARG A N   1 
ATOM   975  C CA  . ARG A 1 139 ? 22.246  4.446   -8.015  1.00 13.16  ? 1430 ARG A CA  1 
ATOM   976  C C   . ARG A 1 139 ? 23.126  3.991   -9.198  1.00 12.04  ? 1430 ARG A C   1 
ATOM   977  O O   . ARG A 1 139 ? 24.059  4.744   -9.573  1.00 14.10  ? 1430 ARG A O   1 
ATOM   978  C CB  . ARG A 1 139 ? 22.691  3.811   -6.703  1.00 13.53  ? 1430 ARG A CB  1 
ATOM   979  C CG  . ARG A 1 139 ? 22.036  4.422   -5.462  1.00 13.88  ? 1430 ARG A CG  1 
ATOM   980  C CD  . ARG A 1 139 ? 22.679  3.859   -4.190  1.00 13.84  ? 1430 ARG A CD  1 
ATOM   981  N NE  . ARG A 1 139 ? 22.442  2.467   -3.948  1.00 13.68  ? 1430 ARG A NE  1 
ATOM   982  C CZ  . ARG A 1 139 ? 21.468  1.926   -3.203  1.00 12.12  ? 1430 ARG A CZ  1 
ATOM   983  N NH1 . ARG A 1 139 ? 20.516  2.708   -2.694  1.00 15.19  ? 1430 ARG A NH1 1 
ATOM   984  N NH2 . ARG A 1 139 ? 21.471  0.628   -2.973  1.00 14.02  ? 1430 ARG A NH2 1 
ATOM   985  N N   . PHE A 1 140 ? 22.853  2.814   -9.756  1.00 11.64  ? 1431 PHE A N   1 
ATOM   986  C CA  . PHE A 1 140 ? 23.639  2.295   -10.902 1.00 12.93  ? 1431 PHE A CA  1 
ATOM   987  C C   . PHE A 1 140 ? 23.535  3.261   -12.088 1.00 13.02  ? 1431 PHE A C   1 
ATOM   988  O O   . PHE A 1 140 ? 24.529  3.613   -12.758 1.00 14.15  ? 1431 PHE A O   1 
ATOM   989  C CB  . PHE A 1 140 ? 23.302  0.859   -11.238 1.00 13.06  ? 1431 PHE A CB  1 
ATOM   990  C CG  . PHE A 1 140 ? 24.197  0.240   -12.286 1.00 14.88  ? 1431 PHE A CG  1 
ATOM   991  C CD1 . PHE A 1 140 ? 25.452  -0.234  -11.896 1.00 15.45  ? 1431 PHE A CD1 1 
ATOM   992  C CD2 . PHE A 1 140 ? 23.835  0.220   -13.614 1.00 15.88  ? 1431 PHE A CD2 1 
ATOM   993  C CE1 . PHE A 1 140 ? 26.291  -0.801  -12.850 1.00 17.44  ? 1431 PHE A CE1 1 
ATOM   994  C CE2 . PHE A 1 140 ? 24.700  -0.342  -14.565 1.00 17.39  ? 1431 PHE A CE2 1 
ATOM   995  C CZ  . PHE A 1 140 ? 25.894  -0.888  -14.161 1.00 18.30  ? 1431 PHE A CZ  1 
ATOM   996  N N   . HIS A 1 141 ? 22.321  3.774   -12.318 1.00 14.96  ? 1432 HIS A N   1 
ATOM   997  C CA  . HIS A 1 141 ? 22.066  4.730   -13.435 1.00 17.23  ? 1432 HIS A CA  1 
ATOM   998  C C   . HIS A 1 141 ? 22.935  5.976   -13.311 1.00 20.29  ? 1432 HIS A C   1 
ATOM   999  O O   . HIS A 1 141 ? 23.414  6.520   -14.352 1.00 20.54  ? 1432 HIS A O   1 
ATOM   1000 C CB  . HIS A 1 141 ? 20.603  5.121   -13.476 1.00 18.35  ? 1432 HIS A CB  1 
ATOM   1001 C CG  . HIS A 1 141 ? 20.227  5.805   -14.758 1.00 17.03  ? 1432 HIS A CG  1 
ATOM   1002 N ND1 . HIS A 1 141 ? 20.234  5.161   -15.987 1.00 15.25  ? 1432 HIS A ND1 1 
ATOM   1003 C CD2 . HIS A 1 141 ? 19.840  7.084   -14.952 1.00 17.72  ? 1432 HIS A CD2 1 
ATOM   1004 C CE1 . HIS A 1 141 ? 19.844  6.044   -16.903 1.00 15.75  ? 1432 HIS A CE1 1 
ATOM   1005 N NE2 . HIS A 1 141 ? 19.602  7.196   -16.318 1.00 17.31  ? 1432 HIS A NE2 1 
ATOM   1006 N N   . LYS A 1 142 ? 23.168  6.450   -12.084 1.00 21.67  ? 1433 LYS A N   1 
ATOM   1007 C CA  . LYS A 1 142 ? 23.980  7.661   -11.787 1.00 24.56  ? 1433 LYS A CA  1 
ATOM   1008 C C   . LYS A 1 142 ? 25.379  7.277   -11.274 1.00 24.51  ? 1433 LYS A C   1 
ATOM   1009 O O   . LYS A 1 142 ? 25.985  8.097   -10.540 1.00 28.14  ? 1433 LYS A O   1 
ATOM   1010 C CB  . LYS A 1 142 ? 23.192  8.519   -10.790 1.00 28.45  ? 1433 LYS A CB  1 
ATOM   1011 C CG  . LYS A 1 142 ? 21.725  8.714   -11.161 1.00 30.84  ? 1433 LYS A CG  1 
ATOM   1012 C CD  . LYS A 1 142 ? 20.816  9.043   -9.994  1.00 32.84  ? 1433 LYS A CD  1 
ATOM   1013 C CE  . LYS A 1 142 ? 19.348  8.924   -10.337 1.00 34.05  ? 1433 LYS A CE  1 
ATOM   1014 N NZ  . LYS A 1 142 ? 18.486  9.327   -9.198  1.00 34.28  ? 1433 LYS A NZ  1 
ATOM   1015 N N   . ARG A 1 143 ? 25.912  6.112   -11.646 1.00 22.84  ? 1434 ARG A N   1 
ATOM   1016 C CA  . ARG A 1 143 ? 27.256  5.666   -11.153 1.00 25.25  ? 1434 ARG A CA  1 
ATOM   1017 C C   . ARG A 1 143 ? 28.466  6.473   -11.685 1.00 32.67  ? 1434 ARG A C   1 
ATOM   1018 O O   . ARG A 1 143 ? 29.532  6.487   -10.995 1.00 34.34  ? 1434 ARG A O   1 
ATOM   1019 C CB  . ARG A 1 143 ? 27.500  4.192   -11.428 1.00 22.86  ? 1434 ARG A CB  1 
ATOM   1020 C CG  . ARG A 1 143 ? 27.712  3.869   -12.895 1.00 22.90  ? 1434 ARG A CG  1 
ATOM   1021 C CD  . ARG A 1 143 ? 27.658  2.403   -13.154 1.00 25.54  ? 1434 ARG A CD  1 
ATOM   1022 N NE  . ARG A 1 143 ? 27.844  2.123   -14.560 1.00 21.96  ? 1434 ARG A NE  1 
ATOM   1023 C CZ  . ARG A 1 143 ? 26.943  2.219   -15.497 1.00 24.75  ? 1434 ARG A CZ  1 
ATOM   1024 N NH1 . ARG A 1 143 ? 25.729  2.672   -15.237 1.00 18.67  ? 1434 ARG A NH1 1 
ATOM   1025 N NH2 . ARG A 1 143 ? 27.268  1.881   -16.740 1.00 25.01  ? 1434 ARG A NH2 1 
ATOM   1026 N N   . ASN A 1 144 ? 28.392  7.035   -12.892 1.00 27.98  ? 1435 ASN A N   1 
ATOM   1027 C CA  . ASN A 1 144 ? 29.565  7.680   -13.550 1.00 28.19  ? 1435 ASN A CA  1 
ATOM   1028 C C   . ASN A 1 144 ? 29.411  9.204   -13.505 1.00 29.62  ? 1435 ASN A C   1 
ATOM   1029 O O   . ASN A 1 144 ? 30.456  9.875   -13.620 1.00 28.78  ? 1435 ASN A O   1 
ATOM   1030 C CB  . ASN A 1 144 ? 29.757  7.191   -14.986 1.00 27.25  ? 1435 ASN A CB  1 
ATOM   1031 C CG  . ASN A 1 144 ? 30.278  5.770   -15.051 1.00 26.71  ? 1435 ASN A CG  1 
ATOM   1032 O OD1 . ASN A 1 144 ? 31.281  5.441   -14.418 1.00 27.41  ? 1435 ASN A OD1 1 
ATOM   1033 N ND2 . ASN A 1 144 ? 29.611  4.925   -15.820 1.00 23.44  ? 1435 ASN A ND2 1 
HETATM 1034 C C13 . ZP0 B 2 .   ? -11.481 1.318   9.606   0.59 34.34  ? 1901 ZP0 A C13 1 
HETATM 1035 C C15 . ZP0 B 2 .   ? -12.016 -0.020  7.722   0.59 34.66  ? 1901 ZP0 A C15 1 
HETATM 1036 C C17 . ZP0 B 2 .   ? -10.653 2.202   7.358   0.59 31.11  ? 1901 ZP0 A C17 1 
HETATM 1037 C C20 . ZP0 B 2 .   ? -9.386  2.017   5.172   0.59 31.38  ? 1901 ZP0 A C20 1 
HETATM 1038 C C21 . ZP0 B 2 .   ? -9.355  1.870   3.793   0.59 30.59  ? 1901 ZP0 A C21 1 
HETATM 1039 C C22 . ZP0 B 2 .   ? -10.545 1.725   3.084   0.59 32.04  ? 1901 ZP0 A C22 1 
HETATM 1040 C C26 . ZP0 B 2 .   ? -18.295 -2.737  12.098  0.59 40.01  ? 1901 ZP0 A C26 1 
HETATM 1041 C C01 . ZP0 B 2 .   ? -19.999 0.061   13.409  0.59 41.20  ? 1901 ZP0 A C01 1 
HETATM 1042 C C02 . ZP0 B 2 .   ? -19.400 -0.617  12.166  0.59 42.42  ? 1901 ZP0 A C02 1 
HETATM 1043 C C03 . ZP0 B 2 .   ? -20.094 -0.100  10.898  0.59 43.70  ? 1901 ZP0 A C03 1 
HETATM 1044 C C04 . ZP0 B 2 .   ? -17.939 -0.197  12.069  0.59 40.62  ? 1901 ZP0 A C04 1 
HETATM 1045 O O05 . ZP0 B 2 .   ? -17.371 -0.793  10.932  0.59 38.17  ? 1901 ZP0 A O05 1 
HETATM 1046 C C06 . ZP0 B 2 .   ? -17.366 -2.179  11.001  0.59 39.37  ? 1901 ZP0 A C06 1 
HETATM 1047 C C07 . ZP0 B 2 .   ? -15.892 -2.526  11.249  0.59 38.72  ? 1901 ZP0 A C07 1 
HETATM 1048 N N08 . ZP0 B 2 .   ? -15.082 -1.774  10.288  0.59 38.19  ? 1901 ZP0 A N08 1 
HETATM 1049 C C09 . ZP0 B 2 .   ? -14.438 -0.507  10.653  0.59 38.44  ? 1901 ZP0 A C09 1 
HETATM 1050 O O10 . ZP0 B 2 .   ? -14.548 -0.042  11.758  0.59 34.91  ? 1901 ZP0 A O10 1 
HETATM 1051 N N11 . ZP0 B 2 .   ? -13.650 0.210   9.651   0.59 35.85  ? 1901 ZP0 A N11 1 
HETATM 1052 C C12 . ZP0 B 2 .   ? -12.969 1.459   9.945   0.59 36.00  ? 1901 ZP0 A C12 1 
HETATM 1053 N N14 . ZP0 B 2 .   ? -11.351 1.216   8.176   0.59 33.33  ? 1901 ZP0 A N14 1 
HETATM 1054 C C16 . ZP0 B 2 .   ? -13.437 -0.208  8.261   0.59 34.70  ? 1901 ZP0 A C16 1 
HETATM 1055 O O18 . ZP0 B 2 .   ? -10.140 3.162   7.865   0.59 30.55  ? 1901 ZP0 A O18 1 
HETATM 1056 C C19 . ZP0 B 2 .   ? -10.603 2.014   5.841   0.59 31.22  ? 1901 ZP0 A C19 1 
HETATM 1057 C C23 . ZP0 B 2 .   ? -11.764 1.716   3.741   0.59 32.32  ? 1901 ZP0 A C23 1 
HETATM 1058 O O24 . ZP0 B 2 .   ? -12.944 1.567   2.984   0.59 33.15  ? 1901 ZP0 A O24 1 
HETATM 1059 C C25 . ZP0 B 2 .   ? -11.801 1.882   5.128   0.59 30.37  ? 1901 ZP0 A C25 1 
HETATM 1060 O O27 . ZP0 B 2 .   ? -19.519 -2.031  12.203  0.59 40.30  ? 1901 ZP0 A O27 1 
HETATM 1061 O O   . HOH C 3 .   ? 18.864  -2.831  -9.144  1.00 35.28  ? 2001 HOH A O   1 
HETATM 1062 O O   . HOH C 3 .   ? -0.110  -1.154  -13.413 1.00 35.08  ? 2002 HOH A O   1 
HETATM 1063 O O   . HOH C 3 .   ? -7.930  8.755   15.980  0.59 34.63  ? 2003 HOH A O   1 
HETATM 1064 O O   . HOH C 3 .   ? -21.587 11.836  7.509   1.00 28.88  ? 2004 HOH A O   1 
HETATM 1065 O O   . HOH C 3 .   ? -15.522 -4.106  3.465   1.00 30.99  ? 2005 HOH A O   1 
HETATM 1066 O O   . HOH C 3 .   ? -9.924  0.599   11.883  0.59 29.44  ? 2006 HOH A O   1 
HETATM 1067 O O   . HOH C 3 .   ? 19.659  -4.392  -7.935  1.00 31.78  ? 2007 HOH A O   1 
HETATM 1068 O O   . HOH C 3 .   ? 11.707  12.887  -12.363 1.00 39.02  ? 2008 HOH A O   1 
HETATM 1069 O O   . HOH C 3 .   ? 11.639  6.182   -11.654 1.00 31.68  ? 2009 HOH A O   1 
HETATM 1070 O O   . HOH C 3 .   ? -17.474 11.709  7.520   1.00 33.30  ? 2010 HOH A O   1 
HETATM 1071 O O   . HOH C 3 .   ? 31.626  4.046   -12.353 1.00 40.27  ? 2011 HOH A O   1 
HETATM 1072 O O   . HOH C 3 .   ? -16.279 -8.849  3.475   0.59 34.11  ? 2012 HOH A O   1 
HETATM 1073 O O   . HOH C 3 .   ? -8.005  10.435  -0.780  1.00 31.17  ? 2013 HOH A O   1 
HETATM 1074 O O   . HOH C 3 .   ? 27.572  5.764   -17.127 1.00 44.17  ? 2014 HOH A O   1 
HETATM 1075 O O   . HOH C 3 .   ? 23.277  6.684   -16.929 1.00 35.87  ? 2015 HOH A O   1 
HETATM 1076 O O   . HOH C 3 .   ? 0.220   2.682   -17.110 1.00 16.99  ? 2016 HOH A O   1 
HETATM 1077 O O   . HOH C 3 .   ? 8.807   -8.954  -3.201  1.00 28.64  ? 2017 HOH A O   1 
HETATM 1078 O O   . HOH C 3 .   ? -17.245 1.717   -0.415  0.59 32.13  ? 2018 HOH A O   1 
HETATM 1079 O O   . HOH C 3 .   ? -8.554  16.518  3.778   1.00 42.26  ? 2019 HOH A O   1 
HETATM 1080 O O   . HOH C 3 .   ? -1.224  9.061   -4.763  1.00 32.64  ? 2020 HOH A O   1 
HETATM 1081 O O   . HOH C 3 .   ? -3.546  8.187   8.682   1.00 19.25  ? 2021 HOH A O   1 
HETATM 1082 O O   . HOH C 3 .   ? 9.889   9.033   -5.200  1.00 27.75  ? 2022 HOH A O   1 
HETATM 1083 O O   . HOH C 3 .   ? -13.631 -1.334  13.870  0.59 19.12  ? 2023 HOH A O   1 
HETATM 1084 O O   . HOH C 3 .   ? 26.919  -5.678  -10.812 1.00 32.38  ? 2024 HOH A O   1 
HETATM 1085 O O   . HOH C 3 .   ? 8.680   -11.285 7.514   1.00 22.78  ? 2025 HOH A O   1 
HETATM 1086 O O   . HOH C 3 .   ? -8.435  -2.972  23.055  1.00 31.39  ? 2026 HOH A O   1 
HETATM 1087 O O   . HOH C 3 .   ? 2.766   -0.966  6.361   1.00 17.89  ? 2027 HOH A O   1 
HETATM 1088 O O   . HOH C 3 .   ? 14.480  2.155   1.751   1.00 33.65  ? 2028 HOH A O   1 
HETATM 1089 O O   . HOH C 3 .   ? 12.816  8.175   -8.038  1.00 26.43  ? 2029 HOH A O   1 
HETATM 1090 O O   . HOH C 3 .   ? 23.616  -2.247  -6.194  1.00 26.76  ? 2030 HOH A O   1 
HETATM 1091 O O   . HOH C 3 .   ? 20.183  1.090   -13.761 1.00 16.59  ? 2031 HOH A O   1 
HETATM 1092 O O   . HOH C 3 .   ? 25.459  6.292   -7.866  1.00 29.33  ? 2032 HOH A O   1 
HETATM 1093 O O   . HOH C 3 .   ? -3.353  -8.784  14.173  1.00 20.84  ? 2033 HOH A O   1 
HETATM 1094 O O   . HOH C 3 .   ? 9.380   -3.226  4.212   1.00 17.48  ? 2034 HOH A O   1 
HETATM 1095 O O   . HOH C 3 .   ? 20.985  2.563   -16.003 1.00 15.80  ? 2035 HOH A O   1 
HETATM 1096 O O   . HOH C 3 .   ? 14.100  -7.756  1.424   1.00 34.65  ? 2036 HOH A O   1 
HETATM 1097 O O   . HOH C 3 .   ? 18.265  -5.462  -3.472  1.00 28.84  ? 2037 HOH A O   1 
HETATM 1098 O O   . HOH C 3 .   ? -6.263  3.710   -13.703 1.00 24.55  ? 2038 HOH A O   1 
HETATM 1099 O O   . HOH C 3 .   ? -9.972  7.351   -4.677  1.00 33.71  ? 2039 HOH A O   1 
HETATM 1100 O O   . HOH C 3 .   ? -11.292 5.127   2.210   0.59 12.55  ? 2040 HOH A O   1 
HETATM 1101 O O   . HOH C 3 .   ? -3.350  7.534   -17.546 1.00 27.70  ? 2041 HOH A O   1 
HETATM 1102 O O   . HOH C 3 .   ? -4.108  -13.907 7.741   1.00 23.80  ? 2042 HOH A O   1 
HETATM 1103 O O   . HOH C 3 .   ? 3.860   -13.590 5.074   1.00 15.56  ? 2043 HOH A O   1 
HETATM 1104 O O   . HOH C 3 .   ? -10.972 -1.072  13.678  0.59 34.44  ? 2044 HOH A O   1 
HETATM 1105 O O   . HOH C 3 .   ? -12.240 -16.436 0.514   1.00 23.61  ? 2045 HOH A O   1 
HETATM 1106 O O   . HOH C 3 .   ? 0.010   9.451   0.840   1.00 30.76  ? 2046 HOH A O   1 
HETATM 1107 O O   . HOH C 3 .   ? 2.963   -2.406  -16.219 1.00 28.59  ? 2047 HOH A O   1 
HETATM 1108 O O   . HOH C 3 .   ? 8.087   -14.230 2.425   1.00 24.88  ? 2048 HOH A O   1 
HETATM 1109 O O   . HOH C 3 .   ? 11.044  -8.459  -0.048  1.00 19.74  ? 2049 HOH A O   1 
HETATM 1110 O O   . HOH C 3 .   ? -13.146 16.223  14.314  1.00 42.58  ? 2050 HOH A O   1 
HETATM 1111 O O   . HOH C 3 .   ? 13.382  -6.828  -15.503 1.00 30.90  ? 2051 HOH A O   1 
HETATM 1112 O O   . HOH C 3 .   ? -8.580  -3.734  27.628  1.00 42.00  ? 2052 HOH A O   1 
HETATM 1113 O O   . HOH C 3 .   ? -15.959 7.119   -0.467  0.59 30.00  ? 2053 HOH A O   1 
HETATM 1114 O O   . HOH C 3 .   ? -9.552  2.079   22.906  0.59 23.59  ? 2054 HOH A O   1 
HETATM 1115 O O   . HOH C 3 .   ? 13.639  -3.270  4.756   1.00 40.92  ? 2055 HOH A O   1 
HETATM 1116 O O   . HOH C 3 .   ? 15.803  -5.709  0.739   1.00 21.04  ? 2056 HOH A O   1 
HETATM 1117 O O   . HOH C 3 .   ? 1.846   7.256   4.535   1.00 16.83  ? 2057 HOH A O   1 
HETATM 1118 O O   . HOH C 3 .   ? 7.549   -3.188  -14.613 1.00 14.01  ? 2058 HOH A O   1 
HETATM 1119 O O   . HOH C 3 .   ? -7.869  5.300   17.403  0.59 33.88  ? 2059 HOH A O   1 
HETATM 1120 O O   . HOH C 3 .   ? -2.727  -5.656  -9.501  1.00 33.17  ? 2060 HOH A O   1 
HETATM 1121 O O   . HOH C 3 .   ? 1.646   -1.270  10.473  1.00 27.51  ? 2061 HOH A O   1 
HETATM 1122 O O   . HOH C 3 .   ? 13.871  -2.085  1.541   1.00 22.47  ? 2062 HOH A O   1 
HETATM 1123 O O   . HOH C 3 .   ? -15.857 0.715   1.494   0.59 34.94  ? 2063 HOH A O   1 
HETATM 1124 O O   . HOH C 3 .   ? 18.472  5.392   -5.383  1.00 19.31  ? 2064 HOH A O   1 
HETATM 1125 O O   . HOH C 3 .   ? 24.590  1.094   -5.091  1.00 18.81  ? 2065 HOH A O   1 
HETATM 1126 O O   . HOH C 3 .   ? -5.997  -11.141 -6.958  1.00 25.35  ? 2066 HOH A O   1 
HETATM 1127 O O   . HOH C 3 .   ? -11.549 15.362  6.306   1.00 34.97  ? 2067 HOH A O   1 
HETATM 1128 O O   . HOH C 3 .   ? -5.562  10.572  6.721   1.00 18.15  ? 2068 HOH A O   1 
HETATM 1129 O O   . HOH C 3 .   ? 3.911   -4.105  9.658   1.00 20.19  ? 2069 HOH A O   1 
HETATM 1130 O O   . HOH C 3 .   ? 9.187   -6.513  -13.112 1.00 23.76  ? 2070 HOH A O   1 
HETATM 1131 O O   . HOH C 3 .   ? 14.846  -5.404  4.760   1.00 36.07  ? 2071 HOH A O   1 
HETATM 1132 O O   . HOH C 3 .   ? 7.663   5.641   1.013   1.00 21.93  ? 2072 HOH A O   1 
HETATM 1133 O O   . HOH C 3 .   ? -2.503  -10.849 6.049   1.00 21.32  ? 2073 HOH A O   1 
HETATM 1134 O O   . HOH C 3 .   ? -2.870  -0.425  11.037  1.00 16.72  ? 2074 HOH A O   1 
HETATM 1135 O O   . HOH C 3 .   ? 10.720  -8.376  -11.855 1.00 42.48  ? 2075 HOH A O   1 
HETATM 1136 O O   . HOH C 3 .   ? -17.843 14.244  8.721   1.00 33.31  ? 2076 HOH A O   1 
HETATM 1137 O O   . HOH C 3 .   ? 12.220  -2.893  -8.076  1.00 12.47  ? 2077 HOH A O   1 
HETATM 1138 O O   . HOH C 3 .   ? -3.838  3.453   -17.982 1.00 44.23  ? 2078 HOH A O   1 
HETATM 1139 O O   . HOH C 3 .   ? -20.031 -3.869  10.108  0.59 43.02  ? 2079 HOH A O   1 
HETATM 1140 O O   . HOH C 3 .   ? 5.866   -8.880  -6.405  1.00 23.56  ? 2080 HOH A O   1 
HETATM 1141 O O   . HOH C 3 .   ? 1.257   2.995   8.452   1.00 14.59  ? 2081 HOH A O   1 
HETATM 1142 O O   . HOH C 3 .   ? 0.557   9.733   -7.052  1.00 24.40  ? 2082 HOH A O   1 
HETATM 1143 O O   . HOH C 3 .   ? 23.927  0.301   -7.620  1.00 16.03  ? 2083 HOH A O   1 
HETATM 1144 O O   . HOH C 3 .   ? -12.493 -10.991 5.046   1.00 22.39  ? 2084 HOH A O   1 
HETATM 1145 O O   . HOH C 3 .   ? -18.337 -2.155  6.119   0.59 24.75  ? 2085 HOH A O   1 
HETATM 1146 O O   . HOH C 3 .   ? 11.328  -9.199  3.854   1.00 26.36  ? 2086 HOH A O   1 
HETATM 1147 O O   . HOH C 3 .   ? 1.116   -7.794  -13.835 1.00 34.82  ? 2087 HOH A O   1 
HETATM 1148 O O   . HOH C 3 .   ? 14.735  -10.621 -0.176  1.00 35.61  ? 2088 HOH A O   1 
HETATM 1149 O O   . HOH C 3 .   ? 2.323   4.386   -12.016 1.00 12.46  ? 2089 HOH A O   1 
HETATM 1150 O O   . HOH C 3 .   ? -3.449  7.590   -5.075  0.59 23.90  ? 2090 HOH A O   1 
HETATM 1151 O O   . HOH C 3 .   ? 0.234   -11.716 7.381   1.00 18.36  ? 2091 HOH A O   1 
HETATM 1152 O O   . HOH C 3 .   ? 3.792   0.990   -18.014 1.00 19.44  ? 2092 HOH A O   1 
HETATM 1153 O O   . HOH C 3 .   ? 12.193  5.963   0.904   1.00 29.59  ? 2093 HOH A O   1 
HETATM 1154 O O   . HOH C 3 .   ? -13.214 14.419  15.472  1.00 39.42  ? 2094 HOH A O   1 
HETATM 1155 O O   . HOH C 3 .   ? -4.559  10.375  -14.594 1.00 31.70  ? 2095 HOH A O   1 
HETATM 1156 O O   . HOH C 3 .   ? 2.179   8.809   -2.506  1.00 20.86  ? 2096 HOH A O   1 
HETATM 1157 O O   . HOH C 3 .   ? 26.227  6.593   -14.983 1.00 31.00  ? 2097 HOH A O   1 
HETATM 1158 O O   . HOH C 3 .   ? 14.116  -5.916  -9.631  1.00 19.79  ? 2098 HOH A O   1 
HETATM 1159 O O   . HOH C 3 .   ? -11.000 3.794   -6.244  1.00 32.59  ? 2099 HOH A O   1 
HETATM 1160 O O   . HOH C 3 .   ? 6.891   -7.758  8.056   1.00 23.34  ? 2100 HOH A O   1 
HETATM 1161 O O   . HOH C 3 .   ? -2.502  9.591   -16.310 1.00 29.23  ? 2101 HOH A O   1 
HETATM 1162 O O   . HOH C 3 .   ? -8.937  5.161   4.319   0.59 12.28  ? 2102 HOH A O   1 
HETATM 1163 O O   . HOH C 3 .   ? -2.272  -1.538  -11.198 1.00 24.72  ? 2103 HOH A O   1 
HETATM 1164 O O   . HOH C 3 .   ? -10.182 5.718   -0.186  0.59 16.41  ? 2104 HOH A O   1 
HETATM 1165 O O   . HOH C 3 .   ? 10.431  3.130   3.436   1.00 33.86  ? 2105 HOH A O   1 
HETATM 1166 O O   . HOH C 3 .   ? 0.418   -0.280  14.486  1.00 27.27  ? 2106 HOH A O   1 
HETATM 1167 O O   . HOH C 3 .   ? -9.788  -14.907 -0.838  1.00 29.70  ? 2107 HOH A O   1 
HETATM 1168 O O   . HOH C 3 .   ? 11.328  -7.490  4.719   1.00 30.83  ? 2108 HOH A O   1 
HETATM 1169 O O   . HOH C 3 .   ? -11.265 -12.737 -0.115  1.00 40.93  ? 2109 HOH A O   1 
HETATM 1170 O O   . HOH C 3 .   ? 9.075   11.069  -7.072  1.00 28.40  ? 2110 HOH A O   1 
HETATM 1171 O O   . HOH C 3 .   ? -10.304 -9.863  -4.107  0.59 24.35  ? 2111 HOH A O   1 
HETATM 1172 O O   . HOH C 3 .   ? -22.504 9.668   5.921   0.59 27.35  ? 2112 HOH A O   1 
HETATM 1173 O O   . HOH C 3 .   ? 2.110   -5.301  11.494  1.00 23.35  ? 2113 HOH A O   1 
HETATM 1174 O O   . HOH C 3 .   ? 23.472  2.461   -17.108 1.00 20.70  ? 2114 HOH A O   1 
HETATM 1175 O O   . HOH C 3 .   ? 0.755   6.995   7.024   1.00 17.50  ? 2115 HOH A O   1 
HETATM 1176 O O   . HOH C 3 .   ? 19.783  5.550   -2.963  1.00 19.43  ? 2116 HOH A O   1 
HETATM 1177 O O   . HOH C 3 .   ? -2.477  6.091   12.770  1.00 21.69  ? 2117 HOH A O   1 
HETATM 1178 O O   . HOH C 3 .   ? 10.645  -3.396  -16.240 1.00 18.76  ? 2118 HOH A O   1 
HETATM 1179 O O   . HOH C 3 .   ? 11.808  8.671   -12.927 0.50 29.80  ? 2119 HOH A O   1 
HETATM 1180 O O   . HOH C 3 .   ? -13.626 -2.638  1.016   0.59 18.39  ? 2120 HOH A O   1 
HETATM 1181 O O   . HOH C 3 .   ? 12.692  -1.222  -10.317 1.00 12.97  ? 2121 HOH A O   1 
HETATM 1182 O O   . HOH C 3 .   ? 9.466   3.482   -13.894 1.00 20.36  ? 2122 HOH A O   1 
HETATM 1183 O O   . HOH C 3 .   ? 12.151  -6.754  -6.175  1.00 27.02  ? 2123 HOH A O   1 
HETATM 1184 O O   . HOH C 3 .   ? 7.892   1.292   -14.651 1.00 15.63  ? 2124 HOH A O   1 
HETATM 1185 O O   . HOH C 3 .   ? 11.644  5.379   -15.487 1.00 22.42  ? 2125 HOH A O   1 
HETATM 1186 O O   . HOH C 3 .   ? 5.251   12.306  4.067   1.00 29.64  ? 2126 HOH A O   1 
HETATM 1187 O O   . HOH C 3 .   ? 0.397   0.281   18.621  1.00 37.28  ? 2127 HOH A O   1 
HETATM 1188 O O   . HOH C 3 .   ? -9.441  -7.621  -8.164  1.00 34.01  ? 2128 HOH A O   1 
HETATM 1189 O O   . HOH C 3 .   ? 10.995  0.872   4.116   1.00 25.34  ? 2129 HOH A O   1 
HETATM 1190 O O   . HOH C 3 .   ? -2.379  10.289  -1.216  1.00 36.34  ? 2130 HOH A O   1 
HETATM 1191 O O   . HOH C 3 .   ? -9.205  -3.071  -8.091  1.00 37.21  ? 2131 HOH A O   1 
HETATM 1192 O O   . HOH C 3 .   ? -8.572  -0.694  -9.094  1.00 31.58  ? 2132 HOH A O   1 
HETATM 1193 O O   . HOH C 3 .   ? -17.288 13.265  15.123  1.00 27.87  ? 2133 HOH A O   1 
HETATM 1194 O O   . HOH C 3 .   ? -3.688  -11.596 14.383  1.00 18.85  ? 2134 HOH A O   1 
HETATM 1195 O O   . HOH C 3 .   ? -5.224  8.311   -11.546 1.00 43.23  ? 2135 HOH A O   1 
HETATM 1196 O O   . HOH C 3 .   ? -5.629  -13.025 4.588   0.59 20.66  ? 2136 HOH A O   1 
HETATM 1197 O O   . HOH C 3 .   ? -5.949  11.730  9.099   1.00 27.21  ? 2137 HOH A O   1 
HETATM 1198 O O   . HOH C 3 .   ? 0.235   -12.146 -8.106  1.00 27.59  ? 2138 HOH A O   1 
HETATM 1199 O O   . HOH C 3 .   ? 6.308   5.731   3.443   1.00 17.93  ? 2139 HOH A O   1 
HETATM 1200 O O   . HOH C 3 .   ? -14.666 -0.306  5.195   0.59 27.20  ? 2140 HOH A O   1 
HETATM 1201 O O   . HOH C 3 .   ? -16.798 0.843   4.138   0.59 26.55  ? 2141 HOH A O   1 
HETATM 1202 O O   . HOH C 3 .   ? 19.650  7.444   -6.885  1.00 30.48  ? 2142 HOH A O   1 
HETATM 1203 O O   . HOH C 3 .   ? -13.649 -4.075  13.649  0.59 15.55  ? 2143 HOH A O   1 
HETATM 1204 O O   . HOH C 3 .   ? -1.987  -14.148 -1.112  1.00 30.35  ? 2144 HOH A O   1 
HETATM 1205 O O   . HOH C 3 .   ? -6.499  -15.442 2.877   1.00 37.95  ? 2145 HOH A O   1 
HETATM 1206 O O   . HOH C 3 .   ? 19.887  -4.203  -3.665  1.00 43.63  ? 2146 HOH A O   1 
HETATM 1207 O O   . HOH C 3 .   ? -17.529 -4.194  1.794   0.59 24.28  ? 2147 HOH A O   1 
HETATM 1208 O O   . HOH C 3 .   ? -13.867 -5.001  -3.479  0.59 28.55  ? 2148 HOH A O   1 
HETATM 1209 O O   . HOH C 3 .   ? -15.511 1.516   14.585  0.59 41.70  ? 2149 HOH A O   1 
HETATM 1210 O O   . HOH C 3 .   ? -4.416  -5.583  23.254  1.00 49.73  ? 2150 HOH A O   1 
HETATM 1211 O O   . HOH C 3 .   ? 12.819  -11.869 -1.840  1.00 35.13  ? 2151 HOH A O   1 
HETATM 1212 O O   . HOH C 3 .   ? 7.367   8.897   -1.490  1.00 30.94  ? 2152 HOH A O   1 
HETATM 1213 O O   . HOH C 3 .   ? 19.667  -7.242  -6.934  1.00 40.64  ? 2153 HOH A O   1 
HETATM 1214 O O   . HOH C 3 .   ? 9.358   -6.783  6.851   1.00 35.08  ? 2154 HOH A O   1 
HETATM 1215 O O   . HOH C 3 .   ? 26.160  1.763   -8.807  1.00 17.87  ? 2155 HOH A O   1 
HETATM 1216 O O   . HOH C 3 .   ? 11.662  -1.726  3.382   1.00 19.36  ? 2156 HOH A O   1 
HETATM 1217 O O   . HOH C 3 .   ? -3.843  -5.885  18.250  0.59 25.09  ? 2157 HOH A O   1 
HETATM 1218 O O   . HOH C 3 .   ? 0.159   2.712   10.948  1.00 18.14  ? 2158 HOH A O   1 
HETATM 1219 O O   . HOH C 3 .   ? 2.412   5.254   7.855   1.00 138.07 ? 2159 HOH A O   1 
HETATM 1220 O O   . HOH C 3 .   ? -13.935 8.270   0.548   0.59 25.76  ? 2160 HOH A O   1 
HETATM 1221 O O   . HOH C 3 .   ? 2.305   -12.821 -18.066 1.00 23.82  ? 2161 HOH A O   1 
HETATM 1222 O O   . HOH C 3 .   ? 1.283   -9.588  12.157  1.00 24.41  ? 2162 HOH A O   1 
HETATM 1223 O O   . HOH C 3 .   ? 27.065  3.859   -7.338  1.00 35.00  ? 2163 HOH A O   1 
HETATM 1224 O O   . HOH C 3 .   ? 17.830  -7.102  -1.176  1.00 26.72  ? 2164 HOH A O   1 
HETATM 1225 O O   . HOH C 3 .   ? -12.263 -12.731 6.939   1.00 36.67  ? 2165 HOH A O   1 
HETATM 1226 O O   . HOH C 3 .   ? 2.969   0.854   8.302   1.00 21.41  ? 2166 HOH A O   1 
HETATM 1227 O O   . HOH C 3 .   ? -16.860 3.701   -3.223  0.59 36.69  ? 2167 HOH A O   1 
HETATM 1228 O O   . HOH C 3 .   ? -4.096  -12.906 -10.949 1.00 33.06  ? 2168 HOH A O   1 
HETATM 1229 O O   . HOH C 3 .   ? 0.656   9.253   8.626   1.00 30.02  ? 2169 HOH A O   1 
HETATM 1230 O O   . HOH C 3 .   ? 15.835  7.296   -2.194  1.00 37.47  ? 2170 HOH A O   1 
HETATM 1231 O O   . HOH C 3 .   ? -6.551  -14.798 6.123   1.00 36.81  ? 2171 HOH A O   1 
HETATM 1232 O O   . HOH C 3 .   ? -3.249  6.572   15.397  1.00 26.65  ? 2172 HOH A O   1 
HETATM 1233 O O   . HOH C 3 .   ? 11.318  5.045   4.760   1.00 47.59  ? 2173 HOH A O   1 
HETATM 1234 O O   . HOH C 3 .   ? 2.451   11.833  5.205   1.00 33.67  ? 2174 HOH A O   1 
HETATM 1235 O O   . HOH C 3 .   ? -14.274 -10.908 -3.709  1.00 27.60  ? 2175 HOH A O   1 
HETATM 1236 O O   . HOH C 3 .   ? -1.703  -13.207 -12.110 1.00 42.27  ? 2176 HOH A O   1 
HETATM 1237 O O   . HOH C 3 .   ? -0.407  -8.638  14.078  1.00 35.61  ? 2177 HOH A O   1 
HETATM 1238 O O   . HOH C 3 .   ? -2.953  11.742  6.264   1.00 33.08  ? 2178 HOH A O   1 
HETATM 1239 O O   . HOH C 3 .   ? 6.041   -9.695  -3.709  1.00 28.63  ? 2179 HOH A O   1 
HETATM 1240 O O   . HOH C 3 .   ? -11.456 7.826   -1.341  1.00 37.76  ? 2180 HOH A O   1 
HETATM 1241 O O   . HOH C 3 .   ? 8.853   -5.498  -15.573 1.00 24.27  ? 2181 HOH A O   1 
HETATM 1242 O O   . HOH C 3 .   ? 9.826   4.066   0.950   1.00 27.86  ? 2182 HOH A O   1 
HETATM 1243 O O   . HOH C 3 .   ? 2.539   -13.151 -7.377  1.00 41.76  ? 2183 HOH A O   1 
HETATM 1244 O O   . HOH C 3 .   ? -14.910 -4.117  -1.071  0.59 25.67  ? 2184 HOH A O   1 
HETATM 1245 O O   . HOH C 3 .   ? 9.440   9.419   -2.635  1.00 51.10  ? 2185 HOH A O   1 
HETATM 1246 O O   . HOH C 3 .   ? 5.649   -2.258  -16.428 1.00 20.21  ? 2186 HOH A O   1 
HETATM 1247 O O   . HOH C 3 .   ? 0.959   9.814   3.810   1.00 23.21  ? 2187 HOH A O   1 
HETATM 1248 O O   . HOH C 3 .   ? 2.014   -2.195  15.346  1.00 43.53  ? 2188 HOH A O   1 
HETATM 1249 O O   . HOH C 3 .   ? 22.625  7.965   -6.769  1.00 45.26  ? 2189 HOH A O   1 
HETATM 1250 O O   . HOH C 3 .   ? -0.251  0.039   11.791  1.00 16.96  ? 2190 HOH A O   1 
HETATM 1251 O O   . HOH C 3 .   ? 9.084   -8.739  7.981   1.00 27.92  ? 2191 HOH A O   1 
HETATM 1252 O O   . HOH C 3 .   ? -3.636  -8.003  16.652  1.00 27.95  ? 2192 HOH A O   1 
HETATM 1253 O O   . HOH C 3 .   ? 4.604   7.068   5.208   1.00 36.88  ? 2193 HOH A O   1 
HETATM 1254 O O   . HOH C 3 .   ? 7.069   0.509   -17.522 0.50 13.64  ? 2194 HOH A O   1 
HETATM 1255 O O   . HOH C 3 .   ? 6.380   -5.176  9.555   1.00 31.23  ? 2195 HOH A O   1 
HETATM 1256 O O   . HOH C 3 .   ? 21.723  7.338   -2.705  1.00 30.09  ? 2196 HOH A O   1 
HETATM 1257 O O   . HOH C 3 .   ? 15.773  6.293   -4.913  1.00 24.37  ? 2197 HOH A O   1 
HETATM 1258 O O   . HOH C 3 .   ? 2.441   -4.778  14.100  1.00 36.60  ? 2198 HOH A O   1 
# 
